data_5ZSD
#
_entry.id   5ZSD
#
_cell.length_a   98.978
_cell.length_b   139.275
_cell.length_c   150.056
_cell.angle_alpha   90.00
_cell.angle_beta   90.00
_cell.angle_gamma   90.00
#
_symmetry.space_group_name_H-M   'P 21 21 21'
#
loop_
_entity.id
_entity.type
_entity.pdbx_description
1 polymer 'Toll-like receptor 7'
2 polymer "RNA (5'-R(P*UP*UP*GP*A)-3')"
3 branched 2-acetamido-2-deoxy-beta-D-glucopyranose-(1-4)-2-acetamido-2-deoxy-beta-D-glucopyranose
4 non-polymer 2-acetamido-2-deoxy-beta-D-glucopyranose
5 non-polymer 1-[[4-(aminomethyl)phenyl]methyl]-2-butyl-imidazo[4,5-c]quinolin-4-amine
6 non-polymer 'SULFATE ION'
7 water water
#
loop_
_entity_poly.entity_id
_entity_poly.type
_entity_poly.pdbx_seq_one_letter_code
_entity_poly.pdbx_strand_id
1 'polypeptide(L)'
;RSPWARWFPKTLPCDVTLDVSKNHVIVDCTDKHLTEIPGGIPTNTTNLTLTINHIPDISPASFHRLVHLVEIDFRCNCVP
IRLGSKSNMCPRRLQIKPRSFSGLTYLKSLYLDGNQLLEIPQGLPPSLQLLSLEANNIFSIRKEQLTELANIEILYLGQN
CYYRNPCYVSYSIEKDAFLNLTKLKVLSLKDNNVTTVPTVLPSTLTELYLYNNMIAEIQEDDFNNLNQLQILDLSGNCPR
CYNAPFPCTPCKNNSPLQIPVNAFDALTELKVLRLHSNSLQHVPPRWFKNINNLQELDLSQNFLAKEIGDAKFLHFLPNL
IQLDLSFNFELQVYRASMNLSQAFSSLKSLKILRIRGYVFKELKSFQLSPLHNLQNLEVLDLGTNFIKIANLSMFKQFKR
LKVIDLSVNKISPSGDSLVPRGSSNARTSVESYEPQVLEQLYYFRYDKYARSCRFKNKEASFTSVQESCYKYGQTLDLSK
NSIFFIKSSDFQHLSFLKCLNLSGNLISQTLNGSEFQPLAELRYLDFSNNRLDLLHSTAFEELRKLEVLDISSNSHYFQS
EGITHMLNFTKNLKVLQKLMMNDNDISSSTSRTMESESLRTLEFRGNHLDVLWRDGDNRYLQLFKNLLKLEELDISKNSL
SFLPSGVFDGMPPNLKNLSLAKNGLKSFIWEKLRYLKNLETLDLSHNQLTTVPERLSNCSRSLKNLILKNNQIRSLTKYF
LQDAFQLRYLDLSSNKIQMIQKTSFPENVLNNLKMLLLHHNRFLCTCDAVWFVWWVQHTEVTIPYLATDVTCVGPGAHKG
QSVISLDLYTCELDLTNEFLVPR
;
B,A
2 'polyribonucleotide' GGUUGA C,D
#
loop_
_chem_comp.id
_chem_comp.type
_chem_comp.name
_chem_comp.formula
A RNA linking ADENOSINE-5'-MONOPHOSPHATE 'C10 H14 N5 O7 P'
G RNA linking GUANOSINE-5'-MONOPHOSPHATE 'C10 H14 N5 O8 P'
IDQ non-polymer 1-[[4-(aminomethyl)phenyl]methyl]-2-butyl-imidazo[4,5-c]quinolin-4-amine 'C22 H25 N5'
NAG D-saccharide, beta linking 2-acetamido-2-deoxy-beta-D-glucopyranose 'C8 H15 N O6'
SO4 non-polymer 'SULFATE ION' 'O4 S -2'
U RNA linking URIDINE-5'-MONOPHOSPHATE 'C9 H13 N2 O9 P'
#
# COMPACT_ATOMS: atom_id res chain seq x y z
N ALA A 5 29.62 -21.06 -28.75
CA ALA A 5 30.25 -19.77 -28.98
C ALA A 5 31.31 -19.46 -27.88
N ARG A 6 31.31 -20.24 -26.81
CA ARG A 6 32.43 -20.26 -25.88
C ARG A 6 32.95 -21.69 -25.80
N TRP A 7 34.26 -21.83 -25.76
CA TRP A 7 34.84 -23.15 -25.58
C TRP A 7 34.96 -23.55 -24.12
N PHE A 8 34.95 -22.58 -23.21
CA PHE A 8 35.13 -22.85 -21.78
C PHE A 8 34.13 -22.08 -20.95
N PRO A 9 33.03 -22.71 -20.54
CA PRO A 9 32.02 -21.99 -19.73
C PRO A 9 32.66 -21.39 -18.50
N LYS A 10 32.21 -20.19 -18.12
CA LYS A 10 32.68 -19.59 -16.88
C LYS A 10 31.80 -20.10 -15.76
N THR A 11 32.43 -20.66 -14.75
CA THR A 11 31.73 -21.33 -13.69
C THR A 11 31.97 -20.70 -12.32
N LEU A 12 32.96 -19.82 -12.22
CA LEU A 12 33.26 -19.07 -11.01
C LEU A 12 32.07 -18.21 -10.61
N PRO A 13 31.68 -18.20 -9.31
CA PRO A 13 30.47 -17.48 -8.93
C PRO A 13 30.65 -15.97 -8.79
N CYS A 14 31.54 -15.36 -9.57
CA CYS A 14 31.84 -13.94 -9.45
C CYS A 14 31.80 -13.27 -10.80
N ASP A 15 31.32 -12.04 -10.85
CA ASP A 15 31.39 -11.30 -12.10
C ASP A 15 32.83 -10.94 -12.38
N VAL A 16 33.29 -11.20 -13.60
CA VAL A 16 34.63 -10.87 -14.03
C VAL A 16 34.55 -9.84 -15.14
N THR A 17 35.40 -8.81 -15.04
CA THR A 17 35.41 -7.70 -15.97
C THR A 17 36.86 -7.40 -16.30
N LEU A 18 37.11 -7.02 -17.55
CA LEU A 18 38.44 -6.64 -17.99
C LEU A 18 38.39 -5.19 -18.41
N ASP A 19 39.22 -4.36 -17.79
CA ASP A 19 39.37 -2.98 -18.20
C ASP A 19 40.78 -2.84 -18.77
N VAL A 20 40.89 -3.04 -20.08
CA VAL A 20 42.20 -3.24 -20.70
C VAL A 20 43.05 -1.96 -20.60
N SER A 21 42.43 -0.79 -20.58
CA SER A 21 43.19 0.46 -20.45
C SER A 21 44.01 0.48 -19.18
N LYS A 22 43.37 0.23 -18.04
CA LYS A 22 44.00 0.28 -16.73
C LYS A 22 44.64 -1.05 -16.31
N ASN A 23 44.82 -1.99 -17.24
CA ASN A 23 45.24 -3.36 -16.93
C ASN A 23 44.59 -3.87 -15.63
N HIS A 24 43.27 -3.76 -15.57
CA HIS A 24 42.50 -4.23 -14.42
C HIS A 24 41.71 -5.49 -14.78
N VAL A 25 41.86 -6.52 -13.96
CA VAL A 25 41.02 -7.71 -14.04
C VAL A 25 40.18 -7.71 -12.76
N ILE A 26 38.90 -7.34 -12.88
CA ILE A 26 38.04 -7.07 -11.74
C ILE A 26 37.15 -8.28 -11.48
N VAL A 27 37.26 -8.82 -10.28
CA VAL A 27 36.52 -10.00 -9.85
C VAL A 27 35.66 -9.59 -8.67
N ASP A 28 34.33 -9.56 -8.86
CA ASP A 28 33.39 -9.11 -7.83
C ASP A 28 32.56 -10.30 -7.36
N CYS A 29 32.87 -10.79 -6.14
CA CYS A 29 32.11 -11.85 -5.49
C CYS A 29 31.27 -11.31 -4.34
N THR A 30 30.76 -10.08 -4.50
CA THR A 30 29.92 -9.51 -3.47
C THR A 30 28.68 -10.36 -3.27
N ASP A 31 28.41 -10.76 -2.03
CA ASP A 31 27.13 -11.37 -1.67
C ASP A 31 26.84 -12.62 -2.50
N LYS A 32 27.69 -13.62 -2.34
CA LYS A 32 27.52 -14.90 -3.03
C LYS A 32 27.46 -16.07 -2.06
N HIS A 33 27.08 -15.80 -0.80
CA HIS A 33 26.89 -16.84 0.21
C HIS A 33 28.08 -17.79 0.26
N LEU A 34 29.27 -17.23 0.10
CA LEU A 34 30.50 -18.01 0.03
C LEU A 34 31.00 -18.29 1.43
N THR A 35 31.39 -19.53 1.67
CA THR A 35 32.06 -19.93 2.89
C THR A 35 33.56 -20.14 2.68
N GLU A 36 34.03 -20.08 1.44
CA GLU A 36 35.45 -20.15 1.12
C GLU A 36 35.69 -19.27 -0.09
N ILE A 37 36.94 -18.85 -0.26
CA ILE A 37 37.28 -18.08 -1.45
C ILE A 37 37.12 -19.04 -2.62
N PRO A 38 36.32 -18.71 -3.63
CA PRO A 38 36.12 -19.68 -4.72
C PRO A 38 37.43 -19.99 -5.41
N GLY A 39 37.57 -21.24 -5.84
CA GLY A 39 38.69 -21.61 -6.66
C GLY A 39 38.54 -21.12 -8.09
N GLY A 40 39.67 -20.95 -8.76
CA GLY A 40 39.64 -20.59 -10.14
C GLY A 40 39.65 -19.11 -10.43
N ILE A 41 39.86 -18.28 -9.41
CA ILE A 41 39.94 -16.83 -9.64
C ILE A 41 41.10 -16.55 -10.61
N PRO A 42 40.90 -15.73 -11.64
CA PRO A 42 41.96 -15.49 -12.63
C PRO A 42 43.27 -15.07 -11.98
N THR A 43 44.38 -15.58 -12.52
CA THR A 43 45.69 -15.26 -11.93
C THR A 43 46.09 -13.82 -12.17
N ASN A 44 45.58 -13.20 -13.24
CA ASN A 44 45.83 -11.78 -13.46
C ASN A 44 44.89 -10.84 -12.66
N THR A 45 44.20 -11.32 -11.62
CA THR A 45 43.24 -10.48 -10.90
C THR A 45 43.94 -9.29 -10.23
N THR A 46 43.44 -8.09 -10.50
CA THR A 46 43.92 -6.88 -9.83
C THR A 46 42.99 -6.46 -8.69
N ASN A 47 41.68 -6.37 -8.94
CA ASN A 47 40.69 -5.96 -7.95
C ASN A 47 39.81 -7.17 -7.60
N LEU A 48 39.86 -7.61 -6.32
CA LEU A 48 39.07 -8.75 -5.84
C LEU A 48 38.14 -8.31 -4.72
N THR A 49 36.83 -8.49 -4.90
CA THR A 49 35.85 -8.10 -3.89
C THR A 49 35.12 -9.31 -3.34
N LEU A 50 35.19 -9.48 -2.03
CA LEU A 50 34.53 -10.58 -1.34
C LEU A 50 33.66 -10.08 -0.20
N THR A 51 33.12 -8.85 -0.31
CA THR A 51 32.24 -8.33 0.74
C THR A 51 30.97 -9.15 0.86
N ILE A 52 30.48 -9.25 2.09
CA ILE A 52 29.22 -9.89 2.43
C ILE A 52 29.26 -11.34 1.99
N ASN A 53 30.08 -12.12 2.68
CA ASN A 53 30.15 -13.56 2.53
C ASN A 53 30.46 -14.06 3.92
N HIS A 54 30.71 -15.34 4.06
CA HIS A 54 30.99 -15.87 5.39
C HIS A 54 32.24 -16.72 5.36
N ILE A 55 33.29 -16.15 4.77
CA ILE A 55 34.58 -16.81 4.66
C ILE A 55 35.25 -16.66 6.01
N PRO A 56 35.40 -17.74 6.79
CA PRO A 56 35.76 -17.60 8.21
C PRO A 56 37.23 -17.30 8.48
N ASP A 57 38.09 -17.41 7.47
CA ASP A 57 39.51 -17.19 7.70
C ASP A 57 40.21 -16.82 6.40
N ILE A 58 41.36 -16.17 6.57
CA ILE A 58 42.30 -15.87 5.51
C ILE A 58 43.64 -16.53 5.88
N SER A 59 44.38 -16.94 4.86
CA SER A 59 45.62 -17.69 5.04
C SER A 59 46.49 -17.47 3.82
N PRO A 60 47.77 -17.87 3.86
CA PRO A 60 48.62 -17.77 2.65
C PRO A 60 48.01 -18.43 1.42
N ALA A 61 47.20 -19.48 1.61
CA ALA A 61 46.49 -20.08 0.49
C ALA A 61 45.47 -19.13 -0.13
N SER A 62 44.99 -18.14 0.63
CA SER A 62 43.87 -17.30 0.19
C SER A 62 44.17 -16.60 -1.13
N PHE A 63 45.31 -15.92 -1.21
CA PHE A 63 45.67 -15.14 -2.39
C PHE A 63 46.92 -15.69 -3.08
N HIS A 64 47.25 -16.97 -2.82
CA HIS A 64 48.44 -17.68 -3.26
C HIS A 64 48.94 -17.31 -4.65
N ARG A 65 48.09 -17.48 -5.66
CA ARG A 65 48.51 -17.25 -7.04
C ARG A 65 48.24 -15.83 -7.51
N LEU A 66 47.59 -15.03 -6.67
CA LEU A 66 47.04 -13.73 -7.07
C LEU A 66 48.03 -12.59 -6.86
N VAL A 67 49.23 -12.76 -7.40
CA VAL A 67 50.33 -11.87 -7.05
C VAL A 67 50.18 -10.46 -7.61
N HIS A 68 49.29 -10.23 -8.57
CA HIS A 68 49.14 -8.89 -9.11
C HIS A 68 47.96 -8.13 -8.49
N LEU A 69 47.56 -8.52 -7.28
CA LEU A 69 46.44 -7.87 -6.62
C LEU A 69 46.81 -6.46 -6.20
N VAL A 70 46.08 -5.46 -6.70
CA VAL A 70 46.26 -4.11 -6.19
C VAL A 70 45.25 -3.77 -5.08
N GLU A 71 44.04 -4.37 -5.15
CA GLU A 71 42.97 -4.07 -4.19
C GLU A 71 42.28 -5.34 -3.73
N ILE A 72 42.16 -5.51 -2.42
CA ILE A 72 41.36 -6.59 -1.82
C ILE A 72 40.24 -5.94 -1.00
N ASP A 73 39.00 -6.18 -1.38
CA ASP A 73 37.85 -5.71 -0.58
C ASP A 73 37.26 -6.92 0.12
N PHE A 74 37.62 -7.10 1.38
CA PHE A 74 37.21 -8.26 2.16
C PHE A 74 36.37 -7.79 3.36
N ARG A 75 35.36 -6.96 3.11
CA ARG A 75 34.54 -6.42 4.19
C ARG A 75 33.38 -7.34 4.55
N CYS A 76 32.97 -7.27 5.83
CA CYS A 76 31.70 -7.83 6.31
C CYS A 76 31.58 -9.33 6.04
N ASN A 77 32.61 -10.07 6.41
CA ASN A 77 32.50 -11.51 6.52
C ASN A 77 32.31 -11.95 7.97
N CYS A 78 32.36 -11.03 8.92
CA CYS A 78 31.95 -11.31 10.31
C CYS A 78 31.54 -9.98 10.94
N VAL A 79 30.40 -9.44 10.50
CA VAL A 79 29.94 -8.14 10.99
C VAL A 79 29.66 -8.21 12.49
N PRO A 80 29.97 -7.17 13.28
CA PRO A 80 29.59 -7.19 14.69
C PRO A 80 28.09 -7.39 14.87
N ILE A 81 27.75 -8.17 15.87
CA ILE A 81 26.41 -8.61 16.18
C ILE A 81 25.25 -7.62 15.97
N ARG A 82 25.31 -6.46 16.60
CA ARG A 82 24.22 -5.48 16.49
C ARG A 82 24.15 -4.85 15.12
N LEU A 83 25.26 -4.88 14.39
CA LEU A 83 25.34 -4.29 13.05
C LEU A 83 24.93 -5.28 11.98
N GLY A 84 25.02 -6.58 12.24
CA GLY A 84 24.79 -7.58 11.22
C GLY A 84 23.39 -8.18 11.23
N SER A 85 23.21 -9.13 10.32
CA SER A 85 21.97 -9.88 10.24
C SER A 85 21.70 -10.63 11.54
N LYS A 86 20.47 -10.54 12.03
CA LYS A 86 20.12 -11.35 13.18
C LYS A 86 19.67 -12.76 12.81
N SER A 87 19.38 -13.02 11.54
CA SER A 87 19.11 -14.37 11.09
C SER A 87 20.38 -15.16 10.73
N ASN A 88 21.50 -14.48 10.41
CA ASN A 88 22.76 -15.15 10.08
C ASN A 88 23.90 -14.46 10.83
N MET A 89 23.85 -14.59 12.15
CA MET A 89 24.87 -14.02 13.01
C MET A 89 26.21 -14.69 12.75
N CYS A 90 27.27 -13.88 12.77
CA CYS A 90 28.58 -14.47 12.59
C CYS A 90 29.04 -15.14 13.88
N PRO A 91 29.44 -16.40 13.83
CA PRO A 91 29.77 -17.13 15.07
C PRO A 91 31.14 -16.78 15.62
N ARG A 92 32.13 -16.56 14.76
CA ARG A 92 33.50 -16.36 15.23
C ARG A 92 34.19 -15.34 14.36
N ARG A 93 34.95 -14.47 15.01
CA ARG A 93 35.62 -13.37 14.31
C ARG A 93 36.53 -13.92 13.21
N LEU A 94 36.71 -13.12 12.16
CA LEU A 94 37.59 -13.51 11.06
C LEU A 94 39.00 -13.81 11.55
N GLN A 95 39.57 -14.93 11.10
CA GLN A 95 40.92 -15.35 11.48
C GLN A 95 41.88 -15.04 10.34
N ILE A 96 42.92 -14.27 10.62
CA ILE A 96 43.93 -13.95 9.61
C ILE A 96 45.23 -14.59 10.05
N LYS A 97 45.66 -15.63 9.35
CA LYS A 97 46.88 -16.33 9.68
C LYS A 97 48.08 -15.58 9.13
N PRO A 98 49.27 -15.83 9.67
CA PRO A 98 50.43 -14.99 9.31
C PRO A 98 50.76 -15.07 7.84
N ARG A 99 51.39 -14.00 7.36
CA ARG A 99 51.88 -13.90 6.00
C ARG A 99 50.74 -14.03 4.96
N SER A 100 49.50 -13.74 5.36
CA SER A 100 48.42 -13.80 4.36
C SER A 100 48.55 -12.70 3.32
N PHE A 101 49.18 -11.57 3.65
CA PHE A 101 49.27 -10.45 2.72
C PHE A 101 50.70 -10.07 2.35
N SER A 102 51.69 -10.54 3.09
CA SER A 102 53.06 -10.09 2.87
C SER A 102 53.54 -10.38 1.45
N GLY A 103 53.00 -11.42 0.80
CA GLY A 103 53.37 -11.69 -0.57
C GLY A 103 52.74 -10.79 -1.62
N LEU A 104 51.70 -10.01 -1.28
CA LEU A 104 50.98 -9.23 -2.29
C LEU A 104 51.74 -7.93 -2.53
N THR A 105 52.80 -8.06 -3.34
CA THR A 105 53.79 -7.00 -3.51
C THR A 105 53.21 -5.74 -4.14
N TYR A 106 52.09 -5.84 -4.85
CA TYR A 106 51.50 -4.68 -5.51
C TYR A 106 50.27 -4.15 -4.81
N LEU A 107 49.97 -4.63 -3.60
CA LEU A 107 48.71 -4.36 -2.93
C LEU A 107 48.66 -2.90 -2.46
N LYS A 108 47.78 -2.10 -3.07
CA LYS A 108 47.63 -0.70 -2.69
C LYS A 108 46.44 -0.43 -1.77
N SER A 109 45.39 -1.28 -1.76
CA SER A 109 44.19 -0.99 -0.99
C SER A 109 43.70 -2.26 -0.32
N LEU A 110 43.49 -2.19 1.00
CA LEU A 110 43.01 -3.31 1.78
C LEU A 110 41.86 -2.85 2.67
N TYR A 111 40.67 -3.42 2.47
CA TYR A 111 39.49 -3.17 3.29
C TYR A 111 39.22 -4.42 4.11
N LEU A 112 39.25 -4.30 5.44
CA LEU A 112 38.89 -5.41 6.30
C LEU A 112 37.80 -4.99 7.28
N ASP A 113 36.95 -4.06 6.88
CA ASP A 113 35.90 -3.56 7.76
C ASP A 113 34.86 -4.64 8.06
N GLY A 114 34.24 -4.54 9.22
CA GLY A 114 33.14 -5.44 9.54
C GLY A 114 33.53 -6.89 9.66
N ASN A 115 34.67 -7.19 10.32
CA ASN A 115 35.08 -8.57 10.48
C ASN A 115 35.34 -8.97 11.93
N GLN A 116 35.02 -8.09 12.89
CA GLN A 116 35.18 -8.33 14.32
C GLN A 116 36.63 -8.50 14.73
N LEU A 117 37.53 -7.85 13.98
CA LEU A 117 38.95 -7.90 14.29
C LEU A 117 39.24 -7.27 15.65
N LEU A 118 40.17 -7.89 16.39
CA LEU A 118 40.58 -7.39 17.70
C LEU A 118 41.83 -6.53 17.66
N GLU A 119 42.58 -6.54 16.56
CA GLU A 119 43.89 -5.90 16.48
C GLU A 119 44.17 -5.48 15.04
N ILE A 120 45.14 -4.58 14.90
CA ILE A 120 45.53 -4.13 13.57
C ILE A 120 46.32 -5.25 12.90
N PRO A 121 45.83 -5.83 11.80
CA PRO A 121 46.50 -6.99 11.21
C PRO A 121 47.90 -6.62 10.77
N GLN A 122 48.84 -7.54 11.04
CA GLN A 122 50.25 -7.32 10.79
C GLN A 122 50.68 -8.00 9.50
N GLY A 123 51.95 -7.84 9.14
CA GLY A 123 52.39 -8.42 7.90
C GLY A 123 51.87 -7.72 6.68
N LEU A 124 51.54 -6.42 6.80
CA LEU A 124 51.01 -5.92 5.56
C LEU A 124 52.15 -5.42 4.68
N PRO A 125 51.99 -5.54 3.35
CA PRO A 125 53.09 -5.17 2.47
C PRO A 125 53.29 -3.69 2.42
N PRO A 126 54.53 -3.21 2.22
CA PRO A 126 54.81 -1.77 2.25
C PRO A 126 54.24 -1.01 1.06
N SER A 127 53.60 -1.69 0.12
CA SER A 127 53.01 -0.98 -1.01
C SER A 127 51.68 -0.35 -0.64
N LEU A 128 51.19 -0.64 0.56
CA LEU A 128 49.81 -0.35 0.92
C LEU A 128 49.60 1.13 1.13
N GLN A 129 48.68 1.72 0.38
CA GLN A 129 48.30 3.12 0.53
C GLN A 129 47.04 3.31 1.37
N LEU A 130 46.07 2.40 1.29
CA LEU A 130 44.76 2.53 1.94
C LEU A 130 44.49 1.30 2.80
N LEU A 131 44.21 1.52 4.09
CA LEU A 131 43.80 0.43 4.97
C LEU A 131 42.51 0.84 5.66
N SER A 132 41.50 -0.04 5.62
CA SER A 132 40.17 0.26 6.14
C SER A 132 39.78 -0.79 7.17
N LEU A 133 39.52 -0.34 8.40
CA LEU A 133 39.23 -1.24 9.53
C LEU A 133 37.97 -0.81 10.28
N GLU A 134 37.03 -0.15 9.61
CA GLU A 134 35.81 0.27 10.29
C GLU A 134 35.03 -0.93 10.84
N ALA A 135 34.22 -0.67 11.87
CA ALA A 135 33.24 -1.64 12.37
C ALA A 135 33.89 -2.94 12.80
N ASN A 136 35.10 -2.86 13.34
CA ASN A 136 35.76 -3.97 13.99
C ASN A 136 35.73 -3.71 15.50
N ASN A 137 36.60 -4.38 16.24
CA ASN A 137 36.68 -4.17 17.68
C ASN A 137 38.12 -3.82 18.10
N ILE A 138 38.70 -2.85 17.40
CA ILE A 138 40.06 -2.38 17.65
C ILE A 138 39.92 -1.02 18.31
N PHE A 139 40.27 -0.93 19.60
CA PHE A 139 40.05 0.32 20.34
C PHE A 139 41.27 0.69 21.18
N SER A 140 42.45 0.29 20.74
CA SER A 140 43.69 0.71 21.40
C SER A 140 44.77 0.75 20.31
N ILE A 141 45.23 1.94 19.97
CA ILE A 141 46.21 2.13 18.91
C ILE A 141 47.58 2.34 19.52
N ARG A 142 48.54 1.49 19.15
CA ARG A 142 49.90 1.53 19.67
C ARG A 142 50.87 1.75 18.52
N LYS A 143 51.86 2.63 18.76
CA LYS A 143 52.82 3.01 17.73
C LYS A 143 53.49 1.78 17.11
N GLU A 144 53.70 0.73 17.91
CA GLU A 144 54.37 -0.46 17.40
C GLU A 144 53.58 -1.12 16.26
N GLN A 145 52.27 -1.28 16.45
CA GLN A 145 51.38 -1.86 15.46
C GLN A 145 51.23 -1.03 14.19
N LEU A 146 51.72 0.21 14.18
CA LEU A 146 51.59 1.09 13.02
C LEU A 146 52.87 1.20 12.20
N THR A 147 53.98 0.57 12.64
CA THR A 147 55.23 0.72 11.90
C THR A 147 55.10 0.16 10.49
N GLU A 148 54.45 -0.99 10.35
CA GLU A 148 54.23 -1.62 9.05
C GLU A 148 53.57 -0.69 8.04
N LEU A 149 52.88 0.36 8.48
CA LEU A 149 52.13 1.22 7.56
C LEU A 149 52.93 2.44 7.09
N ALA A 150 54.24 2.27 6.88
CA ALA A 150 55.12 3.40 6.55
C ALA A 150 54.59 4.24 5.38
N ASN A 151 54.14 3.61 4.32
CA ASN A 151 53.69 4.36 3.15
C ASN A 151 52.20 4.67 3.17
N ILE A 152 51.52 4.44 4.30
CA ILE A 152 50.06 4.57 4.28
C ILE A 152 49.65 6.02 4.07
N GLU A 153 48.63 6.22 3.25
CA GLU A 153 48.07 7.54 2.98
C GLU A 153 46.65 7.71 3.53
N ILE A 154 45.86 6.65 3.61
CA ILE A 154 44.45 6.71 3.96
C ILE A 154 44.13 5.61 4.97
N LEU A 155 43.64 6.01 6.16
CA LEU A 155 43.48 5.07 7.27
C LEU A 155 42.14 5.31 7.95
N TYR A 156 41.26 4.31 7.88
CA TYR A 156 39.89 4.35 8.41
C TYR A 156 39.87 3.44 9.63
N LEU A 157 39.64 4.01 10.81
CA LEU A 157 39.59 3.20 12.02
C LEU A 157 38.30 3.39 12.81
N GLY A 158 37.33 4.13 12.29
CA GLY A 158 36.16 4.50 13.06
C GLY A 158 35.10 3.41 13.20
N GLN A 159 34.04 3.73 13.94
CA GLN A 159 32.93 2.81 14.22
C GLN A 159 33.38 1.53 14.91
N ASN A 160 34.48 1.61 15.66
CA ASN A 160 34.96 0.48 16.43
C ASN A 160 34.55 0.54 17.90
N CYS A 161 33.95 1.64 18.35
CA CYS A 161 33.51 1.73 19.75
C CYS A 161 32.42 2.81 19.83
N TYR A 162 31.16 2.39 19.69
CA TYR A 162 30.02 3.29 19.78
C TYR A 162 28.78 2.45 20.06
N TYR A 163 27.62 3.11 20.21
CA TYR A 163 26.47 2.43 20.80
C TYR A 163 26.09 1.17 20.04
N ARG A 164 26.20 1.17 18.71
CA ARG A 164 25.88 -0.03 17.94
C ARG A 164 26.99 -1.07 17.97
N ASN A 165 28.19 -0.74 18.46
CA ASN A 165 29.33 -1.67 18.46
C ASN A 165 30.22 -1.32 19.64
N PRO A 166 29.74 -1.56 20.86
CA PRO A 166 30.43 -1.01 22.05
C PRO A 166 31.71 -1.75 22.40
N CYS A 167 32.70 -0.99 22.90
CA CYS A 167 33.88 -1.56 23.51
C CYS A 167 33.92 -1.38 25.02
N TYR A 168 33.06 -0.55 25.59
CA TYR A 168 32.90 -0.40 27.03
C TYR A 168 34.11 0.23 27.73
N VAL A 169 35.00 0.87 26.98
CA VAL A 169 36.11 1.62 27.56
C VAL A 169 36.33 2.85 26.69
N SER A 170 37.18 3.74 27.14
CA SER A 170 37.61 4.83 26.30
C SER A 170 38.60 4.33 25.26
N TYR A 171 38.54 4.94 24.09
CA TYR A 171 39.52 4.70 23.06
C TYR A 171 40.88 5.19 23.54
N SER A 172 41.93 4.44 23.19
CA SER A 172 43.30 4.78 23.59
C SER A 172 44.17 4.89 22.35
N ILE A 173 44.95 5.97 22.29
CA ILE A 173 45.92 6.20 21.22
C ILE A 173 47.23 6.57 21.90
N GLU A 174 48.29 5.82 21.62
CA GLU A 174 49.57 6.16 22.19
C GLU A 174 50.05 7.49 21.64
N LYS A 175 50.64 8.31 22.52
CA LYS A 175 51.31 9.55 22.12
C LYS A 175 52.11 9.33 20.86
N ASP A 176 51.90 10.19 19.85
CA ASP A 176 52.66 10.16 18.60
C ASP A 176 52.46 8.87 17.81
N ALA A 177 51.40 8.11 18.10
CA ALA A 177 51.13 6.85 17.39
C ALA A 177 51.23 7.01 15.88
N PHE A 178 50.71 8.11 15.32
CA PHE A 178 50.64 8.32 13.87
C PHE A 178 51.77 9.18 13.32
N LEU A 179 52.64 9.71 14.19
CA LEU A 179 53.56 10.77 13.77
C LEU A 179 54.50 10.30 12.65
N ASN A 180 54.98 9.06 12.73
CA ASN A 180 55.92 8.54 11.73
C ASN A 180 55.22 7.94 10.50
N LEU A 181 53.90 8.10 10.38
CA LEU A 181 53.24 7.80 9.12
C LEU A 181 53.35 9.06 8.26
N THR A 182 54.54 9.21 7.64
CA THR A 182 54.93 10.46 6.99
C THR A 182 54.19 10.74 5.70
N LYS A 183 53.40 9.80 5.19
CA LYS A 183 52.60 10.03 3.99
C LYS A 183 51.11 10.08 4.29
N LEU A 184 50.73 9.98 5.56
CA LEU A 184 49.33 9.84 5.93
C LEU A 184 48.53 11.09 5.53
N LYS A 185 47.53 10.93 4.67
CA LYS A 185 46.74 12.08 4.25
C LYS A 185 45.37 12.14 4.87
N VAL A 186 44.73 10.99 5.09
CA VAL A 186 43.37 10.93 5.60
C VAL A 186 43.34 10.05 6.83
N LEU A 187 42.79 10.59 7.94
CA LEU A 187 42.70 9.87 9.20
C LEU A 187 41.28 9.96 9.73
N SER A 188 40.63 8.82 9.87
CA SER A 188 39.24 8.77 10.31
C SER A 188 39.19 8.01 11.63
N LEU A 189 38.88 8.73 12.71
CA LEU A 189 38.71 8.12 14.02
C LEU A 189 37.32 8.39 14.57
N LYS A 190 36.33 8.55 13.68
CA LYS A 190 34.95 8.82 14.05
C LYS A 190 34.33 7.65 14.81
N ASP A 191 33.24 7.93 15.53
CA ASP A 191 32.39 6.91 16.18
C ASP A 191 33.21 5.92 17.03
N ASN A 192 34.10 6.44 17.88
CA ASN A 192 35.08 5.58 18.52
C ASN A 192 35.29 5.75 20.02
N ASN A 193 34.50 6.59 20.71
CA ASN A 193 34.73 6.82 22.15
C ASN A 193 36.10 7.44 22.42
N VAL A 194 36.64 8.19 21.46
CA VAL A 194 37.89 8.93 21.67
C VAL A 194 37.64 10.06 22.68
N THR A 195 38.60 10.29 23.59
CA THR A 195 38.44 11.34 24.59
C THR A 195 39.34 12.56 24.39
N THR A 196 40.42 12.47 23.62
CA THR A 196 41.23 13.65 23.28
C THR A 196 41.72 13.56 21.84
N VAL A 197 42.06 14.71 21.28
CA VAL A 197 42.71 14.75 19.97
C VAL A 197 44.05 14.04 20.07
N PRO A 198 44.30 12.96 19.33
CA PRO A 198 45.62 12.33 19.39
C PRO A 198 46.66 13.27 18.83
N THR A 199 47.83 13.32 19.48
CA THR A 199 48.92 14.21 19.09
C THR A 199 50.22 13.44 19.31
N VAL A 200 51.27 13.78 18.56
CA VAL A 200 51.22 14.75 17.47
C VAL A 200 50.79 14.04 16.20
N LEU A 201 50.08 14.72 15.31
CA LEU A 201 49.73 14.06 14.06
C LEU A 201 50.70 14.49 12.98
N PRO A 202 50.87 13.67 11.95
CA PRO A 202 51.79 14.07 10.87
C PRO A 202 51.22 15.25 10.11
N SER A 203 52.10 16.21 9.78
CA SER A 203 51.74 17.46 9.10
C SER A 203 51.30 17.23 7.67
N THR A 204 51.35 16.01 7.22
CA THR A 204 50.92 15.68 5.89
C THR A 204 49.39 15.49 5.80
N LEU A 205 48.68 15.45 6.94
CA LEU A 205 47.23 15.28 6.96
C LEU A 205 46.49 16.32 6.11
N THR A 206 45.58 15.83 5.27
CA THR A 206 44.65 16.72 4.58
C THR A 206 43.24 16.66 5.15
N GLU A 207 42.87 15.51 5.72
CA GLU A 207 41.52 15.30 6.22
C GLU A 207 41.58 14.59 7.56
N LEU A 208 40.92 15.17 8.55
CA LEU A 208 40.90 14.64 9.90
C LEU A 208 39.45 14.55 10.33
N TYR A 209 38.99 13.32 10.64
CA TYR A 209 37.61 13.03 11.00
C TYR A 209 37.63 12.53 12.44
N LEU A 210 37.09 13.35 13.37
CA LEU A 210 37.08 13.06 14.79
C LEU A 210 35.67 13.13 15.36
N TYR A 211 34.67 13.02 14.50
CA TYR A 211 33.32 13.28 14.97
C TYR A 211 32.73 12.07 15.70
N ASN A 212 31.64 12.34 16.44
CA ASN A 212 30.94 11.37 17.28
C ASN A 212 31.89 10.64 18.24
N ASN A 213 32.50 11.43 19.13
CA ASN A 213 33.41 10.91 20.13
C ASN A 213 33.10 11.56 21.47
N MET A 214 34.02 11.41 22.42
CA MET A 214 33.90 12.04 23.73
C MET A 214 35.00 13.08 23.97
N ILE A 215 35.25 13.94 23.00
CA ILE A 215 36.25 14.99 23.16
C ILE A 215 35.55 16.20 23.74
N ALA A 216 35.90 16.56 24.97
CA ALA A 216 35.27 17.72 25.59
C ALA A 216 36.05 19.01 25.37
N GLU A 217 37.35 18.92 25.18
CA GLU A 217 38.16 20.12 25.02
C GLU A 217 39.16 19.92 23.90
N ILE A 218 39.43 20.97 23.14
CA ILE A 218 40.52 21.02 22.18
C ILE A 218 41.67 21.77 22.83
N GLN A 219 42.85 21.17 22.85
CA GLN A 219 44.01 21.93 23.28
C GLN A 219 44.40 22.93 22.18
N GLU A 220 44.93 24.08 22.62
CA GLU A 220 45.29 25.15 21.69
C GLU A 220 46.27 24.71 20.62
N ASP A 221 47.10 23.72 20.90
CA ASP A 221 48.11 23.26 19.95
C ASP A 221 47.75 21.91 19.32
N ASP A 222 46.53 21.41 19.58
CA ASP A 222 46.10 20.13 19.01
C ASP A 222 46.30 20.02 17.50
N PHE A 223 46.15 21.12 16.76
CA PHE A 223 46.30 21.12 15.31
C PHE A 223 47.46 22.02 14.86
N ASN A 224 48.49 22.16 15.70
CA ASN A 224 49.56 23.13 15.45
C ASN A 224 50.27 22.90 14.12
N ASN A 225 50.58 21.66 13.79
CA ASN A 225 51.40 21.41 12.60
C ASN A 225 50.59 21.13 11.34
N LEU A 226 49.26 21.07 11.42
CA LEU A 226 48.45 20.60 10.28
C LEU A 226 48.26 21.70 9.24
N ASN A 227 49.37 22.13 8.66
CA ASN A 227 49.30 23.25 7.73
C ASN A 227 48.88 22.84 6.34
N GLN A 228 48.63 21.54 6.11
CA GLN A 228 48.01 21.06 4.88
C GLN A 228 46.56 20.62 5.07
N LEU A 229 46.01 20.78 6.27
CA LEU A 229 44.67 20.25 6.53
C LEU A 229 43.64 20.98 5.67
N GLN A 230 42.75 20.21 5.03
CA GLN A 230 41.69 20.80 4.23
C GLN A 230 40.29 20.54 4.78
N ILE A 231 40.10 19.42 5.48
CA ILE A 231 38.81 19.05 6.03
C ILE A 231 39.04 18.70 7.49
N LEU A 232 38.27 19.33 8.37
CA LEU A 232 38.30 19.00 9.79
C LEU A 232 36.87 18.84 10.26
N ASP A 233 36.55 17.64 10.77
CA ASP A 233 35.22 17.35 11.30
C ASP A 233 35.37 16.96 12.76
N LEU A 234 34.83 17.80 13.64
CA LEU A 234 34.85 17.60 15.08
C LEU A 234 33.43 17.47 15.61
N SER A 235 32.47 17.22 14.73
CA SER A 235 31.06 17.20 15.10
C SER A 235 30.77 16.13 16.15
N GLY A 236 29.68 16.32 16.90
CA GLY A 236 29.25 15.25 17.79
C GLY A 236 30.15 15.00 18.98
N ASN A 237 30.86 16.03 19.43
CA ASN A 237 31.56 16.03 20.70
C ASN A 237 30.89 17.10 21.56
N CYS A 238 30.33 16.69 22.72
CA CYS A 238 29.35 17.53 23.41
C CYS A 238 28.13 17.70 22.50
N PRO A 239 27.44 16.60 22.17
CA PRO A 239 26.30 16.69 21.25
C PRO A 239 25.13 17.45 21.85
N ARG A 240 24.37 18.10 20.97
CA ARG A 240 23.01 18.55 21.26
C ARG A 240 22.08 17.35 21.10
N CYS A 241 21.47 16.89 22.18
CA CYS A 241 20.76 15.62 22.21
C CYS A 241 19.24 15.74 22.11
N TYR A 242 18.68 16.94 21.99
CA TYR A 242 17.22 17.04 21.92
C TYR A 242 16.70 16.33 20.68
N ASN A 243 15.70 15.47 20.89
CA ASN A 243 15.08 14.65 19.84
C ASN A 243 16.09 13.83 19.05
N ALA A 244 17.20 13.46 19.67
CA ALA A 244 18.14 12.60 18.97
C ALA A 244 17.54 11.21 18.85
N PRO A 245 17.50 10.64 17.65
CA PRO A 245 16.95 9.29 17.48
C PRO A 245 17.94 8.17 17.77
N PHE A 246 19.08 8.46 18.35
CA PHE A 246 20.06 7.47 18.79
C PHE A 246 20.38 7.83 20.24
N PRO A 247 20.89 6.89 21.03
CA PRO A 247 21.29 7.24 22.39
C PRO A 247 22.39 8.30 22.36
N CYS A 248 22.26 9.28 23.25
CA CYS A 248 23.03 10.51 23.16
C CYS A 248 23.28 11.03 24.57
N THR A 249 24.56 11.13 24.96
CA THR A 249 24.97 11.65 26.25
C THR A 249 25.65 13.01 26.08
N PRO A 250 25.08 14.07 26.64
CA PRO A 250 25.70 15.40 26.55
C PRO A 250 26.88 15.56 27.51
N CYS A 251 27.74 16.52 27.20
CA CYS A 251 28.72 16.99 28.17
C CYS A 251 27.97 17.57 29.37
N LYS A 252 28.51 17.37 30.58
CA LYS A 252 27.80 17.83 31.76
C LYS A 252 27.65 19.36 31.76
N ASN A 253 26.65 19.83 32.51
CA ASN A 253 26.44 21.26 32.74
C ASN A 253 26.11 22.00 31.45
N ASN A 254 25.55 21.28 30.48
CA ASN A 254 25.31 21.82 29.16
C ASN A 254 26.56 22.50 28.60
N SER A 255 27.67 21.90 28.81
CA SER A 255 28.87 22.55 28.33
C SER A 255 28.97 22.33 26.83
N PRO A 256 29.53 23.30 26.11
CA PRO A 256 29.89 23.06 24.70
C PRO A 256 31.27 22.43 24.59
N LEU A 257 31.55 21.90 23.41
CA LEU A 257 32.92 21.54 23.09
C LEU A 257 33.76 22.81 23.17
N GLN A 258 34.76 22.82 24.03
CA GLN A 258 35.58 24.02 24.23
C GLN A 258 36.75 24.04 23.25
N ILE A 259 36.79 25.10 22.44
CA ILE A 259 37.79 25.32 21.40
C ILE A 259 38.50 26.65 21.69
N PRO A 260 39.78 26.64 22.00
CA PRO A 260 40.50 27.91 22.18
C PRO A 260 40.42 28.75 20.92
N VAL A 261 40.40 30.08 21.10
CA VAL A 261 40.24 31.02 20.00
C VAL A 261 41.34 30.86 18.95
N ASN A 262 42.52 30.40 19.34
CA ASN A 262 43.65 30.23 18.42
C ASN A 262 43.81 28.79 17.91
N ALA A 263 42.83 27.92 18.18
CA ALA A 263 42.96 26.50 17.85
C ALA A 263 43.16 26.25 16.36
N PHE A 264 42.63 27.11 15.49
CA PHE A 264 42.69 26.86 14.06
C PHE A 264 43.81 27.64 13.39
N ASP A 265 44.65 28.35 14.15
CA ASP A 265 45.61 29.28 13.57
C ASP A 265 46.49 28.64 12.51
N ALA A 266 46.87 27.38 12.68
CA ALA A 266 47.72 26.79 11.66
C ALA A 266 46.97 26.34 10.41
N LEU A 267 45.65 26.25 10.43
CA LEU A 267 44.94 25.57 9.34
C LEU A 267 44.68 26.51 8.16
N THR A 268 45.77 27.04 7.59
CA THR A 268 45.64 28.04 6.51
C THR A 268 45.01 27.44 5.26
N GLU A 269 45.07 26.12 5.12
CA GLU A 269 44.54 25.42 3.96
C GLU A 269 43.10 24.94 4.16
N LEU A 270 42.49 25.17 5.31
CA LEU A 270 41.20 24.57 5.64
C LEU A 270 40.11 25.01 4.66
N LYS A 271 39.50 24.02 4.01
CA LYS A 271 38.35 24.30 3.15
C LYS A 271 37.04 23.93 3.83
N VAL A 272 37.02 22.86 4.62
CA VAL A 272 35.77 22.37 5.22
C VAL A 272 35.97 22.26 6.73
N LEU A 273 35.09 22.93 7.47
CA LEU A 273 35.05 22.84 8.92
C LEU A 273 33.65 22.45 9.33
N ARG A 274 33.53 21.32 10.01
CA ARG A 274 32.25 20.79 10.43
C ARG A 274 32.20 20.80 11.96
N LEU A 275 31.36 21.67 12.52
CA LEU A 275 31.09 21.73 13.94
C LEU A 275 29.60 21.53 14.18
N HIS A 276 29.10 20.38 13.72
CA HIS A 276 27.70 20.01 13.88
C HIS A 276 27.50 19.32 15.23
N SER A 277 26.46 19.70 15.95
CA SER A 277 26.15 19.06 17.23
C SER A 277 27.35 19.12 18.19
N ASN A 278 27.82 20.34 18.43
CA ASN A 278 28.84 20.60 19.44
C ASN A 278 28.34 21.52 20.55
N SER A 279 27.02 21.73 20.64
CA SER A 279 26.38 22.51 21.70
C SER A 279 26.99 23.91 21.83
N LEU A 280 27.40 24.48 20.70
CA LEU A 280 28.02 25.79 20.73
C LEU A 280 27.00 26.87 21.04
N GLN A 281 27.40 27.83 21.87
CA GLN A 281 26.57 28.99 22.12
C GLN A 281 27.13 30.25 21.50
N HIS A 282 28.38 30.23 21.05
CA HIS A 282 29.04 31.39 20.47
C HIS A 282 29.99 30.88 19.41
N VAL A 283 30.24 31.73 18.41
CA VAL A 283 31.20 31.42 17.37
C VAL A 283 32.21 32.57 17.36
N PRO A 284 33.29 32.46 18.11
CA PRO A 284 34.23 33.58 18.23
C PRO A 284 34.85 33.92 16.89
N PRO A 285 34.70 35.16 16.42
CA PRO A 285 35.39 35.59 15.20
C PRO A 285 36.89 35.29 15.19
N ARG A 286 37.51 35.27 16.38
CA ARG A 286 38.93 34.97 16.45
C ARG A 286 39.24 33.61 15.83
N TRP A 287 38.27 32.67 15.84
CA TRP A 287 38.51 31.36 15.22
C TRP A 287 39.00 31.46 13.79
N PHE A 288 38.46 32.40 13.00
CA PHE A 288 38.70 32.42 11.56
C PHE A 288 39.73 33.45 11.14
N LYS A 289 40.58 33.89 12.08
CA LYS A 289 41.53 34.97 11.79
C LYS A 289 42.53 34.59 10.71
N ASN A 290 43.02 33.34 10.69
CA ASN A 290 43.94 32.95 9.62
C ASN A 290 43.38 31.86 8.73
N ILE A 291 42.07 31.70 8.66
CA ILE A 291 41.49 30.82 7.67
C ILE A 291 40.70 31.74 6.76
N ASN A 292 41.26 32.03 5.60
CA ASN A 292 40.55 32.83 4.64
C ASN A 292 40.09 32.01 3.45
N ASN A 293 40.51 30.76 3.35
CA ASN A 293 40.08 29.88 2.27
C ASN A 293 38.79 29.12 2.56
N LEU A 294 38.23 29.21 3.77
CA LEU A 294 37.14 28.32 4.16
C LEU A 294 35.95 28.42 3.19
N GLN A 295 35.45 27.28 2.75
CA GLN A 295 34.37 27.23 1.77
C GLN A 295 33.08 26.65 2.33
N GLU A 296 33.19 25.67 3.23
CA GLU A 296 32.05 24.98 3.80
C GLU A 296 32.13 25.02 5.32
N LEU A 297 31.07 25.50 5.96
CA LEU A 297 30.98 25.57 7.41
C LEU A 297 29.63 25.04 7.86
N ASP A 298 29.64 23.88 8.52
CA ASP A 298 28.46 23.29 9.13
C ASP A 298 28.42 23.67 10.61
N LEU A 299 27.43 24.49 10.99
CA LEU A 299 27.17 24.84 12.39
C LEU A 299 25.78 24.42 12.84
N SER A 300 25.24 23.36 12.23
CA SER A 300 23.92 22.84 12.56
C SER A 300 23.92 22.09 13.89
N GLN A 301 22.77 22.06 14.55
CA GLN A 301 22.58 21.36 15.82
C GLN A 301 23.48 21.94 16.91
N ASN A 302 23.48 23.26 17.03
CA ASN A 302 24.14 23.85 18.20
C ASN A 302 23.10 24.69 18.96
N PHE A 303 23.55 25.66 19.76
CA PHE A 303 22.63 26.58 20.40
C PHE A 303 22.98 27.99 19.98
N LEU A 304 22.94 28.25 18.67
CA LEU A 304 23.40 29.52 18.09
C LEU A 304 22.26 30.45 17.71
N ALA A 305 21.07 30.26 18.28
CA ALA A 305 19.93 31.10 17.93
C ALA A 305 20.23 32.58 18.11
N LYS A 306 20.73 32.98 19.30
CA LYS A 306 21.17 34.36 19.53
C LYS A 306 22.26 34.77 18.55
N GLU A 307 23.30 33.96 18.45
CA GLU A 307 24.45 34.27 17.62
C GLU A 307 24.06 34.56 16.19
N ILE A 308 23.00 33.91 15.68
CA ILE A 308 22.61 34.12 14.29
C ILE A 308 22.22 35.57 14.06
N GLY A 309 21.68 36.24 15.10
CA GLY A 309 21.37 37.65 15.01
C GLY A 309 22.53 38.59 15.26
N ASP A 310 23.74 38.08 15.46
CA ASP A 310 24.92 38.91 15.70
C ASP A 310 25.99 38.48 14.70
N ALA A 311 26.59 37.31 14.92
CA ALA A 311 27.34 36.56 13.90
C ALA A 311 28.47 37.38 13.29
N LYS A 312 29.25 38.03 14.15
CA LYS A 312 30.37 38.83 13.66
C LYS A 312 31.37 37.99 12.88
N PHE A 313 31.52 36.71 13.22
CA PHE A 313 32.49 35.86 12.51
C PHE A 313 32.26 35.83 10.99
N LEU A 314 31.04 36.11 10.52
CA LEU A 314 30.78 36.07 9.08
C LEU A 314 31.65 37.08 8.33
N HIS A 315 32.08 38.16 9.01
CA HIS A 315 32.97 39.15 8.41
C HIS A 315 34.33 38.56 8.03
N PHE A 316 34.71 37.40 8.58
CA PHE A 316 35.98 36.76 8.27
C PHE A 316 35.87 35.67 7.20
N LEU A 317 34.73 35.58 6.52
CA LEU A 317 34.43 34.42 5.67
C LEU A 317 33.98 34.86 4.28
N PRO A 318 34.76 35.71 3.61
CA PRO A 318 34.30 36.23 2.29
C PRO A 318 34.30 35.19 1.20
N ASN A 319 35.00 34.06 1.40
CA ASN A 319 35.11 33.00 0.40
C ASN A 319 34.19 31.82 0.68
N LEU A 320 33.29 31.93 1.66
CA LEU A 320 32.49 30.78 2.08
C LEU A 320 31.44 30.45 1.03
N ILE A 321 31.39 29.18 0.62
CA ILE A 321 30.40 28.72 -0.37
C ILE A 321 29.10 28.25 0.30
N GLN A 322 29.20 27.38 1.34
CA GLN A 322 28.04 26.82 2.04
C GLN A 322 28.08 27.18 3.51
N LEU A 323 26.93 27.56 4.04
CA LEU A 323 26.81 27.84 5.46
C LEU A 323 25.54 27.17 5.96
N ASP A 324 25.68 26.31 6.96
CA ASP A 324 24.54 25.59 7.52
C ASP A 324 24.38 26.00 8.98
N LEU A 325 23.25 26.64 9.29
CA LEU A 325 22.94 27.06 10.66
C LEU A 325 21.66 26.41 11.16
N SER A 326 21.34 25.23 10.63
CA SER A 326 20.07 24.56 10.91
C SER A 326 20.00 24.02 12.33
N PHE A 327 18.80 24.04 12.89
CA PHE A 327 18.49 23.42 14.19
C PHE A 327 19.36 23.99 15.32
N ASN A 328 19.28 25.32 15.44
CA ASN A 328 19.89 26.03 16.56
C ASN A 328 18.84 26.63 17.49
N PHE A 329 17.57 26.30 17.30
CA PHE A 329 16.51 26.93 18.07
C PHE A 329 16.73 26.71 19.55
N GLU A 330 16.23 27.65 20.36
CA GLU A 330 16.13 27.43 21.79
C GLU A 330 14.94 26.55 22.09
N LEU A 331 15.15 25.58 22.98
CA LEU A 331 14.06 24.68 23.33
C LEU A 331 12.90 25.45 23.93
N GLN A 332 11.69 25.05 23.53
CA GLN A 332 10.41 25.57 24.00
C GLN A 332 10.15 27.01 23.57
N VAL A 333 10.90 27.52 22.60
CA VAL A 333 10.77 28.90 22.14
C VAL A 333 10.25 28.92 20.70
N TYR A 334 9.17 29.64 20.48
CA TYR A 334 8.57 29.86 19.16
C TYR A 334 8.68 31.35 18.85
N ARG A 335 9.84 31.76 18.31
CA ARG A 335 10.10 33.17 18.04
C ARG A 335 9.09 33.76 17.07
N ALA A 336 8.88 35.09 17.20
CA ALA A 336 8.01 35.80 16.27
C ALA A 336 8.60 35.86 14.85
N SER A 337 9.91 36.01 14.73
CA SER A 337 10.47 36.29 13.42
C SER A 337 11.93 35.87 13.39
N MET A 338 12.52 35.94 12.19
CA MET A 338 13.91 35.56 12.02
C MET A 338 14.79 36.81 12.02
N ASN A 339 15.68 36.87 12.99
CA ASN A 339 16.66 37.93 13.14
C ASN A 339 17.97 37.44 12.51
N LEU A 340 18.22 37.81 11.27
CA LEU A 340 19.50 37.53 10.62
C LEU A 340 20.38 38.77 10.68
N SER A 341 21.52 38.68 11.36
CA SER A 341 22.45 39.79 11.48
C SER A 341 22.81 40.36 10.11
N GLN A 342 23.13 41.66 10.08
CA GLN A 342 23.62 42.26 8.84
C GLN A 342 24.92 41.63 8.38
N ALA A 343 25.66 40.99 9.29
CA ALA A 343 26.94 40.39 8.91
C ALA A 343 26.80 39.42 7.75
N PHE A 344 25.61 38.81 7.58
CA PHE A 344 25.38 37.92 6.45
C PHE A 344 25.73 38.58 5.13
N SER A 345 25.52 39.91 5.00
CA SER A 345 25.81 40.57 3.73
C SER A 345 27.27 40.52 3.34
N SER A 346 28.18 40.15 4.24
CA SER A 346 29.58 40.06 3.89
C SER A 346 29.97 38.70 3.32
N LEU A 347 29.01 37.80 3.10
CA LEU A 347 29.30 36.46 2.59
C LEU A 347 29.27 36.44 1.07
N LYS A 348 30.16 37.25 0.49
CA LYS A 348 30.13 37.57 -0.94
C LYS A 348 30.15 36.34 -1.85
N SER A 349 30.79 35.24 -1.41
CA SER A 349 30.88 34.03 -2.21
C SER A 349 29.77 33.02 -1.93
N LEU A 350 28.87 33.31 -1.00
CA LEU A 350 27.89 32.32 -0.54
C LEU A 350 26.98 31.85 -1.67
N LYS A 351 27.01 30.54 -1.96
CA LYS A 351 26.03 29.90 -2.83
C LYS A 351 24.88 29.23 -2.09
N ILE A 352 25.08 28.69 -0.89
CA ILE A 352 24.10 27.81 -0.24
C ILE A 352 23.94 28.22 1.22
N LEU A 353 22.72 28.59 1.60
CA LEU A 353 22.45 28.95 2.98
C LEU A 353 21.30 28.10 3.47
N ARG A 354 21.51 27.43 4.61
CA ARG A 354 20.51 26.55 5.20
C ARG A 354 20.26 26.99 6.64
N ILE A 355 19.02 27.35 6.95
CA ILE A 355 18.62 27.65 8.31
C ILE A 355 17.27 27.00 8.57
N ARG A 356 17.23 25.68 8.50
CA ARG A 356 16.08 24.96 9.03
C ARG A 356 16.12 24.98 10.55
N GLY A 357 14.97 24.65 11.16
CA GLY A 357 14.92 24.52 12.60
C GLY A 357 15.36 25.73 13.40
N TYR A 358 15.13 26.94 12.87
CA TYR A 358 15.22 28.17 13.65
C TYR A 358 13.95 28.37 14.47
N VAL A 359 12.80 28.01 13.88
CA VAL A 359 11.47 27.97 14.50
C VAL A 359 10.92 29.37 14.79
N PHE A 360 10.07 29.86 13.90
CA PHE A 360 9.53 31.21 14.03
C PHE A 360 8.22 31.30 13.25
N LYS A 361 7.35 32.24 13.65
CA LYS A 361 5.99 32.22 13.12
C LYS A 361 5.81 33.03 11.85
N GLU A 362 6.58 34.09 11.66
CA GLU A 362 6.32 35.02 10.55
C GLU A 362 7.61 35.39 9.83
N LEU A 363 7.67 35.10 8.53
CA LEU A 363 8.77 35.49 7.67
C LEU A 363 8.37 36.72 6.86
N LYS A 364 9.13 37.80 6.99
CA LYS A 364 8.81 39.06 6.33
C LYS A 364 10.01 39.56 5.53
N SER A 365 9.69 40.23 4.42
CA SER A 365 10.66 40.56 3.38
C SER A 365 11.96 41.17 3.92
N PHE A 366 11.86 42.07 4.91
CA PHE A 366 13.05 42.80 5.31
C PHE A 366 13.99 41.93 6.14
N GLN A 367 13.49 40.85 6.75
CA GLN A 367 14.37 39.96 7.50
C GLN A 367 15.38 39.26 6.60
N LEU A 368 15.11 39.14 5.30
CA LEU A 368 16.05 38.55 4.37
C LEU A 368 16.94 39.59 3.70
N SER A 369 16.77 40.87 4.05
CA SER A 369 17.55 41.92 3.40
C SER A 369 19.06 41.73 3.53
N PRO A 370 19.61 41.20 4.64
CA PRO A 370 21.05 40.91 4.64
C PRO A 370 21.49 40.01 3.50
N LEU A 371 20.56 39.29 2.86
CA LEU A 371 20.90 38.43 1.73
C LEU A 371 20.72 39.07 0.34
N HIS A 372 20.16 40.28 0.23
CA HIS A 372 19.71 40.81 -1.06
C HIS A 372 20.84 40.94 -2.08
N ASN A 373 22.03 41.33 -1.67
CA ASN A 373 23.11 41.55 -2.61
C ASN A 373 24.15 40.43 -2.60
N LEU A 374 23.83 39.28 -2.01
CA LEU A 374 24.71 38.11 -2.20
C LEU A 374 24.53 37.59 -3.62
N GLN A 375 25.47 37.95 -4.50
CA GLN A 375 25.21 37.76 -5.92
C GLN A 375 25.26 36.29 -6.32
N ASN A 376 25.99 35.47 -5.59
CA ASN A 376 26.16 34.07 -5.96
C ASN A 376 25.16 33.16 -5.26
N LEU A 377 24.19 33.72 -4.54
CA LEU A 377 23.30 32.90 -3.73
C LEU A 377 22.38 32.06 -4.63
N GLU A 378 22.53 30.73 -4.54
CA GLU A 378 21.75 29.80 -5.36
C GLU A 378 20.67 29.04 -4.60
N VAL A 379 20.87 28.74 -3.33
CA VAL A 379 19.95 27.92 -2.54
C VAL A 379 19.67 28.62 -1.22
N LEU A 380 18.40 28.84 -0.92
CA LEU A 380 17.99 29.38 0.38
C LEU A 380 17.02 28.40 1.01
N ASP A 381 17.44 27.76 2.10
CA ASP A 381 16.70 26.64 2.69
C ASP A 381 16.14 27.07 4.04
N LEU A 382 14.83 27.31 4.11
CA LEU A 382 14.18 27.69 5.36
C LEU A 382 13.12 26.68 5.79
N GLY A 383 13.34 25.38 5.50
CA GLY A 383 12.38 24.35 5.82
C GLY A 383 12.34 24.01 7.31
N THR A 384 11.29 23.29 7.70
CA THR A 384 11.11 22.83 9.09
C THR A 384 11.34 23.98 10.07
N ASN A 385 10.59 25.07 9.85
CA ASN A 385 10.63 26.22 10.72
C ASN A 385 9.28 26.57 11.34
N PHE A 386 8.22 25.84 11.01
CA PHE A 386 6.88 26.15 11.52
C PHE A 386 6.50 27.60 11.22
N ILE A 387 6.92 28.09 10.06
CA ILE A 387 6.50 29.40 9.63
C ILE A 387 5.01 29.36 9.35
N LYS A 388 4.27 30.30 9.93
CA LYS A 388 2.82 30.36 9.74
C LYS A 388 2.40 31.35 8.67
N ILE A 389 3.24 32.36 8.39
CA ILE A 389 2.86 33.52 7.59
C ILE A 389 4.04 33.91 6.73
N ALA A 390 3.84 33.95 5.39
CA ALA A 390 4.90 34.43 4.49
C ALA A 390 4.29 34.97 3.20
N ASN A 391 4.52 36.26 2.93
CA ASN A 391 4.15 36.86 1.64
C ASN A 391 5.14 36.39 0.59
N LEU A 392 4.71 35.43 -0.24
CA LEU A 392 5.62 34.82 -1.21
C LEU A 392 6.21 35.84 -2.18
N SER A 393 5.62 37.03 -2.27
CA SER A 393 6.09 38.01 -3.23
C SER A 393 7.47 38.54 -2.86
N MET A 394 7.91 38.33 -1.62
CA MET A 394 9.23 38.79 -1.22
C MET A 394 10.33 38.15 -2.07
N PHE A 395 10.09 36.97 -2.63
CA PHE A 395 11.14 36.31 -3.41
C PHE A 395 11.32 36.91 -4.80
N LYS A 396 10.54 37.95 -5.13
CA LYS A 396 10.82 38.74 -6.33
C LYS A 396 12.24 39.32 -6.32
N GLN A 397 12.79 39.61 -5.13
CA GLN A 397 14.19 39.98 -5.01
C GLN A 397 15.15 38.80 -5.03
N PHE A 398 14.70 37.61 -5.41
CA PHE A 398 15.61 36.46 -5.33
C PHE A 398 15.56 35.63 -6.61
N LYS A 399 15.33 36.27 -7.77
CA LYS A 399 15.16 35.53 -9.00
C LYS A 399 16.43 34.85 -9.45
N ARG A 400 17.59 35.27 -8.92
CA ARG A 400 18.84 34.64 -9.29
C ARG A 400 18.99 33.28 -8.64
N LEU A 401 18.22 32.98 -7.60
CA LEU A 401 18.37 31.73 -6.87
C LEU A 401 17.84 30.56 -7.72
N LYS A 402 18.39 29.37 -7.45
CA LYS A 402 17.96 28.16 -8.14
C LYS A 402 16.89 27.42 -7.38
N VAL A 403 16.94 27.43 -6.04
CA VAL A 403 15.99 26.73 -5.18
C VAL A 403 15.69 27.61 -3.97
N ILE A 404 14.39 27.88 -3.74
CA ILE A 404 13.88 28.50 -2.52
C ILE A 404 13.01 27.46 -1.83
N ASP A 405 13.50 26.94 -0.70
CA ASP A 405 12.93 25.77 -0.02
C ASP A 405 12.21 26.22 1.25
N LEU A 406 10.88 26.21 1.21
CA LEU A 406 10.05 26.44 2.40
C LEU A 406 9.32 25.16 2.80
N SER A 407 9.91 24.02 2.46
CA SER A 407 9.31 22.72 2.74
C SER A 407 9.10 22.47 4.24
N VAL A 408 7.98 21.83 4.58
CA VAL A 408 7.64 21.46 5.96
C VAL A 408 7.52 22.72 6.82
N ASN A 409 6.46 23.49 6.60
CA ASN A 409 6.19 24.65 7.42
C ASN A 409 4.68 24.65 7.66
N LYS A 410 4.15 25.72 8.24
CA LYS A 410 2.70 25.81 8.47
C LYS A 410 2.09 26.96 7.69
N ILE A 411 2.71 27.33 6.56
CA ILE A 411 2.23 28.48 5.79
C ILE A 411 0.82 28.24 5.28
N SER A 412 -0.06 29.23 5.49
CA SER A 412 -1.43 29.19 5.02
C SER A 412 -1.88 30.62 4.74
N PRO A 413 -3.06 30.79 4.12
CA PRO A 413 -3.64 32.15 4.11
C PRO A 413 -4.51 32.39 5.35
N VAL A 437 19.51 17.68 -3.31
CA VAL A 437 18.37 17.26 -2.49
C VAL A 437 18.86 16.42 -1.31
N LEU A 438 18.46 16.78 -0.09
CA LEU A 438 18.90 16.12 1.13
C LEU A 438 18.04 14.89 1.48
N GLU A 439 18.67 13.91 2.12
CA GLU A 439 17.96 12.73 2.59
C GLU A 439 16.93 13.10 3.66
N GLN A 440 15.84 12.32 3.72
CA GLN A 440 14.75 12.65 4.66
C GLN A 440 15.23 12.63 6.11
N LEU A 441 16.16 11.74 6.45
CA LEU A 441 16.88 11.80 7.71
C LEU A 441 18.29 12.30 7.42
N TYR A 442 18.64 13.44 8.00
CA TYR A 442 19.81 14.18 7.58
C TYR A 442 20.41 14.93 8.77
N TYR A 443 19.65 15.87 9.33
CA TYR A 443 20.15 16.61 10.47
C TYR A 443 20.10 15.84 11.78
N PHE A 444 19.31 14.76 11.85
CA PHE A 444 19.14 14.03 13.09
C PHE A 444 19.74 12.63 13.00
N ARG A 445 20.44 12.36 11.93
CA ARG A 445 21.05 11.06 11.75
C ARG A 445 22.39 10.98 12.49
N TYR A 446 22.72 9.78 12.98
CA TYR A 446 23.93 9.62 13.79
C TYR A 446 25.19 9.93 12.99
N ASP A 447 25.41 9.18 11.90
CA ASP A 447 26.61 9.34 11.07
C ASP A 447 26.13 9.30 9.62
N LYS A 448 25.83 10.47 9.07
CA LYS A 448 25.29 10.49 7.73
C LYS A 448 26.30 10.11 6.65
N TYR A 449 27.60 9.97 6.98
CA TYR A 449 28.58 9.50 6.02
C TYR A 449 28.97 8.06 6.27
N ALA A 450 28.19 7.33 7.04
CA ALA A 450 28.54 5.96 7.34
C ALA A 450 28.53 5.12 6.07
N ARG A 451 29.59 4.35 5.87
CA ARG A 451 29.72 3.46 4.74
C ARG A 451 28.90 2.19 4.99
N SER A 452 28.40 1.61 3.92
CA SER A 452 27.63 0.37 4.00
C SER A 452 28.51 -0.80 3.59
N CYS A 453 28.12 -1.99 4.01
CA CYS A 453 28.88 -3.18 3.64
C CYS A 453 28.95 -3.35 2.13
N ARG A 454 27.91 -2.92 1.42
CA ARG A 454 27.84 -3.27 0.00
C ARG A 454 28.72 -2.40 -0.88
N PHE A 455 28.93 -1.14 -0.51
CA PHE A 455 29.71 -0.22 -1.34
C PHE A 455 30.83 0.48 -0.56
N SER A 468 12.63 15.07 -9.41
CA SER A 468 13.01 16.42 -9.05
C SER A 468 12.94 17.41 -10.20
N CYS A 469 12.57 18.66 -9.87
CA CYS A 469 12.30 19.67 -10.89
C CYS A 469 13.34 20.79 -10.90
N TYR A 470 14.41 20.66 -10.12
CA TYR A 470 15.41 21.73 -10.04
C TYR A 470 16.00 22.06 -11.40
N LYS A 471 16.13 21.05 -12.28
CA LYS A 471 16.73 21.25 -13.59
C LYS A 471 15.91 22.17 -14.49
N TYR A 472 14.63 22.36 -14.21
CA TYR A 472 13.80 23.25 -15.02
C TYR A 472 14.08 24.73 -14.79
N GLY A 473 14.82 25.09 -13.74
CA GLY A 473 15.08 26.49 -13.43
C GLY A 473 14.69 26.85 -12.00
N GLN A 474 14.34 28.12 -11.78
CA GLN A 474 14.02 28.60 -10.44
C GLN A 474 12.85 27.83 -9.82
N THR A 475 13.09 27.30 -8.62
CA THR A 475 12.14 26.45 -7.92
C THR A 475 11.73 27.06 -6.59
N LEU A 476 10.44 27.14 -6.36
CA LEU A 476 9.88 27.57 -5.08
C LEU A 476 9.22 26.34 -4.48
N ASP A 477 9.86 25.74 -3.47
CA ASP A 477 9.34 24.55 -2.81
C ASP A 477 8.43 24.95 -1.65
N LEU A 478 7.11 24.79 -1.83
CA LEU A 478 6.17 24.99 -0.73
C LEU A 478 5.56 23.68 -0.26
N SER A 479 6.20 22.55 -0.53
CA SER A 479 5.63 21.25 -0.18
C SER A 479 5.47 21.09 1.34
N LYS A 480 4.49 20.27 1.73
CA LYS A 480 4.22 19.94 3.14
C LYS A 480 4.02 21.21 3.98
N ASN A 481 3.12 22.05 3.51
CA ASN A 481 2.67 23.21 4.24
C ASN A 481 1.17 23.05 4.47
N SER A 482 0.52 24.12 4.90
CA SER A 482 -0.90 24.08 5.26
C SER A 482 -1.76 24.94 4.33
N ILE A 483 -1.37 25.03 3.07
CA ILE A 483 -2.11 25.84 2.10
C ILE A 483 -3.40 25.12 1.79
N PHE A 484 -4.54 25.69 2.18
CA PHE A 484 -5.83 25.12 1.84
C PHE A 484 -6.46 25.80 0.62
N PHE A 485 -6.22 27.09 0.41
CA PHE A 485 -6.81 27.84 -0.69
C PHE A 485 -5.76 28.70 -1.36
N ILE A 486 -5.72 28.70 -2.69
CA ILE A 486 -4.80 29.54 -3.45
C ILE A 486 -5.57 30.49 -4.35
N LYS A 487 -5.04 31.70 -4.52
CA LYS A 487 -5.58 32.68 -5.45
C LYS A 487 -4.42 33.34 -6.18
N SER A 488 -4.72 33.85 -7.39
CA SER A 488 -3.70 34.39 -8.28
C SER A 488 -2.74 35.35 -7.60
N SER A 489 -3.26 36.21 -6.71
CA SER A 489 -2.44 37.22 -6.08
C SER A 489 -1.39 36.63 -5.13
N ASP A 490 -1.57 35.39 -4.64
CA ASP A 490 -0.56 34.77 -3.79
C ASP A 490 0.79 34.69 -4.48
N PHE A 491 0.80 34.68 -5.81
CA PHE A 491 2.00 34.55 -6.63
C PHE A 491 2.35 35.85 -7.33
N GLN A 492 1.86 36.98 -6.83
CA GLN A 492 2.12 38.23 -7.51
C GLN A 492 3.63 38.47 -7.44
N HIS A 493 4.21 38.90 -8.55
CA HIS A 493 5.63 39.19 -8.73
C HIS A 493 6.51 37.96 -8.85
N LEU A 494 5.97 36.77 -9.12
CA LEU A 494 6.82 35.58 -9.24
C LEU A 494 6.74 34.95 -10.63
N SER A 495 6.55 35.75 -11.67
CA SER A 495 6.47 35.20 -13.01
C SER A 495 7.75 34.52 -13.45
N PHE A 496 8.87 34.78 -12.77
CA PHE A 496 10.13 34.15 -13.13
C PHE A 496 10.18 32.67 -12.78
N LEU A 497 9.28 32.19 -11.90
CA LEU A 497 9.36 30.80 -11.43
C LEU A 497 9.23 29.82 -12.58
N LYS A 498 10.08 28.79 -12.56
CA LYS A 498 9.97 27.69 -13.50
C LYS A 498 9.36 26.44 -12.87
N CYS A 499 9.53 26.22 -11.57
CA CYS A 499 8.97 25.06 -10.91
C CYS A 499 8.33 25.48 -9.59
N LEU A 500 7.11 25.02 -9.34
CA LEU A 500 6.43 25.27 -8.08
C LEU A 500 6.00 23.95 -7.47
N ASN A 501 6.46 23.68 -6.25
CA ASN A 501 6.14 22.45 -5.54
C ASN A 501 5.09 22.77 -4.49
N LEU A 502 3.84 22.43 -4.81
CA LEU A 502 2.75 22.51 -3.84
C LEU A 502 2.39 21.16 -3.27
N SER A 503 3.30 20.19 -3.39
CA SER A 503 2.96 18.84 -2.94
C SER A 503 2.61 18.78 -1.46
N GLY A 504 1.57 18.01 -1.15
CA GLY A 504 1.30 17.72 0.25
C GLY A 504 0.77 18.92 1.03
N ASN A 505 -0.02 19.76 0.39
CA ASN A 505 -0.71 20.80 1.14
C ASN A 505 -2.13 20.31 1.44
N LEU A 506 -3.06 21.24 1.64
CA LEU A 506 -4.43 20.89 1.97
C LEU A 506 -5.40 21.48 0.95
N ILE A 507 -4.95 21.63 -0.29
CA ILE A 507 -5.68 22.39 -1.30
C ILE A 507 -6.84 21.53 -1.79
N SER A 508 -8.05 21.93 -1.41
CA SER A 508 -9.27 21.19 -1.62
C SER A 508 -10.26 22.11 -2.33
N GLN A 509 -10.00 22.35 -3.61
CA GLN A 509 -10.48 23.52 -4.34
C GLN A 509 -10.77 23.10 -5.76
N THR A 510 -11.78 23.72 -6.37
CA THR A 510 -12.00 23.53 -7.81
C THR A 510 -11.20 24.58 -8.57
N LEU A 511 -10.10 24.18 -9.19
CA LEU A 511 -9.33 25.11 -10.00
C LEU A 511 -10.06 25.41 -11.30
N ASN A 512 -10.29 26.70 -11.59
CA ASN A 512 -10.98 27.07 -12.83
C ASN A 512 -10.11 27.87 -13.77
N GLY A 513 -8.79 27.83 -13.62
CA GLY A 513 -7.89 28.55 -14.49
C GLY A 513 -7.48 29.93 -14.04
N SER A 514 -7.92 30.35 -12.86
CA SER A 514 -7.66 31.70 -12.38
C SER A 514 -6.69 31.74 -11.21
N GLU A 515 -6.21 30.59 -10.72
CA GLU A 515 -5.48 30.58 -9.45
C GLU A 515 -3.98 30.80 -9.61
N PHE A 516 -3.43 30.62 -10.80
CA PHE A 516 -1.98 30.68 -11.02
C PHE A 516 -1.58 31.77 -12.00
N GLN A 517 -2.40 32.80 -12.18
CA GLN A 517 -2.25 33.65 -13.36
C GLN A 517 -0.88 34.32 -13.48
N PRO A 518 -0.18 34.72 -12.42
CA PRO A 518 1.14 35.32 -12.60
C PRO A 518 2.23 34.34 -13.08
N LEU A 519 2.03 33.03 -12.98
CA LEU A 519 3.12 32.08 -13.20
C LEU A 519 3.28 31.76 -14.69
N ALA A 520 3.65 32.79 -15.45
CA ALA A 520 3.68 32.72 -16.89
C ALA A 520 4.83 31.87 -17.42
N GLU A 521 5.87 31.63 -16.62
CA GLU A 521 7.01 30.84 -17.08
C GLU A 521 7.09 29.46 -16.45
N LEU A 522 6.08 29.07 -15.70
CA LEU A 522 6.11 27.81 -14.98
C LEU A 522 6.19 26.64 -15.95
N ARG A 523 7.20 25.79 -15.77
CA ARG A 523 7.36 24.60 -16.59
C ARG A 523 6.93 23.33 -15.88
N TYR A 524 6.96 23.32 -14.54
CA TYR A 524 6.67 22.15 -13.75
C TYR A 524 5.84 22.56 -12.55
N LEU A 525 4.67 21.94 -12.37
CA LEU A 525 3.86 22.12 -11.17
C LEU A 525 3.69 20.75 -10.53
N ASP A 526 4.19 20.61 -9.29
CA ASP A 526 3.93 19.42 -8.49
C ASP A 526 2.74 19.74 -7.59
N PHE A 527 1.59 19.17 -7.92
CA PHE A 527 0.35 19.36 -7.18
C PHE A 527 -0.07 18.07 -6.50
N SER A 528 0.87 17.17 -6.26
CA SER A 528 0.52 15.88 -5.73
C SER A 528 0.20 15.96 -4.24
N ASN A 529 -0.50 14.95 -3.74
CA ASN A 529 -0.94 14.88 -2.34
C ASN A 529 -1.67 16.14 -1.93
N ASN A 530 -2.73 16.44 -2.69
CA ASN A 530 -3.67 17.49 -2.33
C ASN A 530 -5.07 16.92 -2.48
N ARG A 531 -6.06 17.80 -2.51
CA ARG A 531 -7.41 17.36 -2.81
C ARG A 531 -7.98 18.13 -3.99
N LEU A 532 -7.33 18.04 -5.15
CA LEU A 532 -7.84 18.74 -6.32
C LEU A 532 -9.23 18.25 -6.67
N ASP A 533 -10.08 19.20 -7.08
CA ASP A 533 -11.44 18.88 -7.53
C ASP A 533 -11.56 19.28 -8.99
N LEU A 534 -11.41 18.32 -9.90
CA LEU A 534 -11.45 18.57 -11.34
C LEU A 534 -12.89 18.71 -11.87
N LEU A 535 -13.63 19.66 -11.28
CA LEU A 535 -14.93 20.02 -11.83
C LEU A 535 -14.79 20.75 -13.16
N HIS A 536 -13.81 21.64 -13.29
CA HIS A 536 -13.68 22.50 -14.47
C HIS A 536 -12.57 22.00 -15.38
N SER A 537 -12.89 21.81 -16.65
CA SER A 537 -11.87 21.43 -17.61
C SER A 537 -10.92 22.58 -17.95
N THR A 538 -11.12 23.75 -17.38
CA THR A 538 -10.22 24.88 -17.53
C THR A 538 -9.20 24.96 -16.41
N ALA A 539 -9.12 23.94 -15.57
CA ALA A 539 -8.14 23.96 -14.50
C ALA A 539 -6.74 23.96 -15.10
N PHE A 540 -5.84 24.74 -14.52
CA PHE A 540 -4.44 24.80 -14.94
C PHE A 540 -4.23 25.44 -16.30
N GLU A 541 -5.29 25.86 -17.00
CA GLU A 541 -5.07 26.36 -18.35
C GLU A 541 -4.36 27.70 -18.35
N GLU A 542 -4.32 28.41 -17.22
CA GLU A 542 -3.53 29.63 -17.19
C GLU A 542 -2.04 29.36 -17.22
N LEU A 543 -1.57 28.15 -16.88
CA LEU A 543 -0.13 27.87 -16.92
C LEU A 543 0.29 27.50 -18.33
N ARG A 544 0.50 28.53 -19.16
CA ARG A 544 0.56 28.28 -20.60
C ARG A 544 1.91 27.79 -21.07
N LYS A 545 2.94 27.81 -20.23
CA LYS A 545 4.22 27.20 -20.59
C LYS A 545 4.47 25.86 -19.87
N LEU A 546 3.47 25.31 -19.17
CA LEU A 546 3.61 24.09 -18.36
C LEU A 546 3.99 22.87 -19.20
N GLU A 547 5.11 22.23 -18.84
CA GLU A 547 5.53 21.01 -19.50
C GLU A 547 5.23 19.77 -18.71
N VAL A 548 5.28 19.82 -17.38
CA VAL A 548 5.04 18.65 -16.53
C VAL A 548 4.04 19.02 -15.45
N LEU A 549 3.04 18.17 -15.24
CA LEU A 549 2.02 18.39 -14.22
C LEU A 549 1.85 17.11 -13.42
N ASP A 550 2.07 17.19 -12.11
CA ASP A 550 1.85 16.07 -11.21
C ASP A 550 0.58 16.33 -10.38
N ILE A 551 -0.49 15.58 -10.69
CA ILE A 551 -1.67 15.65 -9.83
C ILE A 551 -1.93 14.29 -9.19
N SER A 552 -0.87 13.53 -8.95
CA SER A 552 -0.99 12.23 -8.30
C SER A 552 -1.45 12.37 -6.84
N SER A 553 -2.10 11.32 -6.35
CA SER A 553 -2.52 11.26 -4.96
C SER A 553 -3.39 12.46 -4.60
N ASN A 554 -4.35 12.75 -5.49
CA ASN A 554 -5.44 13.66 -5.22
C ASN A 554 -6.74 12.86 -5.27
N SER A 555 -6.78 11.75 -4.54
CA SER A 555 -7.85 10.79 -4.72
C SER A 555 -9.16 11.21 -4.04
N HIS A 556 -9.12 12.10 -3.05
CA HIS A 556 -10.28 12.45 -2.21
C HIS A 556 -11.59 12.59 -2.99
N TYR A 557 -11.69 13.57 -3.89
CA TYR A 557 -12.96 13.77 -4.59
C TYR A 557 -13.24 12.67 -5.61
N PHE A 558 -12.23 11.88 -5.99
CA PHE A 558 -12.51 10.77 -6.89
C PHE A 558 -13.13 9.57 -6.15
N GLN A 559 -13.13 9.59 -4.82
CA GLN A 559 -13.56 8.47 -4.01
C GLN A 559 -15.04 8.55 -3.61
N SER A 560 -15.75 9.58 -4.02
CA SER A 560 -17.15 9.76 -3.64
C SER A 560 -18.00 9.71 -4.89
N GLU A 561 -19.05 8.88 -4.86
CA GLU A 561 -19.85 8.62 -6.05
C GLU A 561 -20.63 9.85 -6.48
N GLY A 562 -20.81 9.98 -7.80
CA GLY A 562 -21.73 10.97 -8.33
C GLY A 562 -21.15 12.34 -8.52
N ILE A 563 -19.87 12.54 -8.24
CA ILE A 563 -19.21 13.83 -8.36
C ILE A 563 -18.65 13.96 -9.76
N THR A 564 -18.75 15.16 -10.35
CA THR A 564 -18.29 15.38 -11.72
C THR A 564 -16.78 15.59 -11.73
N HIS A 565 -16.10 14.86 -12.62
CA HIS A 565 -14.67 14.98 -12.84
C HIS A 565 -14.47 15.16 -14.32
N MET A 566 -13.75 16.21 -14.68
CA MET A 566 -13.45 16.53 -16.07
C MET A 566 -12.00 16.15 -16.33
N LEU A 567 -11.80 14.94 -16.86
CA LEU A 567 -10.48 14.51 -17.29
C LEU A 567 -10.06 15.06 -18.65
N ASN A 568 -10.95 15.72 -19.41
CA ASN A 568 -10.48 16.34 -20.65
C ASN A 568 -9.81 17.70 -20.43
N PHE A 569 -9.45 18.04 -19.19
CA PHE A 569 -8.76 19.30 -18.93
C PHE A 569 -7.44 19.43 -19.68
N THR A 570 -6.94 18.36 -20.27
CA THR A 570 -5.63 18.41 -20.90
C THR A 570 -5.63 19.19 -22.24
N LYS A 571 -6.78 19.31 -22.92
CA LYS A 571 -6.83 19.99 -24.21
C LYS A 571 -6.20 21.37 -24.16
N ASN A 572 -6.36 22.08 -23.04
CA ASN A 572 -5.92 23.46 -22.95
C ASN A 572 -4.40 23.62 -22.80
N LEU A 573 -3.67 22.58 -22.40
CA LEU A 573 -2.26 22.74 -22.08
C LEU A 573 -1.43 22.46 -23.32
N LYS A 574 -1.06 23.52 -24.03
CA LYS A 574 -0.54 23.34 -25.39
C LYS A 574 0.90 22.89 -25.44
N VAL A 575 1.66 22.96 -24.36
CA VAL A 575 3.02 22.45 -24.41
C VAL A 575 3.25 21.34 -23.38
N LEU A 576 2.18 20.78 -22.83
CA LEU A 576 2.30 19.79 -21.77
C LEU A 576 2.91 18.51 -22.35
N GLN A 577 4.04 18.08 -21.77
CA GLN A 577 4.73 16.86 -22.18
C GLN A 577 4.30 15.66 -21.33
N LYS A 578 4.24 15.85 -20.01
CA LYS A 578 4.18 14.77 -19.05
C LYS A 578 3.08 15.05 -18.02
N LEU A 579 2.21 14.07 -17.84
CA LEU A 579 1.09 14.16 -16.90
C LEU A 579 1.15 12.96 -15.98
N MET A 580 1.25 13.20 -14.68
CA MET A 580 1.21 12.15 -13.68
C MET A 580 -0.09 12.27 -12.90
N MET A 581 -0.93 11.23 -12.97
CA MET A 581 -2.13 11.20 -12.16
C MET A 581 -2.28 9.82 -11.51
N ASN A 582 -1.20 9.39 -10.86
CA ASN A 582 -1.15 8.11 -10.16
C ASN A 582 -1.95 8.16 -8.86
N ASP A 583 -2.49 7.01 -8.47
CA ASP A 583 -3.02 6.81 -7.12
C ASP A 583 -4.16 7.79 -6.83
N ASN A 584 -4.99 8.03 -7.84
CA ASN A 584 -6.13 8.91 -7.69
C ASN A 584 -7.42 8.13 -7.53
N ASP A 585 -7.36 6.81 -7.64
CA ASP A 585 -8.53 5.98 -7.42
C ASP A 585 -9.63 6.32 -8.42
N ILE A 586 -9.25 6.74 -9.62
CA ILE A 586 -10.22 7.18 -10.61
C ILE A 586 -11.03 5.98 -11.08
N SER A 587 -12.34 6.02 -10.86
CA SER A 587 -13.23 4.94 -11.26
C SER A 587 -14.38 5.42 -12.11
N SER A 588 -14.45 6.72 -12.42
CA SER A 588 -15.56 7.37 -13.10
C SER A 588 -15.04 8.65 -13.74
N SER A 589 -15.64 9.05 -14.84
CA SER A 589 -15.24 10.30 -15.48
C SER A 589 -16.43 10.86 -16.27
N THR A 590 -16.70 12.15 -16.09
CA THR A 590 -17.78 12.77 -16.86
C THR A 590 -17.43 12.84 -18.33
N SER A 591 -16.20 13.23 -18.63
CA SER A 591 -15.73 13.23 -20.00
C SER A 591 -15.24 11.83 -20.39
N ARG A 592 -15.39 11.52 -21.66
CA ARG A 592 -15.10 10.17 -22.12
C ARG A 592 -13.77 10.08 -22.86
N THR A 593 -13.18 11.20 -23.25
CA THR A 593 -11.86 11.19 -23.87
C THR A 593 -11.00 12.28 -23.25
N MET A 594 -9.72 11.98 -23.14
CA MET A 594 -8.71 13.00 -22.88
C MET A 594 -8.06 13.37 -24.21
N GLU A 595 -7.71 14.65 -24.36
CA GLU A 595 -7.22 15.16 -25.63
C GLU A 595 -5.95 15.98 -25.41
N SER A 596 -4.95 15.74 -26.27
CA SER A 596 -3.75 16.55 -26.24
C SER A 596 -3.02 16.41 -27.57
N GLU A 597 -2.48 17.53 -28.05
CA GLU A 597 -1.59 17.52 -29.19
C GLU A 597 -0.14 17.39 -28.76
N SER A 598 0.16 17.60 -27.49
CA SER A 598 1.55 17.66 -27.06
C SER A 598 1.95 16.55 -26.11
N LEU A 599 1.00 15.95 -25.38
CA LEU A 599 1.33 15.04 -24.27
C LEU A 599 2.08 13.80 -24.76
N ARG A 600 3.26 13.57 -24.20
CA ARG A 600 4.04 12.38 -24.54
C ARG A 600 4.04 11.28 -23.48
N THR A 601 3.90 11.61 -22.20
CA THR A 601 3.97 10.61 -21.13
C THR A 601 2.78 10.80 -20.21
N LEU A 602 2.02 9.73 -19.98
CA LEU A 602 0.91 9.73 -19.05
C LEU A 602 1.09 8.61 -18.05
N GLU A 603 1.21 8.97 -16.78
CA GLU A 603 1.23 8.01 -15.69
C GLU A 603 -0.19 7.96 -15.09
N PHE A 604 -0.81 6.79 -15.17
CA PHE A 604 -2.20 6.59 -14.76
C PHE A 604 -2.33 5.38 -13.84
N ARG A 605 -1.31 5.17 -13.02
CA ARG A 605 -1.18 3.98 -12.20
C ARG A 605 -1.95 4.14 -10.89
N GLY A 606 -2.46 3.03 -10.34
CA GLY A 606 -3.23 3.19 -9.11
C GLY A 606 -4.59 3.83 -9.28
N ASN A 607 -5.35 3.43 -10.31
CA ASN A 607 -6.68 3.96 -10.53
C ASN A 607 -7.61 2.77 -10.81
N HIS A 608 -8.84 3.02 -11.25
CA HIS A 608 -9.72 1.89 -11.45
C HIS A 608 -10.21 1.79 -12.88
N LEU A 609 -9.27 1.66 -13.81
CA LEU A 609 -9.66 1.38 -15.19
C LEU A 609 -10.46 0.09 -15.29
N ASP A 610 -10.33 -0.82 -14.32
CA ASP A 610 -11.19 -2.00 -14.34
C ASP A 610 -12.66 -1.59 -14.29
N VAL A 611 -12.97 -0.54 -13.55
CA VAL A 611 -14.35 -0.09 -13.42
C VAL A 611 -14.79 0.73 -14.64
N LEU A 612 -13.95 1.65 -15.10
CA LEU A 612 -14.27 2.42 -16.30
C LEU A 612 -14.48 1.52 -17.51
N TRP A 613 -13.72 0.42 -17.60
CA TRP A 613 -13.80 -0.51 -18.72
C TRP A 613 -14.56 -1.79 -18.35
N ARG A 614 -15.57 -1.69 -17.48
CA ARG A 614 -16.38 -2.86 -17.13
C ARG A 614 -16.90 -3.53 -18.39
N ASP A 615 -16.80 -4.85 -18.43
CA ASP A 615 -17.24 -5.58 -19.62
C ASP A 615 -18.70 -5.25 -19.89
N GLY A 616 -18.97 -4.80 -21.11
CA GLY A 616 -20.28 -4.33 -21.50
C GLY A 616 -20.39 -2.83 -21.61
N ASP A 617 -19.51 -2.09 -20.94
CA ASP A 617 -19.50 -0.64 -21.00
C ASP A 617 -18.40 -0.20 -21.95
N ASN A 618 -18.81 0.38 -23.09
CA ASN A 618 -17.91 0.81 -24.14
C ASN A 618 -17.53 2.27 -24.07
N ARG A 619 -18.14 3.06 -23.17
CA ARG A 619 -18.01 4.51 -23.25
C ARG A 619 -16.57 5.00 -23.07
N TYR A 620 -15.74 4.31 -22.30
CA TYR A 620 -14.40 4.82 -22.01
C TYR A 620 -13.30 4.07 -22.72
N LEU A 621 -13.61 3.27 -23.76
CA LEU A 621 -12.57 2.49 -24.42
C LEU A 621 -11.64 3.33 -25.32
N GLN A 622 -11.91 4.62 -25.51
CA GLN A 622 -10.99 5.49 -26.22
C GLN A 622 -10.60 6.68 -25.38
N LEU A 623 -10.46 6.42 -24.06
CA LEU A 623 -10.10 7.47 -23.12
C LEU A 623 -8.79 8.15 -23.50
N PHE A 624 -7.81 7.38 -23.98
CA PHE A 624 -6.49 7.89 -24.31
C PHE A 624 -6.27 8.06 -25.81
N LYS A 625 -7.25 7.70 -26.64
CA LYS A 625 -7.06 7.65 -28.09
C LYS A 625 -6.63 8.98 -28.69
N ASN A 626 -7.16 10.09 -28.19
CA ASN A 626 -6.83 11.39 -28.75
C ASN A 626 -5.69 12.07 -28.01
N LEU A 627 -4.85 11.31 -27.30
CA LEU A 627 -3.56 11.81 -26.85
C LEU A 627 -2.57 11.48 -27.96
N LEU A 628 -2.61 12.31 -29.02
CA LEU A 628 -2.07 11.88 -30.31
C LEU A 628 -0.57 11.70 -30.27
N LYS A 629 0.14 12.44 -29.44
CA LYS A 629 1.58 12.29 -29.43
C LYS A 629 2.06 11.40 -28.29
N LEU A 630 1.16 10.66 -27.64
CA LEU A 630 1.52 9.88 -26.48
C LEU A 630 2.43 8.71 -26.85
N GLU A 631 3.57 8.61 -26.19
CA GLU A 631 4.48 7.50 -26.42
C GLU A 631 4.59 6.55 -25.24
N GLU A 632 4.34 7.02 -24.02
CA GLU A 632 4.54 6.25 -22.80
C GLU A 632 3.26 6.27 -21.97
N LEU A 633 2.72 5.10 -21.66
CA LEU A 633 1.53 4.98 -20.84
C LEU A 633 1.75 3.94 -19.75
N ASP A 634 1.62 4.36 -18.49
CA ASP A 634 1.68 3.46 -17.33
C ASP A 634 0.27 3.28 -16.80
N ILE A 635 -0.33 2.11 -17.05
CA ILE A 635 -1.63 1.81 -16.46
C ILE A 635 -1.51 0.53 -15.65
N SER A 636 -0.38 0.39 -14.98
CA SER A 636 -0.21 -0.65 -13.97
C SER A 636 -1.13 -0.39 -12.79
N LYS A 637 -1.32 -1.42 -11.96
CA LYS A 637 -2.05 -1.28 -10.69
C LYS A 637 -3.40 -0.62 -10.93
N ASN A 638 -4.12 -1.15 -11.90
CA ASN A 638 -5.48 -0.70 -12.17
C ASN A 638 -6.47 -1.84 -12.04
N SER A 639 -6.08 -2.91 -11.35
CA SER A 639 -6.96 -4.07 -11.12
C SER A 639 -7.47 -4.65 -12.41
N LEU A 640 -6.70 -4.56 -13.49
CA LEU A 640 -7.15 -5.08 -14.78
C LEU A 640 -6.86 -6.58 -14.83
N SER A 641 -7.78 -7.37 -14.29
CA SER A 641 -7.63 -8.82 -14.31
C SER A 641 -7.83 -9.41 -15.69
N PHE A 642 -8.55 -8.70 -16.58
CA PHE A 642 -8.62 -9.01 -18.00
C PHE A 642 -8.67 -7.67 -18.72
N LEU A 643 -8.48 -7.69 -20.03
CA LEU A 643 -8.59 -6.47 -20.82
C LEU A 643 -9.77 -6.57 -21.76
N PRO A 644 -10.78 -5.73 -21.62
CA PRO A 644 -11.91 -5.79 -22.54
C PRO A 644 -11.45 -5.55 -23.96
N SER A 645 -12.08 -6.27 -24.91
CA SER A 645 -11.77 -6.01 -26.32
C SER A 645 -12.13 -4.59 -26.65
N GLY A 646 -11.25 -3.92 -27.40
CA GLY A 646 -11.40 -2.51 -27.72
C GLY A 646 -10.37 -1.64 -27.04
N VAL A 647 -9.70 -2.14 -26.00
CA VAL A 647 -8.68 -1.36 -25.31
C VAL A 647 -7.49 -1.08 -26.22
N PHE A 648 -7.00 -2.08 -26.95
CA PHE A 648 -5.81 -1.86 -27.76
C PHE A 648 -6.13 -1.02 -28.99
N ASP A 649 -7.26 -1.31 -29.65
CA ASP A 649 -7.73 -0.45 -30.73
C ASP A 649 -7.91 0.99 -30.29
N GLY A 650 -8.32 1.21 -29.04
CA GLY A 650 -8.49 2.54 -28.51
C GLY A 650 -7.24 3.25 -28.08
N MET A 651 -6.07 2.62 -28.11
CA MET A 651 -4.85 3.30 -27.70
C MET A 651 -4.43 4.31 -28.77
N PRO A 652 -3.77 5.40 -28.39
CA PRO A 652 -3.33 6.38 -29.38
C PRO A 652 -2.26 5.78 -30.29
N PRO A 653 -2.08 6.33 -31.50
CA PRO A 653 -1.35 5.58 -32.54
C PRO A 653 0.15 5.49 -32.33
N ASN A 654 0.75 6.34 -31.51
CA ASN A 654 2.21 6.33 -31.36
C ASN A 654 2.68 5.70 -30.07
N LEU A 655 1.82 4.98 -29.37
CA LEU A 655 2.22 4.37 -28.10
C LEU A 655 3.39 3.42 -28.34
N LYS A 656 4.49 3.64 -27.63
CA LYS A 656 5.62 2.72 -27.74
C LYS A 656 5.94 2.00 -26.44
N ASN A 657 5.64 2.58 -25.29
CA ASN A 657 5.99 1.99 -24.00
C ASN A 657 4.74 1.90 -23.12
N LEU A 658 4.27 0.67 -22.89
CA LEU A 658 3.02 0.39 -22.19
C LEU A 658 3.28 -0.53 -21.02
N SER A 659 2.87 -0.13 -19.83
CA SER A 659 2.95 -0.97 -18.65
C SER A 659 1.56 -1.41 -18.22
N LEU A 660 1.36 -2.72 -18.13
CA LEU A 660 0.18 -3.31 -17.53
C LEU A 660 0.58 -4.12 -16.32
N ALA A 661 1.66 -3.72 -15.67
CA ALA A 661 2.20 -4.46 -14.55
C ALA A 661 1.23 -4.40 -13.35
N LYS A 662 1.30 -5.44 -12.51
CA LYS A 662 0.62 -5.45 -11.19
C LYS A 662 -0.89 -5.22 -11.33
N ASN A 663 -1.49 -5.96 -12.26
CA ASN A 663 -2.92 -5.88 -12.50
C ASN A 663 -3.67 -7.14 -12.10
N GLY A 664 -2.99 -8.19 -11.69
CA GLY A 664 -3.64 -9.48 -11.58
C GLY A 664 -4.18 -9.95 -12.90
N LEU A 665 -3.51 -9.60 -14.00
CA LEU A 665 -3.90 -10.10 -15.31
C LEU A 665 -3.89 -11.63 -15.33
N LYS A 666 -5.03 -12.23 -15.60
CA LYS A 666 -5.08 -13.68 -15.67
C LYS A 666 -5.14 -14.20 -17.08
N SER A 667 -5.32 -13.32 -18.05
CA SER A 667 -5.36 -13.76 -19.44
C SER A 667 -5.01 -12.57 -20.31
N PHE A 668 -4.62 -12.87 -21.54
CA PHE A 668 -4.09 -11.82 -22.41
C PHE A 668 -4.15 -12.34 -23.84
N ILE A 669 -4.96 -11.69 -24.68
CA ILE A 669 -5.06 -12.03 -26.11
C ILE A 669 -3.87 -11.38 -26.80
N TRP A 670 -2.75 -12.10 -26.93
CA TRP A 670 -1.53 -11.54 -27.50
C TRP A 670 -1.74 -10.99 -28.91
N GLU A 671 -2.66 -11.59 -29.67
CA GLU A 671 -2.93 -11.13 -31.03
C GLU A 671 -3.30 -9.65 -31.04
N LYS A 672 -3.95 -9.15 -29.99
CA LYS A 672 -4.36 -7.75 -30.03
C LYS A 672 -3.20 -6.78 -30.07
N LEU A 673 -1.98 -7.21 -29.78
CA LEU A 673 -0.85 -6.30 -29.88
C LEU A 673 -0.67 -5.77 -31.29
N ARG A 674 -1.21 -6.48 -32.28
CA ARG A 674 -1.17 -6.02 -33.66
C ARG A 674 -1.69 -4.60 -33.84
N TYR A 675 -2.66 -4.16 -33.03
CA TYR A 675 -3.15 -2.78 -33.12
C TYR A 675 -2.11 -1.75 -32.71
N LEU A 676 -1.12 -2.14 -31.89
CA LEU A 676 -0.14 -1.22 -31.33
C LEU A 676 1.09 -1.17 -32.24
N LYS A 677 0.91 -0.50 -33.37
CA LYS A 677 1.90 -0.64 -34.44
C LYS A 677 3.24 0.03 -34.14
N ASN A 678 3.35 0.81 -33.07
CA ASN A 678 4.64 1.37 -32.69
C ASN A 678 5.13 0.87 -31.33
N LEU A 679 4.53 -0.19 -30.82
CA LEU A 679 4.88 -0.70 -29.50
C LEU A 679 6.30 -1.21 -29.50
N GLU A 680 7.11 -0.71 -28.57
CA GLU A 680 8.47 -1.20 -28.40
C GLU A 680 8.71 -1.89 -27.07
N THR A 681 8.11 -1.42 -25.98
CA THR A 681 8.23 -2.00 -24.66
C THR A 681 6.86 -2.40 -24.12
N LEU A 682 6.71 -3.65 -23.71
CA LEU A 682 5.48 -4.14 -23.10
C LEU A 682 5.86 -4.70 -21.73
N ASP A 683 5.39 -4.05 -20.66
CA ASP A 683 5.67 -4.47 -19.29
C ASP A 683 4.43 -5.19 -18.75
N LEU A 684 4.56 -6.51 -18.58
CA LEU A 684 3.48 -7.34 -18.04
C LEU A 684 3.89 -7.99 -16.73
N SER A 685 4.92 -7.47 -16.08
CA SER A 685 5.45 -8.07 -14.87
C SER A 685 4.39 -8.11 -13.77
N HIS A 686 4.60 -9.03 -12.82
CA HIS A 686 3.76 -9.15 -11.61
C HIS A 686 2.28 -9.28 -11.98
N ASN A 687 1.97 -10.32 -12.74
CA ASN A 687 0.59 -10.59 -13.09
C ASN A 687 0.40 -12.08 -12.87
N GLN A 688 -0.62 -12.65 -13.54
CA GLN A 688 -0.98 -14.06 -13.36
C GLN A 688 -1.04 -14.79 -14.69
N LEU A 689 -0.18 -14.42 -15.65
CA LEU A 689 -0.22 -15.07 -16.96
C LEU A 689 0.36 -16.48 -16.86
N THR A 690 -0.26 -17.41 -17.58
CA THR A 690 0.22 -18.79 -17.64
C THR A 690 0.80 -19.22 -18.99
N THR A 691 0.54 -18.48 -20.08
CA THR A 691 1.10 -18.86 -21.37
C THR A 691 1.63 -17.61 -22.06
N VAL A 692 2.55 -17.85 -23.01
CA VAL A 692 3.09 -16.84 -23.92
C VAL A 692 2.54 -17.13 -25.31
N PRO A 693 2.60 -16.20 -26.28
CA PRO A 693 2.01 -16.47 -27.58
C PRO A 693 2.75 -17.56 -28.32
N GLU A 694 2.00 -18.25 -29.21
CA GLU A 694 2.59 -19.31 -30.02
C GLU A 694 3.73 -18.78 -30.88
N ARG A 695 3.55 -17.60 -31.47
CA ARG A 695 4.62 -16.96 -32.24
C ARG A 695 4.56 -15.47 -31.96
N LEU A 696 5.52 -14.98 -31.17
CA LEU A 696 5.52 -13.57 -30.80
C LEU A 696 5.68 -12.65 -32.00
N SER A 697 6.40 -13.10 -33.04
CA SER A 697 6.56 -12.26 -34.23
C SER A 697 5.22 -11.99 -34.91
N ASN A 698 4.27 -12.93 -34.83
CA ASN A 698 2.97 -12.78 -35.46
C ASN A 698 2.04 -11.86 -34.67
N CYS A 699 2.46 -11.37 -33.50
CA CYS A 699 1.66 -10.51 -32.63
C CYS A 699 2.09 -9.06 -32.68
N SER A 700 3.37 -8.82 -32.85
CA SER A 700 3.91 -7.47 -32.88
C SER A 700 5.20 -7.54 -33.66
N ARG A 701 5.27 -6.77 -34.75
CA ARG A 701 6.44 -6.63 -35.57
C ARG A 701 7.40 -5.59 -35.05
N SER A 702 7.01 -4.85 -34.01
CA SER A 702 7.76 -3.74 -33.48
C SER A 702 8.35 -4.00 -32.11
N LEU A 703 7.82 -4.99 -31.39
CA LEU A 703 8.17 -5.18 -29.99
C LEU A 703 9.66 -5.48 -29.83
N LYS A 704 10.33 -4.68 -29.00
CA LYS A 704 11.73 -4.84 -28.66
C LYS A 704 11.97 -5.36 -27.26
N ASN A 705 11.14 -4.95 -26.29
CA ASN A 705 11.34 -5.26 -24.88
C ASN A 705 10.08 -5.89 -24.30
N LEU A 706 10.21 -7.13 -23.86
CA LEU A 706 9.07 -7.91 -23.36
C LEU A 706 9.39 -8.30 -21.94
N ILE A 707 8.69 -7.68 -20.98
CA ILE A 707 8.90 -7.97 -19.56
C ILE A 707 7.77 -8.85 -19.09
N LEU A 708 8.09 -10.10 -18.77
CA LEU A 708 7.12 -11.07 -18.27
C LEU A 708 7.47 -11.57 -16.87
N LYS A 709 8.32 -10.86 -16.14
CA LYS A 709 8.77 -11.37 -14.86
C LYS A 709 7.63 -11.42 -13.84
N ASN A 710 7.72 -12.40 -12.92
CA ASN A 710 6.77 -12.57 -11.83
C ASN A 710 5.37 -12.88 -12.36
N ASN A 711 5.28 -13.92 -13.18
CA ASN A 711 4.01 -14.45 -13.58
C ASN A 711 3.99 -15.94 -13.25
N GLN A 712 3.11 -16.69 -13.87
CA GLN A 712 2.88 -18.08 -13.52
C GLN A 712 3.21 -18.99 -14.70
N ILE A 713 4.13 -18.58 -15.55
CA ILE A 713 4.36 -19.29 -16.81
C ILE A 713 5.13 -20.58 -16.53
N ARG A 714 4.57 -21.69 -16.98
CA ARG A 714 5.14 -23.00 -16.71
C ARG A 714 5.87 -23.59 -17.90
N SER A 715 5.54 -23.14 -19.12
CA SER A 715 6.23 -23.60 -20.31
C SER A 715 6.11 -22.58 -21.44
N LEU A 716 7.06 -22.63 -22.36
CA LEU A 716 7.03 -21.77 -23.54
C LEU A 716 6.45 -22.53 -24.72
N THR A 717 5.85 -21.80 -25.65
CA THR A 717 5.29 -22.42 -26.84
C THR A 717 6.41 -22.92 -27.74
N LYS A 718 6.08 -23.88 -28.60
CA LYS A 718 7.10 -24.54 -29.40
C LYS A 718 7.95 -23.57 -30.21
N TYR A 719 7.34 -22.53 -30.78
CA TYR A 719 8.05 -21.62 -31.68
C TYR A 719 8.01 -20.17 -31.22
N PHE A 720 7.87 -19.98 -29.90
CA PHE A 720 7.75 -18.71 -29.21
C PHE A 720 8.47 -17.57 -29.92
N LEU A 721 9.81 -17.63 -30.03
CA LEU A 721 10.56 -16.49 -30.54
C LEU A 721 10.92 -16.61 -32.01
N GLN A 722 10.30 -17.54 -32.74
CA GLN A 722 10.66 -17.73 -34.12
C GLN A 722 10.48 -16.45 -34.96
N ASP A 723 11.58 -15.98 -35.57
CA ASP A 723 11.59 -14.84 -36.48
C ASP A 723 11.22 -13.53 -35.79
N ALA A 724 11.41 -13.46 -34.47
CA ALA A 724 11.14 -12.22 -33.73
C ALA A 724 12.38 -11.33 -33.84
N PHE A 725 12.58 -10.79 -35.04
CA PHE A 725 13.86 -10.16 -35.34
C PHE A 725 14.05 -8.86 -34.57
N GLN A 726 12.95 -8.19 -34.14
CA GLN A 726 13.15 -6.96 -33.38
C GLN A 726 13.26 -7.15 -31.88
N LEU A 727 13.15 -8.38 -31.36
CA LEU A 727 13.32 -8.60 -29.93
C LEU A 727 14.75 -8.29 -29.50
N ARG A 728 14.88 -7.52 -28.41
CA ARG A 728 16.16 -7.16 -27.85
C ARG A 728 16.28 -7.46 -26.38
N TYR A 729 15.17 -7.56 -25.66
CA TYR A 729 15.18 -7.70 -24.21
C TYR A 729 13.99 -8.55 -23.79
N LEU A 730 14.26 -9.60 -23.02
CA LEU A 730 13.23 -10.58 -22.68
C LEU A 730 13.47 -11.02 -21.24
N ASP A 731 12.54 -10.68 -20.35
CA ASP A 731 12.61 -11.05 -18.95
C ASP A 731 11.57 -12.11 -18.71
N LEU A 732 12.03 -13.33 -18.49
CA LEU A 732 11.14 -14.42 -18.11
C LEU A 732 11.39 -14.87 -16.68
N SER A 733 12.04 -14.05 -15.88
CA SER A 733 12.42 -14.49 -14.54
C SER A 733 11.20 -14.56 -13.61
N SER A 734 11.36 -15.29 -12.51
CA SER A 734 10.34 -15.45 -11.48
C SER A 734 9.04 -15.96 -12.10
N ASN A 735 9.16 -17.07 -12.81
CA ASN A 735 8.00 -17.80 -13.32
C ASN A 735 8.16 -19.24 -12.82
N LYS A 736 7.50 -20.18 -13.48
CA LYS A 736 7.60 -21.57 -13.07
C LYS A 736 8.01 -22.47 -14.23
N ILE A 737 8.91 -21.99 -15.09
CA ILE A 737 9.28 -22.74 -16.29
C ILE A 737 10.13 -23.95 -15.93
N GLN A 738 9.79 -25.12 -16.48
CA GLN A 738 10.58 -26.32 -16.23
C GLN A 738 11.57 -26.64 -17.34
N MET A 739 11.21 -26.38 -18.59
CA MET A 739 11.95 -26.82 -19.73
C MET A 739 11.96 -25.72 -20.76
N ILE A 740 13.07 -25.59 -21.48
CA ILE A 740 13.13 -24.74 -22.65
C ILE A 740 13.81 -25.55 -23.75
N GLN A 741 13.18 -25.63 -24.91
CA GLN A 741 13.72 -26.32 -26.09
C GLN A 741 14.17 -25.32 -27.14
N LYS A 742 15.09 -25.80 -28.01
CA LYS A 742 15.73 -24.95 -29.00
C LYS A 742 14.73 -24.30 -29.96
N THR A 743 13.64 -24.99 -30.28
CA THR A 743 12.65 -24.43 -31.18
C THR A 743 12.09 -23.12 -30.64
N SER A 744 11.91 -23.02 -29.31
CA SER A 744 11.38 -21.79 -28.72
C SER A 744 12.37 -20.63 -28.78
N PHE A 745 13.66 -20.94 -28.78
CA PHE A 745 14.74 -19.95 -28.62
C PHE A 745 15.70 -20.02 -29.82
N PRO A 746 15.25 -19.66 -31.03
CA PRO A 746 16.14 -19.78 -32.18
C PRO A 746 17.36 -18.88 -32.03
N GLU A 747 18.49 -19.37 -32.53
CA GLU A 747 19.75 -18.71 -32.21
C GLU A 747 19.90 -17.38 -32.95
N ASN A 748 19.27 -17.21 -34.12
CA ASN A 748 19.33 -15.91 -34.76
C ASN A 748 18.54 -14.84 -34.01
N VAL A 749 17.60 -15.24 -33.16
CA VAL A 749 16.95 -14.26 -32.29
C VAL A 749 17.77 -14.04 -31.02
N LEU A 750 18.28 -15.11 -30.39
CA LEU A 750 19.02 -14.94 -29.15
C LEU A 750 20.26 -14.07 -29.32
N ASN A 751 20.87 -14.08 -30.52
CA ASN A 751 22.12 -13.33 -30.74
C ASN A 751 21.90 -11.83 -30.81
N ASN A 752 20.66 -11.36 -31.03
CA ASN A 752 20.35 -9.94 -30.95
C ASN A 752 20.02 -9.49 -29.53
N LEU A 753 19.93 -10.41 -28.57
CA LEU A 753 19.38 -10.06 -27.27
C LEU A 753 20.44 -9.32 -26.48
N LYS A 754 20.17 -8.06 -26.14
CA LYS A 754 21.01 -7.38 -25.17
C LYS A 754 20.95 -8.08 -23.83
N MET A 755 19.81 -8.67 -23.48
CA MET A 755 19.70 -9.32 -22.19
C MET A 755 18.53 -10.29 -22.21
N LEU A 756 18.70 -11.40 -21.50
CA LEU A 756 17.69 -12.45 -21.38
C LEU A 756 17.72 -12.92 -19.94
N LEU A 757 16.63 -12.67 -19.22
CA LEU A 757 16.52 -12.97 -17.79
C LEU A 757 15.75 -14.29 -17.63
N LEU A 758 16.35 -15.23 -16.90
CA LEU A 758 15.74 -16.54 -16.71
C LEU A 758 15.78 -17.00 -15.27
N HIS A 759 16.23 -16.18 -14.34
CA HIS A 759 16.48 -16.66 -13.00
C HIS A 759 15.18 -16.87 -12.22
N HIS A 760 15.25 -17.76 -11.24
CA HIS A 760 14.14 -18.05 -10.35
C HIS A 760 12.97 -18.65 -11.11
N ASN A 761 13.24 -19.73 -11.84
CA ASN A 761 12.20 -20.54 -12.47
C ASN A 761 12.20 -21.90 -11.76
N ARG A 762 11.63 -22.93 -12.38
CA ARG A 762 11.70 -24.24 -11.73
C ARG A 762 12.28 -25.30 -12.68
N PHE A 763 13.52 -25.04 -13.10
CA PHE A 763 14.18 -25.82 -14.15
C PHE A 763 14.41 -27.27 -13.75
N LEU A 764 14.10 -28.18 -14.67
CA LEU A 764 14.21 -29.60 -14.43
C LEU A 764 15.42 -30.14 -15.18
N CYS A 765 16.39 -30.65 -14.44
CA CYS A 765 17.70 -30.94 -15.02
C CYS A 765 17.88 -32.43 -15.31
N THR A 766 16.95 -32.94 -16.10
CA THR A 766 17.03 -34.28 -16.64
C THR A 766 17.66 -34.26 -18.03
N CYS A 767 17.81 -35.45 -18.58
CA CYS A 767 18.38 -35.58 -19.90
C CYS A 767 17.51 -34.92 -20.97
N ASP A 768 16.24 -34.63 -20.68
CA ASP A 768 15.49 -33.89 -21.69
C ASP A 768 15.93 -32.43 -21.79
N ALA A 769 16.74 -31.96 -20.84
CA ALA A 769 17.16 -30.57 -20.76
C ALA A 769 18.55 -30.33 -21.33
N VAL A 770 19.09 -31.28 -22.10
CA VAL A 770 20.50 -31.21 -22.47
C VAL A 770 20.79 -29.98 -23.33
N TRP A 771 19.89 -29.64 -24.26
CA TRP A 771 20.12 -28.46 -25.06
C TRP A 771 20.20 -27.21 -24.19
N PHE A 772 19.23 -27.05 -23.29
CA PHE A 772 19.16 -25.83 -22.51
C PHE A 772 20.37 -25.69 -21.61
N VAL A 773 20.76 -26.76 -20.92
CA VAL A 773 21.94 -26.71 -20.05
C VAL A 773 23.18 -26.36 -20.87
N TRP A 774 23.38 -27.05 -22.00
CA TRP A 774 24.54 -26.77 -22.84
C TRP A 774 24.53 -25.31 -23.32
N TRP A 775 23.37 -24.83 -23.78
CA TRP A 775 23.29 -23.46 -24.30
C TRP A 775 23.60 -22.43 -23.23
N VAL A 776 23.01 -22.58 -22.03
CA VAL A 776 23.25 -21.63 -20.94
C VAL A 776 24.72 -21.59 -20.58
N GLN A 777 25.41 -22.71 -20.67
CA GLN A 777 26.81 -22.77 -20.29
C GLN A 777 27.73 -22.13 -21.33
N HIS A 778 27.33 -22.15 -22.61
CA HIS A 778 28.21 -21.75 -23.69
C HIS A 778 27.80 -20.45 -24.38
N THR A 779 26.75 -19.79 -23.92
CA THR A 779 26.21 -18.64 -24.63
C THR A 779 26.92 -17.34 -24.24
N GLU A 780 27.03 -16.45 -25.23
CA GLU A 780 27.50 -15.09 -25.02
C GLU A 780 26.42 -14.18 -24.46
N VAL A 781 25.14 -14.53 -24.68
CA VAL A 781 24.01 -13.70 -24.28
C VAL A 781 24.11 -13.37 -22.79
N THR A 782 23.79 -12.13 -22.43
CA THR A 782 23.83 -11.74 -21.02
C THR A 782 22.65 -12.34 -20.27
N ILE A 783 22.95 -13.04 -19.18
CA ILE A 783 21.95 -13.67 -18.32
C ILE A 783 22.35 -13.43 -16.88
N PRO A 784 21.72 -12.50 -16.19
CA PRO A 784 22.12 -12.23 -14.81
C PRO A 784 21.78 -13.39 -13.89
N TYR A 785 22.55 -13.48 -12.80
CA TYR A 785 22.35 -14.42 -11.70
C TYR A 785 22.59 -15.89 -12.05
N LEU A 786 23.40 -16.19 -13.07
CA LEU A 786 23.74 -17.60 -13.31
C LEU A 786 24.41 -18.24 -12.08
N ALA A 787 25.18 -17.47 -11.32
CA ALA A 787 25.84 -17.99 -10.13
C ALA A 787 24.88 -18.15 -8.97
N THR A 788 23.79 -17.40 -8.96
CA THR A 788 22.96 -17.21 -7.78
C THR A 788 21.57 -17.79 -7.90
N ASP A 789 20.93 -17.72 -9.08
CA ASP A 789 19.50 -18.00 -9.11
C ASP A 789 19.06 -18.59 -10.44
N VAL A 790 19.90 -19.37 -11.10
CA VAL A 790 19.50 -20.14 -12.27
C VAL A 790 19.82 -21.60 -11.94
N THR A 791 18.82 -22.31 -11.44
CA THR A 791 19.02 -23.44 -10.56
C THR A 791 18.09 -24.58 -10.92
N CYS A 792 18.57 -25.81 -10.74
CA CYS A 792 17.72 -26.98 -10.87
C CYS A 792 16.85 -27.12 -9.64
N VAL A 793 15.58 -27.42 -9.83
CA VAL A 793 14.76 -27.87 -8.70
C VAL A 793 14.76 -29.38 -8.58
N GLY A 794 15.24 -30.09 -9.59
CA GLY A 794 15.30 -31.53 -9.57
C GLY A 794 16.00 -32.03 -10.81
N PRO A 795 16.14 -33.37 -10.95
CA PRO A 795 15.64 -34.43 -10.08
C PRO A 795 16.53 -34.75 -8.88
N GLY A 796 15.94 -34.74 -7.68
CA GLY A 796 16.58 -35.08 -6.42
C GLY A 796 18.09 -34.88 -6.35
N ALA A 797 18.82 -35.71 -7.11
CA ALA A 797 20.27 -35.62 -7.22
C ALA A 797 20.75 -34.18 -7.38
N HIS A 798 20.16 -33.47 -8.34
CA HIS A 798 20.58 -32.13 -8.73
C HIS A 798 19.87 -31.00 -7.99
N LYS A 799 19.01 -31.31 -7.03
CA LYS A 799 18.22 -30.26 -6.41
C LYS A 799 19.12 -29.18 -5.81
N GLY A 800 18.78 -27.93 -6.08
CA GLY A 800 19.55 -26.80 -5.61
C GLY A 800 20.84 -26.51 -6.34
N GLN A 801 21.18 -27.27 -7.37
CA GLN A 801 22.43 -27.07 -8.09
C GLN A 801 22.27 -26.04 -9.21
N SER A 802 23.34 -25.29 -9.48
CA SER A 802 23.29 -24.32 -10.57
C SER A 802 23.39 -25.04 -11.91
N VAL A 803 22.59 -24.62 -12.89
CA VAL A 803 22.68 -25.28 -14.19
C VAL A 803 23.99 -24.95 -14.88
N ILE A 804 24.62 -23.82 -14.54
CA ILE A 804 25.92 -23.47 -15.15
C ILE A 804 26.97 -24.52 -14.81
N SER A 805 26.88 -25.11 -13.61
CA SER A 805 27.84 -26.11 -13.13
C SER A 805 27.45 -27.55 -13.46
N LEU A 806 26.34 -27.76 -14.16
CA LEU A 806 25.76 -29.09 -14.23
C LEU A 806 26.48 -29.92 -15.29
N ASP A 807 26.81 -31.18 -14.95
CA ASP A 807 27.53 -32.07 -15.86
C ASP A 807 26.57 -33.16 -16.30
N LEU A 808 26.26 -33.20 -17.60
CA LEU A 808 25.24 -34.12 -18.11
C LEU A 808 25.81 -35.23 -18.98
N TYR A 809 27.07 -35.62 -18.74
CA TYR A 809 27.72 -36.61 -19.60
C TYR A 809 26.99 -37.95 -19.58
N THR A 810 26.36 -38.32 -18.47
CA THR A 810 25.66 -39.60 -18.42
C THR A 810 24.57 -39.70 -19.47
N CYS A 811 24.08 -38.57 -19.97
CA CYS A 811 23.11 -38.56 -21.06
C CYS A 811 23.74 -38.85 -22.43
N GLU A 812 25.07 -39.05 -22.52
CA GLU A 812 25.72 -39.32 -23.80
C GLU A 812 26.57 -40.58 -23.82
N LEU A 813 26.37 -41.52 -22.88
CA LEU A 813 27.28 -42.67 -22.79
C LEU A 813 27.18 -43.58 -24.01
N ALA B 5 -10.22 -42.10 14.48
CA ALA B 5 -11.44 -41.70 15.15
C ALA B 5 -12.66 -41.81 14.23
N ARG B 6 -12.44 -42.02 12.93
CA ARG B 6 -13.48 -42.35 11.96
C ARG B 6 -13.17 -43.69 11.31
N TRP B 7 -14.19 -44.49 11.07
CA TRP B 7 -13.97 -45.75 10.35
C TRP B 7 -14.00 -45.61 8.84
N PHE B 8 -14.64 -44.56 8.30
CA PHE B 8 -14.77 -44.40 6.85
C PHE B 8 -14.47 -42.96 6.45
N PRO B 9 -13.27 -42.69 5.89
CA PRO B 9 -12.92 -41.31 5.53
C PRO B 9 -13.94 -40.72 4.57
N LYS B 10 -14.22 -39.43 4.74
CA LYS B 10 -15.08 -38.77 3.77
C LYS B 10 -14.19 -38.29 2.62
N THR B 11 -14.57 -38.66 1.41
CA THR B 11 -13.80 -38.38 0.22
C THR B 11 -14.54 -37.43 -0.69
N LEU B 12 -15.83 -37.24 -0.45
CA LEU B 12 -16.65 -36.31 -1.21
C LEU B 12 -16.09 -34.91 -1.09
N PRO B 13 -15.89 -34.19 -2.22
CA PRO B 13 -15.26 -32.87 -2.17
C PRO B 13 -16.23 -31.78 -1.75
N CYS B 14 -17.20 -32.12 -0.92
CA CYS B 14 -18.23 -31.18 -0.51
C CYS B 14 -18.36 -31.22 1.01
N ASP B 15 -18.66 -30.07 1.58
CA ASP B 15 -18.99 -30.03 2.98
C ASP B 15 -20.37 -30.66 3.17
N VAL B 16 -20.49 -31.58 4.12
CA VAL B 16 -21.76 -32.23 4.44
C VAL B 16 -22.14 -31.83 5.85
N THR B 17 -23.40 -31.44 6.04
CA THR B 17 -23.87 -30.97 7.33
C THR B 17 -25.23 -31.57 7.65
N LEU B 18 -25.45 -31.87 8.93
CA LEU B 18 -26.71 -32.42 9.42
C LEU B 18 -27.38 -31.40 10.32
N ASP B 19 -28.61 -31.02 9.96
CA ASP B 19 -29.49 -30.27 10.84
C ASP B 19 -30.64 -31.23 11.14
N VAL B 20 -30.42 -32.09 12.15
CA VAL B 20 -31.30 -33.23 12.37
C VAL B 20 -32.67 -32.75 12.81
N SER B 21 -32.74 -31.60 13.49
CA SER B 21 -34.01 -31.02 13.89
C SER B 21 -34.94 -30.87 12.69
N LYS B 22 -34.51 -30.17 11.62
CA LYS B 22 -35.39 -30.15 10.47
C LYS B 22 -35.09 -31.26 9.49
N ASN B 23 -34.41 -32.31 9.95
CA ASN B 23 -34.00 -33.39 9.10
C ASN B 23 -33.51 -32.92 7.72
N HIS B 24 -32.55 -32.01 7.80
CA HIS B 24 -31.87 -31.51 6.62
C HIS B 24 -30.46 -32.11 6.53
N VAL B 25 -30.13 -32.65 5.38
CA VAL B 25 -28.79 -33.08 5.04
C VAL B 25 -28.28 -32.08 4.02
N ILE B 26 -27.36 -31.22 4.44
CA ILE B 26 -26.91 -30.10 3.61
C ILE B 26 -25.57 -30.47 3.00
N VAL B 27 -25.51 -30.50 1.67
CA VAL B 27 -24.30 -30.86 0.95
C VAL B 27 -23.92 -29.67 0.09
N ASP B 28 -22.82 -29.00 0.44
CA ASP B 28 -22.36 -27.78 -0.20
C ASP B 28 -21.08 -28.06 -0.98
N CYS B 29 -21.19 -28.08 -2.32
CA CYS B 29 -20.04 -28.19 -3.20
C CYS B 29 -19.72 -26.87 -3.90
N THR B 30 -19.95 -25.75 -3.23
CA THR B 30 -19.66 -24.47 -3.87
C THR B 30 -18.17 -24.37 -4.19
N ASP B 31 -17.87 -24.03 -5.44
CA ASP B 31 -16.53 -23.66 -5.87
C ASP B 31 -15.51 -24.77 -5.60
N LYS B 32 -15.73 -25.92 -6.23
CA LYS B 32 -14.85 -27.07 -6.09
C LYS B 32 -14.29 -27.53 -7.44
N HIS B 33 -14.28 -26.66 -8.44
CA HIS B 33 -13.69 -26.97 -9.75
C HIS B 33 -14.19 -28.31 -10.26
N LEU B 34 -15.48 -28.55 -10.05
CA LEU B 34 -16.09 -29.81 -10.45
C LEU B 34 -16.53 -29.71 -11.89
N THR B 35 -16.26 -30.77 -12.66
CA THR B 35 -16.75 -30.94 -14.02
C THR B 35 -17.84 -31.98 -14.15
N GLU B 36 -18.18 -32.67 -13.06
CA GLU B 36 -19.32 -33.59 -13.03
C GLU B 36 -19.89 -33.55 -11.63
N ILE B 37 -21.14 -33.95 -11.48
CA ILE B 37 -21.69 -34.08 -10.14
C ILE B 37 -20.94 -35.20 -9.45
N PRO B 38 -20.33 -34.97 -8.29
CA PRO B 38 -19.55 -36.04 -7.65
C PRO B 38 -20.42 -37.23 -7.34
N GLY B 39 -19.84 -38.42 -7.47
CA GLY B 39 -20.52 -39.61 -7.01
C GLY B 39 -20.45 -39.69 -5.49
N GLY B 40 -21.43 -40.37 -4.90
CA GLY B 40 -21.38 -40.58 -3.46
C GLY B 40 -22.09 -39.54 -2.62
N ILE B 41 -22.85 -38.65 -3.24
CA ILE B 41 -23.63 -37.66 -2.47
C ILE B 41 -24.60 -38.41 -1.56
N PRO B 42 -24.67 -38.09 -0.27
CA PRO B 42 -25.54 -38.86 0.63
C PRO B 42 -26.95 -38.94 0.07
N THR B 43 -27.55 -40.12 0.21
CA THR B 43 -28.84 -40.38 -0.42
C THR B 43 -29.98 -39.62 0.24
N ASN B 44 -29.84 -39.31 1.53
CA ASN B 44 -30.80 -38.52 2.29
C ASN B 44 -30.62 -37.01 2.10
N THR B 45 -29.88 -36.58 1.08
CA THR B 45 -29.59 -35.17 0.91
C THR B 45 -30.85 -34.35 0.64
N THR B 46 -31.03 -33.28 1.42
CA THR B 46 -32.11 -32.34 1.25
C THR B 46 -31.69 -31.08 0.49
N ASN B 47 -30.57 -30.44 0.88
CA ASN B 47 -30.05 -29.25 0.24
C ASN B 47 -28.75 -29.59 -0.51
N LEU B 48 -28.74 -29.36 -1.82
CA LEU B 48 -27.58 -29.63 -2.65
C LEU B 48 -27.18 -28.35 -3.37
N THR B 49 -25.96 -27.86 -3.11
CA THR B 49 -25.50 -26.63 -3.71
C THR B 49 -24.29 -26.90 -4.60
N LEU B 50 -24.40 -26.52 -5.87
CA LEU B 50 -23.34 -26.76 -6.83
C LEU B 50 -22.92 -25.48 -7.55
N THR B 51 -23.07 -24.33 -6.88
CA THR B 51 -22.74 -23.05 -7.52
C THR B 51 -21.24 -22.94 -7.80
N ILE B 52 -20.92 -22.28 -8.91
CA ILE B 52 -19.55 -22.00 -9.34
C ILE B 52 -18.78 -23.31 -9.51
N ASN B 53 -19.14 -24.04 -10.56
CA ASN B 53 -18.45 -25.24 -11.00
C ASN B 53 -18.58 -25.25 -12.52
N HIS B 54 -18.16 -26.32 -13.15
CA HIS B 54 -18.19 -26.37 -14.61
C HIS B 54 -18.83 -27.66 -15.05
N ILE B 55 -19.99 -27.94 -14.48
CA ILE B 55 -20.75 -29.14 -14.81
C ILE B 55 -21.54 -28.85 -16.08
N PRO B 56 -21.24 -29.51 -17.19
CA PRO B 56 -21.78 -29.08 -18.49
C PRO B 56 -23.22 -29.50 -18.73
N ASP B 57 -23.78 -30.42 -17.94
CA ASP B 57 -25.15 -30.85 -18.21
C ASP B 57 -25.80 -31.47 -16.98
N ILE B 58 -27.13 -31.50 -17.03
CA ILE B 58 -27.97 -32.20 -16.06
C ILE B 58 -28.77 -33.25 -16.81
N SER B 59 -29.04 -34.35 -16.13
CA SER B 59 -29.65 -35.51 -16.76
C SER B 59 -30.39 -36.30 -15.69
N PRO B 60 -31.22 -37.28 -16.08
CA PRO B 60 -31.87 -38.12 -15.07
C PRO B 60 -30.88 -38.79 -14.13
N ALA B 61 -29.68 -39.10 -14.62
CA ALA B 61 -28.63 -39.66 -13.77
C ALA B 61 -28.21 -38.68 -12.67
N SER B 62 -28.38 -37.37 -12.89
CA SER B 62 -27.82 -36.36 -12.01
C SER B 62 -28.30 -36.53 -10.58
N PHE B 63 -29.61 -36.55 -10.39
CA PHE B 63 -30.18 -36.64 -9.06
C PHE B 63 -30.96 -37.94 -8.86
N HIS B 64 -30.68 -38.95 -9.71
CA HIS B 64 -31.37 -40.22 -9.78
C HIS B 64 -31.81 -40.75 -8.39
N ARG B 65 -30.84 -40.88 -7.48
CA ARG B 65 -31.14 -41.51 -6.23
C ARG B 65 -31.37 -40.43 -5.14
N LEU B 66 -31.36 -39.12 -5.49
CA LEU B 66 -31.44 -38.03 -4.53
C LEU B 66 -32.89 -37.66 -4.29
N VAL B 67 -33.76 -38.63 -3.99
CA VAL B 67 -35.22 -38.42 -4.09
C VAL B 67 -35.77 -37.47 -3.04
N HIS B 68 -35.05 -37.20 -1.96
CA HIS B 68 -35.55 -36.29 -0.93
C HIS B 68 -34.96 -34.90 -1.02
N LEU B 69 -34.54 -34.48 -2.22
CA LEU B 69 -34.04 -33.12 -2.42
C LEU B 69 -35.17 -32.10 -2.32
N VAL B 70 -35.05 -31.17 -1.39
CA VAL B 70 -36.00 -30.06 -1.32
C VAL B 70 -35.43 -28.82 -2.01
N GLU B 71 -34.10 -28.68 -2.07
CA GLU B 71 -33.49 -27.50 -2.69
C GLU B 71 -32.32 -27.92 -3.56
N ILE B 72 -32.31 -27.44 -4.81
CA ILE B 72 -31.16 -27.55 -5.70
C ILE B 72 -30.69 -26.14 -6.05
N ASP B 73 -29.46 -25.82 -5.67
CA ASP B 73 -28.79 -24.57 -6.05
C ASP B 73 -27.72 -24.91 -7.07
N PHE B 74 -28.05 -24.76 -8.35
CA PHE B 74 -27.16 -25.11 -9.47
C PHE B 74 -26.88 -23.87 -10.30
N ARG B 75 -26.43 -22.78 -9.65
CA ARG B 75 -26.18 -21.50 -10.29
C ARG B 75 -24.75 -21.40 -10.83
N CYS B 76 -24.59 -20.61 -11.90
CA CYS B 76 -23.28 -20.18 -12.39
C CYS B 76 -22.36 -21.36 -12.71
N ASN B 77 -22.90 -22.31 -13.47
CA ASN B 77 -22.07 -23.32 -14.12
C ASN B 77 -21.86 -22.98 -15.59
N CYS B 78 -22.52 -21.94 -16.09
CA CYS B 78 -22.19 -21.39 -17.39
C CYS B 78 -22.60 -19.93 -17.43
N VAL B 79 -21.87 -19.09 -16.70
CA VAL B 79 -22.18 -17.66 -16.61
C VAL B 79 -22.10 -17.03 -17.99
N PRO B 80 -23.00 -16.11 -18.34
CA PRO B 80 -22.86 -15.41 -19.62
C PRO B 80 -21.52 -14.70 -19.70
N ILE B 81 -20.96 -14.69 -20.90
CA ILE B 81 -19.62 -14.19 -21.20
C ILE B 81 -19.19 -12.92 -20.45
N ARG B 82 -19.94 -11.82 -20.60
CA ARG B 82 -19.50 -10.57 -19.99
C ARG B 82 -19.62 -10.57 -18.46
N LEU B 83 -20.42 -11.44 -17.89
CA LEU B 83 -20.57 -11.52 -16.45
C LEU B 83 -19.58 -12.46 -15.80
N GLY B 84 -19.05 -13.43 -16.55
CA GLY B 84 -18.21 -14.45 -15.98
C GLY B 84 -16.72 -14.14 -16.12
N SER B 85 -15.92 -15.09 -15.62
CA SER B 85 -14.48 -15.00 -15.72
C SER B 85 -14.06 -15.00 -17.20
N LYS B 86 -13.14 -14.10 -17.55
CA LYS B 86 -12.57 -14.12 -18.90
C LYS B 86 -11.36 -15.04 -19.02
N SER B 87 -10.80 -15.49 -17.91
CA SER B 87 -9.75 -16.50 -17.96
C SER B 87 -10.31 -17.91 -18.06
N ASN B 88 -11.56 -18.14 -17.63
CA ASN B 88 -12.22 -19.44 -17.77
C ASN B 88 -13.63 -19.21 -18.32
N MET B 89 -13.71 -18.78 -19.58
CA MET B 89 -15.00 -18.58 -20.21
C MET B 89 -15.71 -19.91 -20.36
N CYS B 90 -17.02 -19.91 -20.13
CA CYS B 90 -17.80 -21.12 -20.38
C CYS B 90 -17.99 -21.30 -21.87
N PRO B 91 -17.66 -22.46 -22.43
CA PRO B 91 -17.75 -22.64 -23.89
C PRO B 91 -19.15 -22.89 -24.46
N ARG B 92 -20.01 -23.62 -23.73
CA ARG B 92 -21.32 -24.01 -24.24
C ARG B 92 -22.33 -24.00 -23.10
N ARG B 93 -23.53 -23.50 -23.39
CA ARG B 93 -24.55 -23.32 -22.36
C ARG B 93 -24.88 -24.65 -21.69
N LEU B 94 -25.29 -24.57 -20.42
CA LEU B 94 -25.70 -25.74 -19.67
C LEU B 94 -26.80 -26.50 -20.40
N GLN B 95 -26.65 -27.83 -20.47
CA GLN B 95 -27.59 -28.71 -21.14
C GLN B 95 -28.43 -29.43 -20.10
N ILE B 96 -29.74 -29.24 -20.14
CA ILE B 96 -30.63 -29.91 -19.21
C ILE B 96 -31.47 -30.91 -19.99
N LYS B 97 -31.19 -32.19 -19.79
CA LYS B 97 -31.85 -33.26 -20.53
C LYS B 97 -33.25 -33.50 -19.95
N PRO B 98 -34.15 -34.09 -20.75
CA PRO B 98 -35.54 -34.27 -20.28
C PRO B 98 -35.54 -35.17 -19.06
N ARG B 99 -36.61 -35.04 -18.26
CA ARG B 99 -36.69 -35.76 -17.00
C ARG B 99 -35.58 -35.44 -15.98
N SER B 100 -34.90 -34.31 -16.05
CA SER B 100 -33.92 -34.15 -14.98
C SER B 100 -34.56 -33.90 -13.62
N PHE B 101 -35.76 -33.32 -13.58
CA PHE B 101 -36.35 -32.95 -12.30
C PHE B 101 -37.69 -33.60 -11.97
N SER B 102 -38.34 -34.27 -12.93
CA SER B 102 -39.69 -34.77 -12.71
C SER B 102 -39.74 -35.75 -11.53
N GLY B 103 -38.66 -36.47 -11.26
CA GLY B 103 -38.66 -37.36 -10.12
C GLY B 103 -38.47 -36.69 -8.76
N LEU B 104 -38.04 -35.43 -8.71
CA LEU B 104 -37.73 -34.79 -7.43
C LEU B 104 -39.04 -34.31 -6.83
N THR B 105 -39.76 -35.28 -6.28
CA THR B 105 -41.12 -35.10 -5.79
C THR B 105 -41.21 -34.10 -4.64
N TYR B 106 -40.13 -33.87 -3.90
CA TYR B 106 -40.14 -32.98 -2.75
C TYR B 106 -39.46 -31.63 -3.02
N LEU B 107 -39.12 -31.35 -4.30
CA LEU B 107 -38.26 -30.21 -4.64
C LEU B 107 -39.03 -28.90 -4.48
N LYS B 108 -38.61 -28.06 -3.53
CA LYS B 108 -39.28 -26.79 -3.31
C LYS B 108 -38.56 -25.59 -3.92
N SER B 109 -37.24 -25.63 -4.12
CA SER B 109 -36.49 -24.47 -4.61
C SER B 109 -35.46 -24.91 -5.65
N LEU B 110 -35.49 -24.28 -6.81
CA LEU B 110 -34.59 -24.64 -7.90
C LEU B 110 -33.93 -23.35 -8.37
N TYR B 111 -32.60 -23.27 -8.22
CA TYR B 111 -31.82 -22.14 -8.71
C TYR B 111 -31.04 -22.58 -9.94
N LEU B 112 -31.33 -21.95 -11.09
CA LEU B 112 -30.57 -22.21 -12.30
C LEU B 112 -30.04 -20.92 -12.92
N ASP B 113 -29.72 -19.93 -12.07
CA ASP B 113 -29.25 -18.65 -12.58
C ASP B 113 -27.87 -18.76 -13.25
N GLY B 114 -27.63 -17.88 -14.20
CA GLY B 114 -26.29 -17.75 -14.75
C GLY B 114 -25.78 -18.99 -15.43
N ASN B 115 -26.63 -19.67 -16.20
CA ASN B 115 -26.28 -20.90 -16.89
C ASN B 115 -26.49 -20.76 -18.38
N GLN B 116 -26.78 -19.55 -18.85
CA GLN B 116 -26.94 -19.24 -20.28
C GLN B 116 -28.13 -19.97 -20.89
N LEU B 117 -29.13 -20.28 -20.08
CA LEU B 117 -30.29 -21.00 -20.56
C LEU B 117 -31.05 -20.13 -21.57
N LEU B 118 -31.56 -20.78 -22.61
CA LEU B 118 -32.35 -20.10 -23.61
C LEU B 118 -33.85 -20.16 -23.36
N GLU B 119 -34.31 -21.07 -22.48
CA GLU B 119 -35.75 -21.30 -22.29
C GLU B 119 -36.00 -21.72 -20.85
N ILE B 120 -37.27 -21.62 -20.46
CA ILE B 120 -37.67 -21.99 -19.11
C ILE B 120 -37.64 -23.51 -19.00
N PRO B 121 -36.80 -24.10 -18.14
CA PRO B 121 -36.69 -25.56 -18.12
C PRO B 121 -38.05 -26.17 -17.80
N GLN B 122 -38.42 -27.19 -18.56
CA GLN B 122 -39.70 -27.83 -18.41
C GLN B 122 -39.53 -29.11 -17.61
N GLY B 123 -40.64 -29.79 -17.34
CA GLY B 123 -40.61 -30.99 -16.55
C GLY B 123 -40.40 -30.75 -15.07
N LEU B 124 -40.77 -29.57 -14.60
CA LEU B 124 -40.49 -29.32 -13.20
C LEU B 124 -41.60 -29.89 -12.32
N PRO B 125 -41.26 -30.35 -11.12
CA PRO B 125 -42.25 -31.02 -10.28
C PRO B 125 -43.29 -30.03 -9.76
N PRO B 126 -44.51 -30.51 -9.47
CA PRO B 126 -45.56 -29.60 -8.98
C PRO B 126 -45.35 -29.12 -7.56
N SER B 127 -44.34 -29.62 -6.85
CA SER B 127 -44.05 -29.16 -5.50
C SER B 127 -43.29 -27.83 -5.45
N LEU B 128 -42.87 -27.30 -6.60
CA LEU B 128 -41.88 -26.22 -6.65
C LEU B 128 -42.49 -24.89 -6.25
N GLN B 129 -41.95 -24.26 -5.20
CA GLN B 129 -42.40 -22.93 -4.78
C GLN B 129 -41.52 -21.79 -5.31
N LEU B 130 -40.22 -22.03 -5.46
CA LEU B 130 -39.27 -20.98 -5.86
C LEU B 130 -38.52 -21.45 -7.09
N LEU B 131 -38.56 -20.64 -8.15
CA LEU B 131 -37.75 -20.90 -9.34
C LEU B 131 -36.96 -19.64 -9.67
N SER B 132 -35.65 -19.81 -9.89
CA SER B 132 -34.75 -18.68 -10.11
C SER B 132 -34.00 -18.89 -11.42
N LEU B 133 -34.16 -17.95 -12.36
CA LEU B 133 -33.54 -18.05 -13.67
C LEU B 133 -32.79 -16.78 -14.07
N GLU B 134 -32.33 -16.00 -13.09
CA GLU B 134 -31.61 -14.76 -13.39
C GLU B 134 -30.35 -15.02 -14.20
N ALA B 135 -29.93 -14.02 -14.97
CA ALA B 135 -28.65 -14.06 -15.69
C ALA B 135 -28.58 -15.23 -16.67
N ASN B 136 -29.70 -15.57 -17.29
CA ASN B 136 -29.72 -16.46 -18.43
C ASN B 136 -29.99 -15.66 -19.70
N ASN B 137 -30.45 -16.33 -20.74
CA ASN B 137 -30.79 -15.63 -21.98
C ASN B 137 -32.23 -15.98 -22.37
N ILE B 138 -33.13 -15.80 -21.40
CA ILE B 138 -34.55 -16.06 -21.54
C ILE B 138 -35.23 -14.69 -21.61
N PHE B 139 -35.71 -14.32 -22.80
CA PHE B 139 -36.25 -12.98 -22.97
C PHE B 139 -37.57 -13.01 -23.72
N SER B 140 -38.31 -14.10 -23.55
CA SER B 140 -39.66 -14.25 -24.10
C SER B 140 -40.42 -15.20 -23.19
N ILE B 141 -41.43 -14.68 -22.51
CA ILE B 141 -42.23 -15.46 -21.57
C ILE B 141 -43.58 -15.80 -22.23
N ARG B 142 -43.88 -17.08 -22.33
CA ARG B 142 -45.10 -17.55 -22.97
C ARG B 142 -45.92 -18.33 -21.97
N LYS B 143 -47.24 -18.09 -21.97
CA LYS B 143 -48.13 -18.74 -21.01
C LYS B 143 -47.95 -20.24 -20.99
N GLU B 144 -47.69 -20.82 -22.15
CA GLU B 144 -47.58 -22.27 -22.24
C GLU B 144 -46.42 -22.78 -21.39
N GLN B 145 -45.27 -22.10 -21.44
CA GLN B 145 -44.09 -22.49 -20.68
C GLN B 145 -44.25 -22.34 -19.18
N LEU B 146 -45.30 -21.67 -18.69
CA LEU B 146 -45.47 -21.50 -17.26
C LEU B 146 -46.52 -22.43 -16.64
N THR B 147 -47.21 -23.26 -17.43
CA THR B 147 -48.27 -24.08 -16.83
C THR B 147 -47.71 -24.96 -15.73
N GLU B 148 -46.54 -25.58 -15.98
CA GLU B 148 -45.88 -26.44 -15.01
C GLU B 148 -45.70 -25.76 -13.65
N LEU B 149 -45.71 -24.43 -13.62
CA LEU B 149 -45.40 -23.67 -12.41
C LEU B 149 -46.64 -23.29 -11.61
N ALA B 150 -47.67 -24.16 -11.58
CA ALA B 150 -48.94 -23.81 -10.93
C ALA B 150 -48.74 -23.36 -9.49
N ASN B 151 -47.95 -24.11 -8.72
CA ASN B 151 -47.80 -23.85 -7.30
C ASN B 151 -46.70 -22.84 -6.98
N ILE B 152 -46.18 -22.13 -7.99
CA ILE B 152 -45.02 -21.29 -7.78
C ILE B 152 -45.39 -20.07 -6.97
N GLU B 153 -44.53 -19.72 -6.02
CA GLU B 153 -44.72 -18.56 -5.16
C GLU B 153 -43.71 -17.45 -5.42
N ILE B 154 -42.50 -17.81 -5.85
CA ILE B 154 -41.38 -16.88 -6.02
C ILE B 154 -40.70 -17.19 -7.33
N LEU B 155 -40.61 -16.21 -8.24
CA LEU B 155 -40.11 -16.43 -9.59
C LEU B 155 -39.17 -15.30 -9.94
N TYR B 156 -37.89 -15.61 -10.17
CA TYR B 156 -36.86 -14.61 -10.48
C TYR B 156 -36.46 -14.77 -11.95
N LEU B 157 -36.75 -13.75 -12.75
CA LEU B 157 -36.44 -13.82 -14.18
C LEU B 157 -35.54 -12.69 -14.66
N GLY B 158 -35.00 -11.86 -13.76
CA GLY B 158 -34.29 -10.67 -14.16
C GLY B 158 -32.89 -10.92 -14.69
N GLN B 159 -32.24 -9.82 -15.11
CA GLN B 159 -30.86 -9.83 -15.62
C GLN B 159 -30.68 -10.79 -16.81
N ASN B 160 -31.76 -11.02 -17.56
CA ASN B 160 -31.67 -11.82 -18.77
C ASN B 160 -31.51 -10.97 -20.02
N CYS B 161 -31.66 -9.65 -19.92
CA CYS B 161 -31.47 -8.78 -21.09
C CYS B 161 -31.13 -7.37 -20.58
N TYR B 162 -29.84 -7.07 -20.49
CA TYR B 162 -29.37 -5.74 -20.12
C TYR B 162 -27.94 -5.59 -20.59
N TYR B 163 -27.36 -4.41 -20.35
CA TYR B 163 -26.11 -4.06 -21.02
C TYR B 163 -25.01 -5.11 -20.76
N ARG B 164 -24.95 -5.67 -19.55
CA ARG B 164 -23.96 -6.69 -19.25
C ARG B 164 -24.32 -8.08 -19.81
N ASN B 165 -25.56 -8.28 -20.24
CA ASN B 165 -26.00 -9.58 -20.75
C ASN B 165 -27.08 -9.36 -21.81
N PRO B 166 -26.70 -8.81 -22.96
CA PRO B 166 -27.69 -8.28 -23.91
C PRO B 166 -28.43 -9.37 -24.70
N CYS B 167 -29.71 -9.10 -24.97
CA CYS B 167 -30.46 -9.93 -25.91
C CYS B 167 -30.75 -9.23 -27.22
N TYR B 168 -30.55 -7.91 -27.31
CA TYR B 168 -30.66 -7.15 -28.56
C TYR B 168 -32.09 -7.04 -29.09
N VAL B 169 -33.11 -7.34 -28.28
CA VAL B 169 -34.51 -7.10 -28.62
C VAL B 169 -35.25 -6.70 -27.36
N SER B 170 -36.50 -6.29 -27.52
CA SER B 170 -37.33 -6.00 -26.38
C SER B 170 -37.75 -7.31 -25.71
N TYR B 171 -37.83 -7.27 -24.39
CA TYR B 171 -38.37 -8.41 -23.65
C TYR B 171 -39.84 -8.61 -24.04
N SER B 172 -40.28 -9.85 -24.15
CA SER B 172 -41.64 -10.18 -24.56
C SER B 172 -42.33 -11.01 -23.49
N ILE B 173 -43.52 -10.58 -23.10
CA ILE B 173 -44.35 -11.32 -22.15
C ILE B 173 -45.76 -11.40 -22.71
N GLU B 174 -46.26 -12.61 -22.90
CA GLU B 174 -47.61 -12.79 -23.41
C GLU B 174 -48.67 -12.26 -22.46
N LYS B 175 -49.73 -11.70 -23.03
CA LYS B 175 -50.94 -11.36 -22.31
C LYS B 175 -51.32 -12.48 -21.34
N ASP B 176 -51.48 -12.10 -20.07
CA ASP B 176 -51.97 -12.96 -18.99
C ASP B 176 -51.04 -14.15 -18.69
N ALA B 177 -49.79 -14.11 -19.16
CA ALA B 177 -48.84 -15.21 -18.90
C ALA B 177 -48.81 -15.62 -17.43
N PHE B 178 -48.83 -14.67 -16.50
CA PHE B 178 -48.68 -15.02 -15.10
C PHE B 178 -50.02 -15.17 -14.38
N LEU B 179 -51.14 -14.90 -15.05
CA LEU B 179 -52.43 -14.79 -14.37
C LEU B 179 -52.84 -16.10 -13.70
N ASN B 180 -52.61 -17.24 -14.35
CA ASN B 180 -53.02 -18.52 -13.79
C ASN B 180 -52.01 -19.10 -12.79
N LEU B 181 -50.97 -18.35 -12.45
CA LEU B 181 -50.09 -18.72 -11.34
C LEU B 181 -50.72 -18.17 -10.07
N THR B 182 -51.72 -18.92 -9.59
CA THR B 182 -52.62 -18.43 -8.56
C THR B 182 -51.99 -18.29 -7.17
N LYS B 183 -50.77 -18.76 -6.95
CA LYS B 183 -50.08 -18.57 -5.68
C LYS B 183 -48.86 -17.67 -5.77
N LEU B 184 -48.58 -17.12 -6.95
CA LEU B 184 -47.36 -16.36 -7.19
C LEU B 184 -47.34 -15.08 -6.36
N LYS B 185 -46.33 -14.95 -5.50
CA LYS B 185 -46.22 -13.84 -4.57
C LYS B 185 -45.14 -12.84 -4.95
N VAL B 186 -43.99 -13.29 -5.45
CA VAL B 186 -42.87 -12.42 -5.76
C VAL B 186 -42.48 -12.62 -7.21
N LEU B 187 -42.45 -11.52 -7.97
CA LEU B 187 -42.13 -11.57 -9.38
C LEU B 187 -41.09 -10.50 -9.66
N SER B 188 -39.92 -10.93 -10.15
CA SER B 188 -38.79 -10.04 -10.41
C SER B 188 -38.50 -10.11 -11.89
N LEU B 189 -38.72 -9.00 -12.60
CA LEU B 189 -38.45 -8.90 -14.04
C LEU B 189 -37.49 -7.76 -14.32
N LYS B 190 -36.63 -7.45 -13.32
CA LYS B 190 -35.67 -6.36 -13.35
C LYS B 190 -34.60 -6.57 -14.42
N ASP B 191 -33.97 -5.47 -14.82
CA ASP B 191 -32.80 -5.50 -15.69
C ASP B 191 -33.05 -6.36 -16.93
N ASN B 192 -34.17 -6.10 -17.63
CA ASN B 192 -34.66 -7.03 -18.63
C ASN B 192 -35.10 -6.45 -19.97
N ASN B 193 -34.97 -5.15 -20.21
CA ASN B 193 -35.44 -4.56 -21.47
C ASN B 193 -36.95 -4.74 -21.67
N VAL B 194 -37.72 -4.80 -20.57
CA VAL B 194 -39.18 -4.85 -20.62
C VAL B 194 -39.74 -3.50 -21.08
N THR B 195 -40.79 -3.52 -21.92
CA THR B 195 -41.34 -2.26 -22.43
C THR B 195 -42.70 -1.87 -21.89
N THR B 196 -43.49 -2.79 -21.32
CA THR B 196 -44.73 -2.42 -20.63
C THR B 196 -44.95 -3.32 -19.43
N VAL B 197 -45.68 -2.82 -18.45
CA VAL B 197 -46.06 -3.61 -17.28
C VAL B 197 -46.90 -4.78 -17.77
N PRO B 198 -46.48 -6.03 -17.57
CA PRO B 198 -47.28 -7.16 -18.05
C PRO B 198 -48.61 -7.27 -17.32
N THR B 199 -49.66 -7.58 -18.08
CA THR B 199 -51.01 -7.68 -17.53
C THR B 199 -51.71 -8.88 -18.15
N VAL B 200 -52.68 -9.44 -17.43
CA VAL B 200 -53.01 -9.07 -16.07
C VAL B 200 -52.11 -9.91 -15.15
N LEU B 201 -51.79 -9.39 -14.00
CA LEU B 201 -50.99 -10.14 -13.05
C LEU B 201 -51.89 -10.79 -12.02
N PRO B 202 -51.43 -11.86 -11.37
CA PRO B 202 -52.26 -12.48 -10.33
C PRO B 202 -52.34 -11.56 -9.13
N SER B 203 -53.56 -11.44 -8.58
CA SER B 203 -53.84 -10.54 -7.47
C SER B 203 -53.22 -10.99 -6.17
N THR B 204 -52.58 -12.15 -6.17
CA THR B 204 -51.90 -12.68 -5.01
C THR B 204 -50.49 -12.10 -4.81
N LEU B 205 -49.96 -11.35 -5.80
CA LEU B 205 -48.63 -10.75 -5.71
C LEU B 205 -48.45 -9.89 -4.47
N THR B 206 -47.34 -10.10 -3.77
CA THR B 206 -46.90 -9.26 -2.67
C THR B 206 -45.76 -8.33 -3.03
N GLU B 207 -44.90 -8.74 -3.96
CA GLU B 207 -43.70 -8.01 -4.33
C GLU B 207 -43.58 -8.06 -5.85
N LEU B 208 -43.42 -6.90 -6.47
CA LEU B 208 -43.30 -6.77 -7.92
C LEU B 208 -42.10 -5.90 -8.23
N TYR B 209 -41.12 -6.45 -8.94
CA TYR B 209 -39.85 -5.78 -9.24
C TYR B 209 -39.77 -5.60 -10.75
N LEU B 210 -39.84 -4.34 -11.19
CA LEU B 210 -39.84 -4.01 -12.61
C LEU B 210 -38.79 -2.95 -12.93
N TYR B 211 -37.78 -2.81 -12.07
CA TYR B 211 -36.88 -1.71 -12.24
C TYR B 211 -35.81 -2.01 -13.28
N ASN B 212 -35.18 -0.94 -13.76
CA ASN B 212 -34.19 -0.98 -14.83
C ASN B 212 -34.72 -1.71 -16.06
N ASN B 213 -35.74 -1.09 -16.66
CA ASN B 213 -36.32 -1.60 -17.88
C ASN B 213 -36.57 -0.41 -18.83
N MET B 214 -37.33 -0.66 -19.90
CA MET B 214 -37.71 0.39 -20.83
C MET B 214 -39.20 0.67 -20.80
N ILE B 215 -39.76 0.77 -19.60
CA ILE B 215 -41.17 1.07 -19.45
C ILE B 215 -41.31 2.60 -19.46
N ALA B 216 -41.91 3.13 -20.51
CA ALA B 216 -42.06 4.57 -20.62
C ALA B 216 -43.35 5.06 -19.97
N GLU B 217 -44.38 4.21 -19.90
CA GLU B 217 -45.66 4.67 -19.36
C GLU B 217 -46.32 3.60 -18.51
N ILE B 218 -47.03 4.05 -17.48
CA ILE B 218 -47.89 3.20 -16.66
C ILE B 218 -49.33 3.43 -17.10
N GLN B 219 -50.05 2.37 -17.46
CA GLN B 219 -51.49 2.47 -17.73
C GLN B 219 -52.25 2.54 -16.41
N GLU B 220 -53.42 3.19 -16.41
CA GLU B 220 -54.15 3.38 -15.15
C GLU B 220 -54.38 2.08 -14.41
N ASP B 221 -54.65 1.01 -15.15
CA ASP B 221 -55.10 -0.26 -14.61
C ASP B 221 -54.02 -1.33 -14.58
N ASP B 222 -52.76 -0.95 -14.89
CA ASP B 222 -51.64 -1.87 -14.81
C ASP B 222 -51.59 -2.61 -13.48
N PHE B 223 -51.97 -1.96 -12.37
CA PHE B 223 -51.91 -2.52 -11.02
C PHE B 223 -53.31 -2.64 -10.38
N ASN B 224 -54.35 -2.82 -11.21
CA ASN B 224 -55.74 -2.74 -10.73
C ASN B 224 -56.07 -3.76 -9.66
N ASN B 225 -55.64 -5.01 -9.84
CA ASN B 225 -56.05 -6.08 -8.95
C ASN B 225 -55.07 -6.34 -7.81
N LEU B 226 -53.94 -5.64 -7.79
CA LEU B 226 -52.86 -5.98 -6.88
C LEU B 226 -53.10 -5.43 -5.47
N ASN B 227 -54.23 -5.86 -4.88
CA ASN B 227 -54.61 -5.34 -3.57
C ASN B 227 -53.88 -6.04 -2.43
N GLN B 228 -53.01 -6.99 -2.72
CA GLN B 228 -52.09 -7.55 -1.72
C GLN B 228 -50.66 -7.08 -1.90
N LEU B 229 -50.40 -6.19 -2.85
CA LEU B 229 -49.03 -5.77 -3.13
C LEU B 229 -48.48 -5.00 -1.94
N GLN B 230 -47.28 -5.35 -1.52
CA GLN B 230 -46.59 -4.64 -0.45
C GLN B 230 -45.34 -3.90 -0.91
N ILE B 231 -44.65 -4.39 -1.95
CA ILE B 231 -43.45 -3.76 -2.50
C ILE B 231 -43.61 -3.64 -4.02
N LEU B 232 -43.41 -2.42 -4.52
CA LEU B 232 -43.42 -2.17 -5.97
C LEU B 232 -42.20 -1.34 -6.31
N ASP B 233 -41.35 -1.84 -7.21
CA ASP B 233 -40.13 -1.12 -7.60
C ASP B 233 -40.20 -0.90 -9.11
N LEU B 234 -40.31 0.38 -9.49
CA LEU B 234 -40.40 0.81 -10.88
C LEU B 234 -39.22 1.68 -11.25
N SER B 235 -38.17 1.64 -10.42
CA SER B 235 -37.01 2.52 -10.58
C SER B 235 -36.30 2.29 -11.92
N GLY B 236 -35.61 3.31 -12.38
CA GLY B 236 -34.78 3.09 -13.55
C GLY B 236 -35.56 2.81 -14.80
N ASN B 237 -36.77 3.35 -14.91
CA ASN B 237 -37.49 3.44 -16.17
C ASN B 237 -37.57 4.92 -16.49
N CYS B 238 -36.98 5.33 -17.61
CA CYS B 238 -36.64 6.73 -17.85
C CYS B 238 -35.62 7.18 -16.82
N PRO B 239 -34.43 6.57 -16.81
CA PRO B 239 -33.45 6.90 -15.79
C PRO B 239 -32.90 8.30 -15.95
N ARG B 240 -32.55 8.92 -14.82
CA ARG B 240 -31.70 10.10 -14.81
C ARG B 240 -30.26 9.64 -15.03
N CYS B 241 -29.66 10.05 -16.12
CA CYS B 241 -28.39 9.46 -16.57
C CYS B 241 -27.16 10.29 -16.25
N TYR B 242 -27.29 11.46 -15.62
CA TYR B 242 -26.12 12.31 -15.39
C TYR B 242 -25.10 11.59 -14.50
N ASN B 243 -23.85 11.52 -14.97
CA ASN B 243 -22.80 10.82 -14.21
C ASN B 243 -23.18 9.38 -13.88
N ALA B 244 -23.94 8.72 -14.75
CA ALA B 244 -24.21 7.31 -14.52
C ALA B 244 -22.95 6.51 -14.79
N PRO B 245 -22.53 5.63 -13.89
CA PRO B 245 -21.34 4.82 -14.13
C PRO B 245 -21.57 3.55 -14.94
N PHE B 246 -22.73 3.39 -15.52
CA PHE B 246 -23.05 2.31 -16.43
C PHE B 246 -23.66 2.96 -17.66
N PRO B 247 -23.69 2.27 -18.80
CA PRO B 247 -24.38 2.84 -19.96
C PRO B 247 -25.84 3.07 -19.62
N CYS B 248 -26.36 4.22 -20.06
CA CYS B 248 -27.65 4.73 -19.60
C CYS B 248 -28.32 5.46 -20.74
N THR B 249 -29.53 5.02 -21.11
CA THR B 249 -30.32 5.68 -22.15
C THR B 249 -31.54 6.36 -21.56
N PRO B 250 -31.62 7.68 -21.59
CA PRO B 250 -32.82 8.36 -21.08
C PRO B 250 -33.98 8.24 -22.06
N CYS B 251 -35.19 8.35 -21.52
CA CYS B 251 -36.38 8.50 -22.34
C CYS B 251 -36.30 9.76 -23.19
N LYS B 252 -36.81 9.65 -24.41
CA LYS B 252 -36.78 10.78 -25.34
C LYS B 252 -37.55 11.97 -24.78
N ASN B 253 -37.21 13.15 -25.30
CA ASN B 253 -37.92 14.39 -25.02
C ASN B 253 -37.75 14.82 -23.55
N ASN B 254 -36.68 14.35 -22.89
CA ASN B 254 -36.51 14.50 -21.44
C ASN B 254 -37.77 14.11 -20.66
N SER B 255 -38.41 13.06 -21.11
CA SER B 255 -39.65 12.67 -20.46
C SER B 255 -39.40 11.90 -19.17
N PRO B 256 -40.29 12.02 -18.19
CA PRO B 256 -40.28 11.13 -17.04
C PRO B 256 -41.07 9.85 -17.33
N LEU B 257 -40.92 8.89 -16.41
CA LEU B 257 -41.85 7.77 -16.38
C LEU B 257 -43.23 8.30 -16.07
N GLN B 258 -44.16 8.13 -17.01
CA GLN B 258 -45.49 8.72 -16.89
C GLN B 258 -46.38 7.78 -16.09
N ILE B 259 -46.86 8.25 -14.94
CA ILE B 259 -47.73 7.45 -14.09
C ILE B 259 -49.05 8.22 -13.88
N PRO B 260 -50.18 7.71 -14.40
CA PRO B 260 -51.46 8.41 -14.18
C PRO B 260 -51.76 8.52 -12.70
N VAL B 261 -52.40 9.64 -12.34
CA VAL B 261 -52.55 10.01 -10.93
C VAL B 261 -53.23 8.93 -10.11
N ASN B 262 -54.10 8.13 -10.71
CA ASN B 262 -54.83 7.09 -9.98
C ASN B 262 -54.20 5.71 -10.09
N ALA B 263 -52.95 5.61 -10.60
CA ALA B 263 -52.37 4.32 -10.92
C ALA B 263 -52.24 3.38 -9.72
N PHE B 264 -52.09 3.93 -8.50
CA PHE B 264 -51.82 3.14 -7.31
C PHE B 264 -53.06 2.91 -6.45
N ASP B 265 -54.24 3.33 -6.93
CA ASP B 265 -55.46 3.40 -6.11
C ASP B 265 -55.76 2.07 -5.41
N ALA B 266 -55.52 0.95 -6.09
CA ALA B 266 -55.77 -0.39 -5.56
C ALA B 266 -54.73 -0.86 -4.56
N LEU B 267 -53.58 -0.19 -4.44
CA LEU B 267 -52.46 -0.73 -3.68
C LEU B 267 -52.60 -0.34 -2.20
N THR B 268 -53.69 -0.84 -1.62
CA THR B 268 -54.03 -0.48 -0.25
C THR B 268 -53.04 -1.07 0.73
N GLU B 269 -52.40 -2.18 0.38
CA GLU B 269 -51.45 -2.87 1.24
C GLU B 269 -50.01 -2.41 1.02
N LEU B 270 -49.77 -1.49 0.09
CA LEU B 270 -48.42 -1.12 -0.31
C LEU B 270 -47.66 -0.53 0.87
N LYS B 271 -46.53 -1.16 1.20
CA LYS B 271 -45.61 -0.66 2.22
C LYS B 271 -44.38 0.05 1.65
N VAL B 272 -43.83 -0.43 0.53
CA VAL B 272 -42.60 0.09 -0.05
C VAL B 272 -42.86 0.51 -1.50
N LEU B 273 -42.51 1.75 -1.83
CA LEU B 273 -42.62 2.23 -3.20
C LEU B 273 -41.28 2.82 -3.63
N ARG B 274 -40.68 2.25 -4.68
CA ARG B 274 -39.37 2.66 -5.17
C ARG B 274 -39.50 3.27 -6.56
N LEU B 275 -39.34 4.58 -6.64
CA LEU B 275 -39.31 5.35 -7.88
C LEU B 275 -37.99 6.10 -7.99
N HIS B 276 -36.90 5.35 -7.96
CA HIS B 276 -35.56 5.91 -8.06
C HIS B 276 -35.20 6.01 -9.53
N SER B 277 -34.64 7.14 -9.94
CA SER B 277 -34.18 7.29 -11.33
C SER B 277 -35.29 7.03 -12.32
N ASN B 278 -36.36 7.84 -12.22
CA ASN B 278 -37.43 7.86 -13.23
C ASN B 278 -37.57 9.24 -13.88
N SER B 279 -36.62 10.13 -13.65
CA SER B 279 -36.63 11.49 -14.22
C SER B 279 -37.90 12.28 -13.85
N LEU B 280 -38.44 12.06 -12.65
CA LEU B 280 -39.65 12.76 -12.23
C LEU B 280 -39.38 14.23 -11.94
N GLN B 281 -40.28 15.09 -12.41
CA GLN B 281 -40.22 16.51 -12.08
C GLN B 281 -41.30 16.92 -11.09
N HIS B 282 -42.28 16.06 -10.84
CA HIS B 282 -43.38 16.40 -9.95
C HIS B 282 -43.83 15.14 -9.25
N VAL B 283 -44.36 15.33 -8.04
CA VAL B 283 -44.89 14.19 -7.30
C VAL B 283 -46.33 14.53 -6.96
N PRO B 284 -47.30 14.11 -7.78
CA PRO B 284 -48.71 14.47 -7.55
C PRO B 284 -49.25 13.83 -6.28
N PRO B 285 -49.76 14.64 -5.34
CA PRO B 285 -50.36 14.06 -4.12
C PRO B 285 -51.42 13.00 -4.40
N ARG B 286 -52.11 13.11 -5.53
CA ARG B 286 -53.17 12.18 -5.88
C ARG B 286 -52.69 10.72 -5.90
N TRP B 287 -51.41 10.49 -6.20
CA TRP B 287 -50.85 9.13 -6.19
C TRP B 287 -51.16 8.43 -4.87
N PHE B 288 -51.09 9.15 -3.76
CA PHE B 288 -51.12 8.56 -2.43
C PHE B 288 -52.48 8.71 -1.74
N LYS B 289 -53.56 8.93 -2.50
CA LYS B 289 -54.86 9.18 -1.86
C LYS B 289 -55.37 7.96 -1.08
N ASN B 290 -55.14 6.76 -1.59
CA ASN B 290 -55.63 5.54 -0.96
C ASN B 290 -54.52 4.61 -0.54
N ILE B 291 -53.32 5.13 -0.31
CA ILE B 291 -52.28 4.39 0.37
C ILE B 291 -51.94 5.15 1.65
N ASN B 292 -52.41 4.67 2.78
CA ASN B 292 -52.00 5.23 4.05
C ASN B 292 -51.03 4.34 4.79
N ASN B 293 -50.77 3.15 4.29
CA ASN B 293 -49.81 2.22 4.87
C ASN B 293 -48.37 2.46 4.43
N LEU B 294 -48.13 3.36 3.48
CA LEU B 294 -46.79 3.50 2.94
C LEU B 294 -45.77 3.83 4.02
N GLN B 295 -44.67 3.08 4.03
CA GLN B 295 -43.61 3.27 5.00
C GLN B 295 -42.29 3.68 4.40
N GLU B 296 -41.95 3.18 3.21
CA GLU B 296 -40.67 3.44 2.56
C GLU B 296 -40.90 4.00 1.17
N LEU B 297 -40.38 5.21 0.90
CA LEU B 297 -40.53 5.83 -0.43
C LEU B 297 -39.18 6.37 -0.92
N ASP B 298 -38.67 5.77 -2.00
CA ASP B 298 -37.43 6.19 -2.64
C ASP B 298 -37.76 7.09 -3.83
N LEU B 299 -37.37 8.37 -3.74
CA LEU B 299 -37.49 9.30 -4.84
C LEU B 299 -36.14 9.87 -5.22
N SER B 300 -35.07 9.12 -4.97
CA SER B 300 -33.74 9.58 -5.30
C SER B 300 -33.49 9.51 -6.81
N GLN B 301 -32.59 10.36 -7.27
CA GLN B 301 -32.17 10.41 -8.69
C GLN B 301 -33.33 10.78 -9.60
N ASN B 302 -34.07 11.80 -9.23
CA ASN B 302 -35.01 12.37 -10.19
C ASN B 302 -34.67 13.83 -10.37
N PHE B 303 -35.64 14.65 -10.78
CA PHE B 303 -35.45 16.08 -10.90
C PHE B 303 -36.47 16.79 -10.01
N LEU B 304 -36.42 16.53 -8.70
CA LEU B 304 -37.40 17.03 -7.74
C LEU B 304 -36.84 18.17 -6.91
N ALA B 305 -35.82 18.88 -7.41
CA ALA B 305 -35.22 19.98 -6.68
C ALA B 305 -36.25 21.04 -6.29
N LYS B 306 -37.03 21.53 -7.25
CA LYS B 306 -38.12 22.47 -6.97
C LYS B 306 -39.16 21.83 -6.06
N GLU B 307 -39.61 20.62 -6.42
CA GLU B 307 -40.66 19.92 -5.69
C GLU B 307 -40.36 19.79 -4.20
N ILE B 308 -39.08 19.75 -3.82
CA ILE B 308 -38.74 19.58 -2.39
C ILE B 308 -39.23 20.77 -1.56
N GLY B 309 -39.26 21.97 -2.13
CA GLY B 309 -39.76 23.15 -1.46
C GLY B 309 -41.27 23.30 -1.49
N ASP B 310 -41.97 22.34 -2.07
CA ASP B 310 -43.41 22.38 -2.22
C ASP B 310 -44.01 21.13 -1.59
N ALA B 311 -43.92 19.99 -2.29
CA ALA B 311 -44.08 18.67 -1.70
C ALA B 311 -45.40 18.49 -0.96
N LYS B 312 -46.50 18.90 -1.60
CA LYS B 312 -47.81 18.73 -0.97
C LYS B 312 -48.11 17.26 -0.71
N PHE B 313 -47.60 16.37 -1.57
CA PHE B 313 -47.87 14.95 -1.44
C PHE B 313 -47.51 14.42 -0.06
N LEU B 314 -46.59 15.07 0.65
CA LEU B 314 -46.18 14.59 1.96
C LEU B 314 -47.35 14.58 2.94
N HIS B 315 -48.32 15.47 2.73
CA HIS B 315 -49.48 15.52 3.62
C HIS B 315 -50.27 14.20 3.57
N PHE B 316 -50.10 13.36 2.54
CA PHE B 316 -50.81 12.09 2.48
C PHE B 316 -50.00 10.93 3.03
N LEU B 317 -48.92 11.20 3.76
CA LEU B 317 -47.97 10.17 4.13
C LEU B 317 -47.66 10.15 5.63
N PRO B 318 -48.69 10.10 6.48
CA PRO B 318 -48.44 10.20 7.93
C PRO B 318 -47.78 8.97 8.53
N ASN B 319 -47.77 7.83 7.83
CA ASN B 319 -47.18 6.60 8.36
C ASN B 319 -45.76 6.32 7.82
N LEU B 320 -45.19 7.25 7.06
CA LEU B 320 -43.94 6.98 6.36
C LEU B 320 -42.78 6.87 7.34
N ILE B 321 -42.01 5.79 7.24
CA ILE B 321 -40.82 5.62 8.07
C ILE B 321 -39.57 6.19 7.39
N GLN B 322 -39.37 5.87 6.10
CA GLN B 322 -38.17 6.26 5.34
C GLN B 322 -38.52 7.09 4.13
N LEU B 323 -37.78 8.18 3.93
CA LEU B 323 -37.96 9.04 2.76
C LEU B 323 -36.61 9.44 2.20
N ASP B 324 -36.38 9.11 0.92
CA ASP B 324 -35.13 9.39 0.22
C ASP B 324 -35.38 10.34 -0.94
N LEU B 325 -34.76 11.51 -0.90
CA LEU B 325 -34.82 12.49 -1.98
C LEU B 325 -33.43 12.83 -2.52
N SER B 326 -32.48 11.90 -2.40
CA SER B 326 -31.09 12.19 -2.71
C SER B 326 -30.87 12.37 -4.20
N PHE B 327 -29.96 13.28 -4.55
CA PHE B 327 -29.54 13.48 -5.93
C PHE B 327 -30.71 13.88 -6.82
N ASN B 328 -31.36 14.98 -6.42
CA ASN B 328 -32.40 15.60 -7.24
C ASN B 328 -31.99 16.95 -7.79
N PHE B 329 -30.73 17.34 -7.61
CA PHE B 329 -30.27 18.65 -7.99
C PHE B 329 -30.49 18.93 -9.48
N GLU B 330 -30.65 20.21 -9.79
CA GLU B 330 -30.62 20.65 -11.17
C GLU B 330 -29.19 20.70 -11.68
N LEU B 331 -29.00 20.24 -12.90
CA LEU B 331 -27.66 20.26 -13.46
C LEU B 331 -27.14 21.70 -13.48
N GLN B 332 -25.88 21.87 -13.09
CA GLN B 332 -25.14 23.14 -13.12
C GLN B 332 -25.64 24.18 -12.12
N VAL B 333 -26.39 23.81 -11.10
CA VAL B 333 -26.96 24.77 -10.17
C VAL B 333 -26.38 24.54 -8.77
N TYR B 334 -25.85 25.60 -8.19
CA TYR B 334 -25.33 25.57 -6.83
C TYR B 334 -26.20 26.49 -5.96
N ARG B 335 -27.30 25.95 -5.44
CA ARG B 335 -28.24 26.75 -4.65
C ARG B 335 -27.56 27.37 -3.43
N ALA B 336 -28.08 28.52 -3.02
CA ALA B 336 -27.59 29.20 -1.83
C ALA B 336 -27.91 28.41 -0.56
N SER B 337 -29.07 27.78 -0.50
CA SER B 337 -29.58 27.24 0.74
C SER B 337 -30.58 26.14 0.43
N MET B 338 -31.06 25.47 1.49
CA MET B 338 -32.04 24.38 1.33
C MET B 338 -33.45 24.84 1.67
N ASN B 339 -34.33 24.80 0.66
CA ASN B 339 -35.74 25.12 0.80
C ASN B 339 -36.45 23.79 1.02
N LEU B 340 -36.76 23.48 2.28
CA LEU B 340 -37.61 22.36 2.66
C LEU B 340 -39.02 22.86 2.96
N SER B 341 -40.00 22.41 2.16
CA SER B 341 -41.39 22.79 2.38
C SER B 341 -41.81 22.45 3.81
N GLN B 342 -42.76 23.24 4.34
CA GLN B 342 -43.35 22.95 5.64
C GLN B 342 -44.06 21.60 5.64
N ALA B 343 -44.44 21.10 4.47
CA ALA B 343 -45.18 19.84 4.40
C ALA B 343 -44.43 18.71 5.07
N PHE B 344 -43.09 18.80 5.11
CA PHE B 344 -42.29 17.80 5.82
C PHE B 344 -42.75 17.60 7.26
N SER B 345 -43.23 18.65 7.92
CA SER B 345 -43.64 18.56 9.33
C SER B 345 -44.81 17.60 9.57
N SER B 346 -45.53 17.19 8.53
CA SER B 346 -46.64 16.25 8.66
C SER B 346 -46.20 14.80 8.58
N LEU B 347 -44.90 14.54 8.58
CA LEU B 347 -44.38 13.18 8.46
C LEU B 347 -44.20 12.56 9.86
N LYS B 348 -45.35 12.43 10.55
CA LYS B 348 -45.35 12.09 11.96
C LYS B 348 -44.54 10.84 12.29
N SER B 349 -44.48 9.88 11.38
CA SER B 349 -43.82 8.61 11.68
C SER B 349 -42.37 8.54 11.27
N LEU B 350 -41.85 9.57 10.58
CA LEU B 350 -40.55 9.50 9.89
C LEU B 350 -39.39 9.23 10.85
N LYS B 351 -38.67 8.13 10.62
CA LYS B 351 -37.40 7.89 11.30
C LYS B 351 -36.18 8.31 10.48
N ILE B 352 -36.21 8.16 9.15
CA ILE B 352 -35.03 8.26 8.30
C ILE B 352 -35.33 9.19 7.14
N LEU B 353 -34.57 10.27 7.03
CA LEU B 353 -34.71 11.22 5.95
C LEU B 353 -33.35 11.40 5.29
N ARG B 354 -33.29 11.23 3.97
CA ARG B 354 -32.03 11.31 3.24
C ARG B 354 -32.16 12.30 2.10
N ILE B 355 -31.31 13.32 2.10
CA ILE B 355 -31.29 14.27 1.00
C ILE B 355 -29.83 14.58 0.66
N ARG B 356 -29.10 13.56 0.22
CA ARG B 356 -27.81 13.82 -0.41
C ARG B 356 -28.00 14.46 -1.78
N GLY B 357 -26.95 15.11 -2.27
CA GLY B 357 -27.01 15.65 -3.64
C GLY B 357 -28.11 16.66 -3.88
N TYR B 358 -28.50 17.40 -2.86
CA TYR B 358 -29.32 18.58 -3.08
C TYR B 358 -28.47 19.72 -3.62
N VAL B 359 -27.24 19.85 -3.11
CA VAL B 359 -26.21 20.76 -3.63
C VAL B 359 -26.51 22.22 -3.30
N PHE B 360 -26.01 22.69 -2.15
CA PHE B 360 -26.27 24.04 -1.68
C PHE B 360 -25.15 24.48 -0.76
N LYS B 361 -24.92 25.81 -0.68
CA LYS B 361 -23.71 26.34 -0.07
C LYS B 361 -23.77 26.54 1.44
N GLU B 362 -24.94 26.86 1.97
CA GLU B 362 -25.05 27.25 3.38
C GLU B 362 -26.24 26.55 4.00
N LEU B 363 -26.00 25.83 5.08
CA LEU B 363 -27.08 25.23 5.84
C LEU B 363 -27.35 26.10 7.06
N LYS B 364 -28.58 26.57 7.20
CA LYS B 364 -28.94 27.46 8.30
C LYS B 364 -30.07 26.87 9.13
N SER B 365 -29.98 27.14 10.44
CA SER B 365 -30.80 26.50 11.45
C SER B 365 -32.26 26.45 11.06
N PHE B 366 -32.79 27.55 10.51
CA PHE B 366 -34.22 27.61 10.29
C PHE B 366 -34.65 26.77 9.09
N GLN B 367 -33.74 26.48 8.15
CA GLN B 367 -34.10 25.64 7.02
C GLN B 367 -34.50 24.24 7.46
N LEU B 368 -34.07 23.80 8.65
CA LEU B 368 -34.46 22.50 9.18
C LEU B 368 -35.68 22.55 10.08
N SER B 369 -36.30 23.71 10.27
CA SER B 369 -37.40 23.80 11.22
C SER B 369 -38.55 22.85 10.93
N PRO B 370 -38.96 22.58 9.64
CA PRO B 370 -40.04 21.61 9.41
C PRO B 370 -39.80 20.26 10.06
N LEU B 371 -38.56 19.97 10.44
CA LEU B 371 -38.22 18.71 11.08
C LEU B 371 -38.26 18.79 12.59
N HIS B 372 -38.44 19.99 13.16
CA HIS B 372 -38.23 20.18 14.60
C HIS B 372 -39.15 19.27 15.42
N ASN B 373 -40.39 19.05 14.96
CA ASN B 373 -41.36 18.28 15.74
C ASN B 373 -41.61 16.88 15.21
N LEU B 374 -40.78 16.36 14.32
CA LEU B 374 -40.84 14.94 13.98
C LEU B 374 -40.17 14.17 15.11
N GLN B 375 -40.98 13.60 16.01
CA GLN B 375 -40.45 13.03 17.24
C GLN B 375 -39.67 11.75 16.99
N ASN B 376 -39.97 11.02 15.91
CA ASN B 376 -39.32 9.73 15.69
C ASN B 376 -38.09 9.80 14.79
N LEU B 377 -37.65 11.00 14.42
CA LEU B 377 -36.59 11.16 13.44
C LEU B 377 -35.27 10.65 14.00
N GLU B 378 -34.73 9.58 13.41
CA GLU B 378 -33.50 8.97 13.88
C GLU B 378 -32.27 9.29 13.02
N VAL B 379 -32.44 9.46 11.70
CA VAL B 379 -31.32 9.65 10.79
C VAL B 379 -31.60 10.85 9.89
N LEU B 380 -30.67 11.80 9.85
CA LEU B 380 -30.76 12.91 8.92
C LEU B 380 -29.47 12.92 8.10
N ASP B 381 -29.58 12.65 6.81
CA ASP B 381 -28.46 12.44 5.91
C ASP B 381 -28.46 13.57 4.91
N LEU B 382 -27.52 14.52 5.06
CA LEU B 382 -27.38 15.62 4.12
C LEU B 382 -26.02 15.57 3.44
N GLY B 383 -25.47 14.36 3.27
CA GLY B 383 -24.13 14.21 2.71
C GLY B 383 -24.07 14.53 1.22
N THR B 384 -22.85 14.72 0.74
CA THR B 384 -22.59 15.03 -0.67
C THR B 384 -23.51 16.17 -1.13
N ASN B 385 -23.41 17.28 -0.40
CA ASN B 385 -24.13 18.48 -0.79
C ASN B 385 -23.25 19.69 -1.06
N PHE B 386 -21.92 19.56 -0.89
CA PHE B 386 -21.01 20.68 -1.09
C PHE B 386 -21.40 21.87 -0.22
N ILE B 387 -21.88 21.57 0.99
CA ILE B 387 -22.17 22.62 1.96
C ILE B 387 -20.85 23.25 2.41
N LYS B 388 -20.77 24.58 2.34
CA LYS B 388 -19.58 25.31 2.74
C LYS B 388 -19.64 25.84 4.17
N ILE B 389 -20.83 26.08 4.70
CA ILE B 389 -21.03 26.83 5.92
C ILE B 389 -22.16 26.16 6.70
N ALA B 390 -21.88 25.74 7.93
CA ALA B 390 -22.92 25.20 8.78
C ALA B 390 -22.51 25.43 10.23
N ASN B 391 -23.31 26.22 10.95
CA ASN B 391 -23.12 26.37 12.39
C ASN B 391 -23.59 25.07 13.04
N LEU B 392 -22.63 24.27 13.50
CA LEU B 392 -22.95 22.95 14.05
C LEU B 392 -23.87 23.02 15.26
N SER B 393 -24.04 24.19 15.87
CA SER B 393 -24.88 24.28 17.05
C SER B 393 -26.36 24.12 16.74
N MET B 394 -26.77 24.30 15.47
CA MET B 394 -28.17 24.12 15.10
C MET B 394 -28.69 22.74 15.47
N PHE B 395 -27.81 21.76 15.58
CA PHE B 395 -28.22 20.41 15.92
C PHE B 395 -28.45 20.26 17.42
N LYS B 396 -28.43 21.37 18.15
CA LYS B 396 -28.94 21.34 19.53
C LYS B 396 -30.39 20.87 19.55
N GLN B 397 -31.16 21.23 18.51
CA GLN B 397 -32.57 20.91 18.31
C GLN B 397 -32.80 19.50 17.77
N PHE B 398 -31.75 18.67 17.73
CA PHE B 398 -31.87 17.34 17.13
C PHE B 398 -31.22 16.32 18.02
N LYS B 399 -31.30 16.54 19.34
CA LYS B 399 -30.60 15.70 20.30
C LYS B 399 -31.16 14.28 20.28
N ARG B 400 -32.37 14.11 19.77
CA ARG B 400 -33.05 12.82 19.74
C ARG B 400 -32.58 11.91 18.62
N LEU B 401 -31.91 12.45 17.61
CA LEU B 401 -31.48 11.66 16.45
C LEU B 401 -30.37 10.71 16.81
N LYS B 402 -30.28 9.63 16.04
CA LYS B 402 -29.17 8.71 16.22
C LYS B 402 -27.95 9.03 15.36
N VAL B 403 -28.15 9.59 14.15
CA VAL B 403 -27.07 9.91 13.22
C VAL B 403 -27.40 11.22 12.50
N ILE B 404 -26.48 12.18 12.56
CA ILE B 404 -26.58 13.41 11.79
C ILE B 404 -25.42 13.36 10.80
N ASP B 405 -25.72 13.15 9.52
CA ASP B 405 -24.72 12.79 8.52
C ASP B 405 -24.46 13.98 7.59
N LEU B 406 -23.32 14.64 7.78
CA LEU B 406 -22.87 15.70 6.89
C LEU B 406 -21.62 15.29 6.11
N SER B 407 -21.45 13.98 5.90
CA SER B 407 -20.25 13.47 5.26
C SER B 407 -20.10 13.94 3.82
N VAL B 408 -18.86 14.17 3.42
CA VAL B 408 -18.53 14.56 2.06
C VAL B 408 -19.19 15.91 1.76
N ASN B 409 -18.68 16.95 2.38
CA ASN B 409 -19.14 18.30 2.10
C ASN B 409 -17.89 19.17 2.10
N LYS B 410 -18.06 20.48 2.05
CA LYS B 410 -16.94 21.40 2.05
C LYS B 410 -16.92 22.28 3.29
N ILE B 411 -17.47 21.78 4.39
CA ILE B 411 -17.60 22.57 5.62
C ILE B 411 -16.23 22.97 6.13
N SER B 412 -16.06 24.25 6.45
CA SER B 412 -14.84 24.75 7.08
C SER B 412 -15.20 25.95 7.94
N PRO B 413 -14.27 26.42 8.79
CA PRO B 413 -14.51 27.73 9.41
C PRO B 413 -13.99 28.89 8.56
N VAL B 437 -24.92 1.94 7.72
CA VAL B 437 -24.00 2.59 6.78
C VAL B 437 -24.26 2.09 5.36
N LEU B 438 -24.42 3.01 4.41
CA LEU B 438 -24.67 2.64 3.03
C LEU B 438 -23.36 2.33 2.31
N GLU B 439 -23.44 1.44 1.31
CA GLU B 439 -22.27 1.06 0.52
C GLU B 439 -21.70 2.29 -0.19
N GLN B 440 -20.37 2.27 -0.41
CA GLN B 440 -19.67 3.43 -0.98
C GLN B 440 -20.21 3.79 -2.36
N LEU B 441 -20.62 2.79 -3.13
CA LEU B 441 -21.42 3.02 -4.32
C LEU B 441 -22.82 2.53 -3.99
N TYR B 442 -23.79 3.45 -4.04
CA TYR B 442 -25.11 3.18 -3.50
C TYR B 442 -26.16 3.89 -4.34
N TYR B 443 -26.12 5.21 -4.39
CA TYR B 443 -27.07 5.96 -5.21
C TYR B 443 -26.76 5.85 -6.69
N PHE B 444 -25.54 5.45 -7.05
CA PHE B 444 -25.17 5.41 -8.46
C PHE B 444 -24.91 4.01 -9.01
N ARG B 445 -25.12 2.96 -8.25
CA ARG B 445 -24.92 1.67 -8.87
C ARG B 445 -26.17 1.23 -9.64
N TYR B 446 -25.94 0.42 -10.67
CA TYR B 446 -27.01 -0.01 -11.55
C TYR B 446 -28.07 -0.79 -10.79
N ASP B 447 -27.68 -1.86 -10.12
CA ASP B 447 -28.64 -2.71 -9.40
C ASP B 447 -28.02 -3.03 -8.03
N LYS B 448 -28.32 -2.20 -7.05
CA LYS B 448 -27.74 -2.38 -5.73
C LYS B 448 -28.28 -3.60 -5.01
N TYR B 449 -29.31 -4.26 -5.56
CA TYR B 449 -29.81 -5.52 -5.02
C TYR B 449 -29.40 -6.71 -5.85
N ALA B 450 -28.43 -6.57 -6.73
CA ALA B 450 -28.05 -7.69 -7.58
C ALA B 450 -27.45 -8.82 -6.73
N ARG B 451 -27.91 -10.03 -6.99
CA ARG B 451 -27.41 -11.22 -6.32
C ARG B 451 -26.05 -11.61 -6.89
N SER B 452 -25.21 -12.21 -6.06
CA SER B 452 -23.89 -12.68 -6.47
C SER B 452 -23.91 -14.19 -6.66
N CYS B 453 -22.94 -14.71 -7.41
CA CYS B 453 -22.92 -16.15 -7.65
C CYS B 453 -22.81 -16.96 -6.36
N ARG B 454 -22.18 -16.43 -5.32
CA ARG B 454 -21.98 -17.26 -4.11
C ARG B 454 -23.25 -17.32 -3.24
N SER B 468 -17.71 0.91 12.82
CA SER B 468 -18.71 1.98 12.94
C SER B 468 -19.04 2.34 14.39
N CYS B 469 -19.40 3.62 14.62
CA CYS B 469 -19.56 4.15 15.98
C CYS B 469 -21.00 4.47 16.35
N TYR B 470 -21.96 4.07 15.51
CA TYR B 470 -23.36 4.40 15.77
C TYR B 470 -23.83 3.81 17.11
N LYS B 471 -23.34 2.61 17.45
CA LYS B 471 -23.80 1.93 18.65
C LYS B 471 -23.47 2.69 19.91
N TYR B 472 -22.51 3.61 19.87
CA TYR B 472 -22.18 4.39 21.05
C TYR B 472 -23.22 5.48 21.36
N GLY B 473 -24.15 5.76 20.44
CA GLY B 473 -25.16 6.79 20.70
C GLY B 473 -25.20 7.85 19.61
N GLN B 474 -25.61 9.07 19.97
CA GLN B 474 -25.77 10.14 18.99
C GLN B 474 -24.46 10.40 18.27
N THR B 475 -24.50 10.33 16.93
CA THR B 475 -23.33 10.45 16.09
C THR B 475 -23.48 11.64 15.15
N LEU B 476 -22.47 12.49 15.14
CA LEU B 476 -22.39 13.59 14.20
C LEU B 476 -21.25 13.24 13.25
N ASP B 477 -21.59 12.86 12.02
CA ASP B 477 -20.60 12.47 11.02
C ASP B 477 -20.19 13.70 10.21
N LEU B 478 -18.97 14.19 10.46
CA LEU B 478 -18.39 15.28 9.68
C LEU B 478 -17.24 14.78 8.79
N SER B 479 -17.16 13.47 8.56
CA SER B 479 -16.03 12.95 7.81
C SER B 479 -15.99 13.51 6.38
N LYS B 480 -14.78 13.58 5.83
CA LYS B 480 -14.55 14.04 4.47
C LYS B 480 -15.13 15.45 4.27
N ASN B 481 -14.70 16.35 5.10
CA ASN B 481 -15.02 17.76 4.92
C ASN B 481 -13.71 18.54 4.82
N SER B 482 -13.81 19.86 4.89
CA SER B 482 -12.66 20.74 4.75
C SER B 482 -12.34 21.47 6.04
N ILE B 483 -12.59 20.85 7.19
CA ILE B 483 -12.32 21.48 8.49
C ILE B 483 -10.80 21.53 8.69
N PHE B 484 -10.25 22.73 8.67
CA PHE B 484 -8.82 22.97 8.84
C PHE B 484 -8.44 23.25 10.30
N PHE B 485 -9.26 23.99 11.04
CA PHE B 485 -8.96 24.36 12.41
C PHE B 485 -10.20 24.15 13.26
N ILE B 486 -10.02 23.61 14.47
CA ILE B 486 -11.15 23.42 15.38
C ILE B 486 -10.89 24.22 16.66
N LYS B 487 -11.96 24.76 17.22
CA LYS B 487 -11.92 25.45 18.51
C LYS B 487 -13.18 25.09 19.28
N SER B 488 -13.08 25.15 20.61
CA SER B 488 -14.16 24.71 21.51
C SER B 488 -15.54 25.22 21.11
N SER B 489 -15.63 26.48 20.67
CA SER B 489 -16.94 27.06 20.36
C SER B 489 -17.60 26.39 19.16
N ASP B 490 -16.81 25.76 18.28
CA ASP B 490 -17.40 25.05 17.14
C ASP B 490 -18.39 23.98 17.60
N PHE B 491 -18.23 23.46 18.81
CA PHE B 491 -19.04 22.38 19.37
C PHE B 491 -20.02 22.88 20.42
N GLN B 492 -20.40 24.15 20.32
CA GLN B 492 -21.27 24.74 21.30
C GLN B 492 -22.64 24.09 21.23
N HIS B 493 -23.20 23.82 22.41
CA HIS B 493 -24.52 23.21 22.57
C HIS B 493 -24.62 21.77 22.06
N LEU B 494 -23.50 21.07 21.88
CA LEU B 494 -23.53 19.69 21.42
C LEU B 494 -22.93 18.72 22.43
N SER B 495 -23.13 19.00 23.72
CA SER B 495 -22.60 18.14 24.78
C SER B 495 -23.22 16.75 24.77
N PHE B 496 -24.39 16.58 24.15
CA PHE B 496 -25.04 15.28 24.12
C PHE B 496 -24.32 14.25 23.24
N LEU B 497 -23.40 14.69 22.38
CA LEU B 497 -22.77 13.80 21.41
C LEU B 497 -22.02 12.63 22.08
N LYS B 498 -22.23 11.42 21.54
CA LYS B 498 -21.50 10.25 21.97
C LYS B 498 -20.38 9.85 21.02
N CYS B 499 -20.56 10.11 19.71
CA CYS B 499 -19.58 9.82 18.65
C CYS B 499 -19.46 11.00 17.71
N LEU B 500 -18.21 11.44 17.46
CA LEU B 500 -17.92 12.51 16.50
C LEU B 500 -16.92 12.00 15.47
N ASN B 501 -17.31 12.03 14.20
CA ASN B 501 -16.46 11.56 13.11
C ASN B 501 -15.88 12.77 12.40
N LEU B 502 -14.60 13.04 12.67
CA LEU B 502 -13.85 14.06 11.93
C LEU B 502 -12.86 13.47 10.94
N SER B 503 -13.00 12.18 10.61
CA SER B 503 -12.06 11.51 9.71
C SER B 503 -12.00 12.20 8.34
N GLY B 504 -10.80 12.31 7.81
CA GLY B 504 -10.67 12.81 6.45
C GLY B 504 -10.94 14.29 6.31
N ASN B 505 -10.59 15.06 7.33
CA ASN B 505 -10.59 16.51 7.18
C ASN B 505 -9.17 16.99 6.94
N LEU B 506 -8.93 18.27 7.21
CA LEU B 506 -7.63 18.88 6.95
C LEU B 506 -7.02 19.46 8.22
N ILE B 507 -7.32 18.82 9.35
CA ILE B 507 -6.99 19.37 10.66
C ILE B 507 -5.50 19.14 10.87
N SER B 508 -4.73 20.25 10.91
CA SER B 508 -3.26 20.24 10.98
C SER B 508 -2.82 21.12 12.16
N GLN B 509 -3.04 20.63 13.37
CA GLN B 509 -3.15 21.49 14.55
C GLN B 509 -2.52 20.77 15.73
N THR B 510 -1.88 21.51 16.63
CA THR B 510 -1.46 20.92 17.90
C THR B 510 -2.61 21.07 18.87
N LEU B 511 -3.28 19.97 19.18
CA LEU B 511 -4.34 19.94 20.18
C LEU B 511 -3.71 20.00 21.57
N ASN B 512 -4.13 20.96 22.39
CA ASN B 512 -3.60 21.06 23.74
C ASN B 512 -4.64 20.75 24.79
N GLY B 513 -5.73 20.10 24.41
CA GLY B 513 -6.77 19.77 25.37
C GLY B 513 -7.86 20.79 25.50
N SER B 514 -7.84 21.86 24.70
CA SER B 514 -8.84 22.92 24.81
C SER B 514 -9.83 22.93 23.66
N GLU B 515 -9.71 22.02 22.70
CA GLU B 515 -10.46 22.17 21.45
C GLU B 515 -11.84 21.51 21.49
N PHE B 516 -12.05 20.57 22.40
CA PHE B 516 -13.27 19.77 22.44
C PHE B 516 -14.05 19.98 23.74
N GLN B 517 -13.92 21.16 24.35
CA GLN B 517 -14.41 21.32 25.72
C GLN B 517 -15.90 21.05 25.88
N PRO B 518 -16.79 21.41 24.94
CA PRO B 518 -18.21 21.12 25.15
C PRO B 518 -18.57 19.64 25.09
N LEU B 519 -17.74 18.78 24.48
CA LEU B 519 -18.17 17.41 24.17
C LEU B 519 -17.96 16.52 25.39
N ALA B 520 -18.72 16.83 26.44
CA ALA B 520 -18.47 16.23 27.74
C ALA B 520 -18.92 14.77 27.83
N GLU B 521 -19.77 14.28 26.93
CA GLU B 521 -20.16 12.88 27.03
C GLU B 521 -19.58 12.03 25.90
N LEU B 522 -18.69 12.58 25.08
CA LEU B 522 -18.22 11.87 23.88
C LEU B 522 -17.49 10.58 24.23
N ARG B 523 -17.92 9.48 23.62
CA ARG B 523 -17.31 8.19 23.86
C ARG B 523 -16.40 7.75 22.74
N TYR B 524 -16.62 8.26 21.53
CA TYR B 524 -15.89 7.81 20.36
C TYR B 524 -15.53 9.03 19.51
N LEU B 525 -14.23 9.21 19.26
CA LEU B 525 -13.73 10.23 18.36
C LEU B 525 -12.94 9.57 17.24
N ASP B 526 -13.41 9.71 16.01
CA ASP B 526 -12.65 9.31 14.84
C ASP B 526 -11.95 10.56 14.31
N PHE B 527 -10.63 10.58 14.50
CA PHE B 527 -9.76 11.67 14.07
C PHE B 527 -8.79 11.20 13.00
N SER B 528 -9.10 10.11 12.32
CA SER B 528 -8.19 9.52 11.34
C SER B 528 -8.16 10.36 10.06
N ASN B 529 -7.12 10.17 9.25
CA ASN B 529 -6.89 10.94 8.00
C ASN B 529 -6.98 12.44 8.24
N ASN B 530 -6.17 12.89 9.18
CA ASN B 530 -5.99 14.32 9.42
C ASN B 530 -4.48 14.52 9.49
N ARG B 531 -4.05 15.66 10.00
CA ARG B 531 -2.63 15.85 10.27
C ARG B 531 -2.40 16.24 11.73
N LEU B 532 -2.78 15.36 12.66
CA LEU B 532 -2.61 15.71 14.07
C LEU B 532 -1.14 15.97 14.37
N ASP B 533 -0.89 16.96 15.24
CA ASP B 533 0.46 17.26 15.70
C ASP B 533 0.50 17.04 17.20
N LEU B 534 1.00 15.88 17.60
CA LEU B 534 1.10 15.53 19.03
C LEU B 534 2.29 16.23 19.69
N LEU B 535 2.28 17.56 19.61
CA LEU B 535 3.26 18.33 20.38
C LEU B 535 2.95 18.29 21.86
N HIS B 536 1.68 18.36 22.23
CA HIS B 536 1.30 18.47 23.63
C HIS B 536 0.77 17.16 24.14
N SER B 537 1.31 16.69 25.27
CA SER B 537 0.78 15.47 25.88
C SER B 537 -0.59 15.68 26.52
N THR B 538 -1.15 16.89 26.50
CA THR B 538 -2.49 17.14 26.98
C THR B 538 -3.53 17.09 25.87
N ALA B 539 -3.19 16.55 24.69
CA ALA B 539 -4.16 16.44 23.62
C ALA B 539 -5.28 15.48 24.02
N PHE B 540 -6.52 15.85 23.69
CA PHE B 540 -7.72 15.05 23.92
C PHE B 540 -8.11 14.89 25.40
N GLU B 541 -7.34 15.45 26.32
CA GLU B 541 -7.63 15.17 27.73
C GLU B 541 -8.95 15.77 28.19
N GLU B 542 -9.51 16.75 27.46
CA GLU B 542 -10.82 17.27 27.82
C GLU B 542 -11.94 16.28 27.48
N LEU B 543 -11.70 15.34 26.57
CA LEU B 543 -12.73 14.34 26.24
C LEU B 543 -12.68 13.29 27.34
N ARG B 544 -13.38 13.60 28.41
CA ARG B 544 -13.19 12.93 29.70
C ARG B 544 -13.97 11.63 29.78
N LYS B 545 -14.89 11.40 28.87
CA LYS B 545 -15.57 10.13 28.75
C LYS B 545 -15.14 9.32 27.53
N LEU B 546 -14.04 9.71 26.89
CA LEU B 546 -13.58 9.07 25.67
C LEU B 546 -13.19 7.62 25.91
N GLU B 547 -13.86 6.71 25.21
CA GLU B 547 -13.54 5.28 25.29
C GLU B 547 -12.75 4.76 24.09
N VAL B 548 -12.98 5.30 22.90
CA VAL B 548 -12.30 4.90 21.67
C VAL B 548 -11.80 6.15 20.96
N LEU B 549 -10.52 6.14 20.59
CA LEU B 549 -9.86 7.24 19.87
C LEU B 549 -9.12 6.67 18.66
N ASP B 550 -9.48 7.15 17.48
CA ASP B 550 -8.78 6.78 16.25
C ASP B 550 -7.95 7.96 15.79
N ILE B 551 -6.63 7.84 15.90
CA ILE B 551 -5.76 8.84 15.29
C ILE B 551 -4.89 8.19 14.21
N SER B 552 -5.44 7.19 13.52
CA SER B 552 -4.74 6.55 12.42
C SER B 552 -4.60 7.49 11.20
N SER B 553 -3.57 7.22 10.40
CA SER B 553 -3.34 7.96 9.17
C SER B 553 -3.26 9.46 9.44
N ASN B 554 -2.52 9.80 10.50
CA ASN B 554 -2.10 11.16 10.78
C ASN B 554 -0.58 11.18 10.69
N SER B 555 -0.05 10.68 9.58
CA SER B 555 1.39 10.49 9.50
C SER B 555 2.18 11.76 9.21
N HIS B 556 1.52 12.80 8.68
CA HIS B 556 2.20 13.99 8.18
C HIS B 556 3.35 14.47 9.09
N TYR B 557 3.02 14.88 10.31
CA TYR B 557 4.06 15.41 11.19
C TYR B 557 5.00 14.34 11.71
N PHE B 558 4.67 13.05 11.58
CA PHE B 558 5.61 12.04 12.03
C PHE B 558 6.70 11.73 11.03
N GLN B 559 6.54 12.13 9.77
CA GLN B 559 7.49 11.75 8.74
C GLN B 559 8.55 12.82 8.49
N SER B 560 8.58 13.88 9.30
CA SER B 560 9.59 14.91 9.15
C SER B 560 10.47 14.90 10.38
N GLU B 561 11.79 14.84 10.17
CA GLU B 561 12.75 14.63 11.24
C GLU B 561 12.81 15.83 12.18
N GLY B 562 13.08 15.55 13.45
CA GLY B 562 13.39 16.56 14.44
C GLY B 562 12.21 17.20 15.14
N ILE B 563 11.01 16.76 14.85
CA ILE B 563 9.77 17.30 15.41
C ILE B 563 9.43 16.54 16.69
N THR B 564 8.90 17.25 17.69
CA THR B 564 8.55 16.63 18.98
C THR B 564 7.18 15.94 18.89
N HIS B 565 7.12 14.71 19.38
CA HIS B 565 5.88 13.95 19.47
C HIS B 565 5.74 13.40 20.88
N MET B 566 4.60 13.65 21.51
CA MET B 566 4.35 13.17 22.86
C MET B 566 3.41 11.98 22.76
N LEU B 567 4.00 10.79 22.74
CA LEU B 567 3.17 9.59 22.73
C LEU B 567 2.65 9.22 24.11
N ASN B 568 3.04 9.92 25.19
CA ASN B 568 2.43 9.68 26.48
C ASN B 568 1.13 10.41 26.71
N PHE B 569 0.53 10.99 25.68
CA PHE B 569 -0.73 11.71 25.85
C PHE B 569 -1.85 10.86 26.44
N THR B 570 -1.67 9.55 26.52
CA THR B 570 -2.76 8.66 26.98
C THR B 570 -2.99 8.74 28.49
N LYS B 571 -1.98 9.14 29.26
CA LYS B 571 -2.09 9.13 30.73
C LYS B 571 -3.34 9.86 31.21
N ASN B 572 -3.72 10.95 30.53
CA ASN B 572 -4.83 11.78 31.00
C ASN B 572 -6.21 11.15 30.75
N LEU B 573 -6.31 10.18 29.84
CA LEU B 573 -7.61 9.64 29.42
C LEU B 573 -7.98 8.43 30.26
N LYS B 574 -8.76 8.68 31.29
CA LYS B 574 -8.97 7.70 32.35
C LYS B 574 -9.94 6.58 31.98
N VAL B 575 -10.73 6.74 30.91
CA VAL B 575 -11.68 5.71 30.54
C VAL B 575 -11.39 5.16 29.15
N LEU B 576 -10.22 5.47 28.58
CA LEU B 576 -9.92 5.11 27.20
C LEU B 576 -9.73 3.60 27.10
N GLN B 577 -10.54 2.96 26.25
CA GLN B 577 -10.48 1.52 26.07
C GLN B 577 -9.60 1.11 24.90
N LYS B 578 -9.77 1.78 23.76
CA LYS B 578 -9.23 1.36 22.49
C LYS B 578 -8.59 2.57 21.83
N LEU B 579 -7.33 2.42 21.42
CA LEU B 579 -6.58 3.48 20.77
C LEU B 579 -6.04 2.94 19.46
N MET B 580 -6.38 3.61 18.37
CA MET B 580 -5.89 3.24 17.04
C MET B 580 -4.92 4.30 16.56
N MET B 581 -3.68 3.91 16.33
CA MET B 581 -2.71 4.82 15.71
C MET B 581 -1.96 4.09 14.59
N ASN B 582 -2.76 3.50 13.71
CA ASN B 582 -2.26 2.80 12.55
C ASN B 582 -1.77 3.76 11.46
N ASP B 583 -0.74 3.31 10.74
CA ASP B 583 -0.29 3.98 9.51
C ASP B 583 0.13 5.41 9.79
N ASN B 584 0.82 5.62 10.89
CA ASN B 584 1.29 6.96 11.21
C ASN B 584 2.77 7.15 10.90
N ASP B 585 3.46 6.08 10.52
CA ASP B 585 4.86 6.19 10.15
C ASP B 585 5.70 6.64 11.34
N ILE B 586 5.27 6.26 12.55
CA ILE B 586 5.95 6.72 13.75
C ILE B 586 7.32 6.05 13.83
N SER B 587 8.38 6.85 13.81
CA SER B 587 9.72 6.30 13.90
C SER B 587 10.51 6.93 15.03
N SER B 588 9.91 7.84 15.79
CA SER B 588 10.58 8.64 16.80
C SER B 588 9.55 9.08 17.82
N SER B 589 9.99 9.28 19.06
CA SER B 589 9.09 9.73 20.11
C SER B 589 9.91 10.44 21.18
N THR B 590 9.44 11.62 21.59
CA THR B 590 10.11 12.33 22.67
C THR B 590 9.96 11.61 23.99
N SER B 591 8.77 11.12 24.29
CA SER B 591 8.54 10.31 25.48
C SER B 591 8.88 8.86 25.20
N ARG B 592 9.34 8.16 26.23
CA ARG B 592 9.82 6.80 26.10
C ARG B 592 8.81 5.75 26.58
N THR B 593 7.74 6.16 27.23
CA THR B 593 6.70 5.24 27.65
C THR B 593 5.32 5.80 27.34
N MET B 594 4.40 4.92 26.97
CA MET B 594 2.98 5.27 26.97
C MET B 594 2.35 4.71 28.23
N GLU B 595 1.39 5.45 28.78
CA GLU B 595 0.87 5.16 30.10
C GLU B 595 -0.64 5.14 30.04
N SER B 596 -1.24 4.10 30.58
CA SER B 596 -2.69 4.08 30.72
C SER B 596 -3.06 3.04 31.76
N GLU B 597 -4.04 3.39 32.58
CA GLU B 597 -4.64 2.44 33.49
C GLU B 597 -5.84 1.74 32.90
N SER B 598 -6.38 2.27 31.80
CA SER B 598 -7.64 1.75 31.30
C SER B 598 -7.53 1.04 29.96
N LEU B 599 -6.54 1.39 29.13
CA LEU B 599 -6.50 0.95 27.73
C LEU B 599 -6.36 -0.56 27.60
N ARG B 600 -7.27 -1.19 26.85
CA ARG B 600 -7.20 -2.64 26.64
C ARG B 600 -6.73 -3.02 25.24
N THR B 601 -6.93 -2.16 24.25
CA THR B 601 -6.57 -2.47 22.88
C THR B 601 -5.72 -1.34 22.30
N LEU B 602 -4.56 -1.70 21.75
CA LEU B 602 -3.71 -0.73 21.07
C LEU B 602 -3.38 -1.23 19.66
N GLU B 603 -3.84 -0.51 18.65
CA GLU B 603 -3.47 -0.76 17.25
C GLU B 603 -2.36 0.22 16.85
N PHE B 604 -1.19 -0.36 16.54
CA PHE B 604 0.06 0.34 16.26
C PHE B 604 0.68 -0.18 14.97
N ARG B 605 -0.16 -0.52 14.02
CA ARG B 605 0.25 -1.14 12.78
C ARG B 605 0.66 -0.07 11.78
N GLY B 606 1.60 -0.40 10.91
CA GLY B 606 2.06 0.59 9.93
C GLY B 606 2.88 1.73 10.50
N ASN B 607 3.82 1.43 11.42
CA ASN B 607 4.70 2.45 12.00
C ASN B 607 6.14 1.95 11.90
N HIS B 608 7.09 2.61 12.56
CA HIS B 608 8.46 2.13 12.38
C HIS B 608 9.13 1.75 13.68
N LEU B 609 8.52 0.79 14.38
CA LEU B 609 9.16 0.24 15.57
C LEU B 609 10.51 -0.35 15.25
N ASP B 610 10.76 -0.73 14.00
CA ASP B 610 12.11 -1.16 13.67
C ASP B 610 13.12 -0.06 13.91
N VAL B 611 12.73 1.21 13.69
CA VAL B 611 13.63 2.34 13.93
C VAL B 611 13.71 2.66 15.42
N LEU B 612 12.55 2.66 16.11
CA LEU B 612 12.53 2.92 17.54
C LEU B 612 13.34 1.89 18.32
N TRP B 613 13.30 0.63 17.87
CA TRP B 613 14.01 -0.49 18.52
C TRP B 613 15.27 -0.87 17.76
N ARG B 614 15.93 0.09 17.14
CA ARG B 614 17.19 -0.17 16.48
C ARG B 614 18.14 -0.87 17.44
N ASP B 615 18.75 -1.96 16.98
CA ASP B 615 19.63 -2.73 17.86
C ASP B 615 20.71 -1.81 18.43
N GLY B 616 20.85 -1.81 19.74
CA GLY B 616 21.77 -0.92 20.42
C GLY B 616 21.11 0.23 21.18
N ASP B 617 19.89 0.61 20.79
CA ASP B 617 19.11 1.66 21.44
C ASP B 617 18.08 0.96 22.33
N ASN B 618 18.23 1.09 23.64
CA ASN B 618 17.34 0.46 24.60
C ASN B 618 16.22 1.39 25.03
N ARG B 619 16.22 2.65 24.59
CA ARG B 619 15.37 3.66 25.21
C ARG B 619 13.88 3.36 25.08
N TYR B 620 13.46 2.71 23.99
CA TYR B 620 12.03 2.52 23.80
C TYR B 620 11.57 1.07 24.00
N LEU B 621 12.39 0.22 24.61
CA LEU B 621 12.02 -1.19 24.77
C LEU B 621 10.90 -1.43 25.79
N GLN B 622 10.44 -0.40 26.51
CA GLN B 622 9.23 -0.51 27.33
C GLN B 622 8.24 0.56 26.94
N LEU B 623 8.10 0.80 25.64
CA LEU B 623 7.14 1.79 25.17
C LEU B 623 5.73 1.47 25.67
N PHE B 624 5.35 0.20 25.67
CA PHE B 624 4.01 -0.27 26.00
C PHE B 624 3.87 -0.89 27.39
N LYS B 625 4.98 -0.97 28.17
CA LYS B 625 4.97 -1.72 29.43
C LYS B 625 3.96 -1.17 30.45
N ASN B 626 3.79 0.15 30.50
CA ASN B 626 2.88 0.73 31.47
C ASN B 626 1.48 0.99 30.91
N LEU B 627 1.12 0.24 29.86
CA LEU B 627 -0.29 0.07 29.49
C LEU B 627 -0.77 -1.15 30.26
N LEU B 628 -1.06 -0.95 31.56
CA LEU B 628 -1.11 -2.08 32.48
C LEU B 628 -2.25 -3.05 32.20
N LYS B 629 -3.36 -2.57 31.66
CA LYS B 629 -4.47 -3.46 31.37
C LYS B 629 -4.60 -3.80 29.89
N LEU B 630 -3.54 -3.56 29.10
CA LEU B 630 -3.59 -3.82 27.66
C LEU B 630 -3.67 -5.32 27.40
N GLU B 631 -4.65 -5.71 26.60
CA GLU B 631 -4.81 -7.10 26.23
C GLU B 631 -4.49 -7.40 24.77
N GLU B 632 -4.69 -6.45 23.86
CA GLU B 632 -4.57 -6.67 22.43
C GLU B 632 -3.60 -5.63 21.87
N LEU B 633 -2.53 -6.10 21.23
CA LEU B 633 -1.51 -5.22 20.69
C LEU B 633 -1.26 -5.67 19.25
N ASP B 634 -1.49 -4.76 18.32
CA ASP B 634 -1.25 -4.97 16.89
C ASP B 634 0.01 -4.21 16.51
N ILE B 635 1.13 -4.93 16.34
CA ILE B 635 2.32 -4.25 15.82
C ILE B 635 2.78 -4.96 14.55
N SER B 636 1.83 -5.40 13.75
CA SER B 636 2.12 -5.83 12.40
C SER B 636 2.57 -4.62 11.55
N LYS B 637 3.21 -4.91 10.41
CA LYS B 637 3.62 -3.91 9.43
C LYS B 637 4.47 -2.82 10.08
N ASN B 638 5.50 -3.26 10.82
CA ASN B 638 6.43 -2.35 11.44
C ASN B 638 7.86 -2.63 11.00
N SER B 639 8.03 -3.37 9.91
CA SER B 639 9.35 -3.71 9.34
C SER B 639 10.25 -4.40 10.35
N LEU B 640 9.65 -5.14 11.28
CA LEU B 640 10.43 -5.78 12.31
C LEU B 640 10.99 -7.09 11.75
N SER B 641 12.13 -6.97 11.06
CA SER B 641 12.78 -8.15 10.51
C SER B 641 13.41 -9.00 11.61
N PHE B 642 13.69 -8.41 12.77
CA PHE B 642 14.03 -9.12 13.99
C PHE B 642 13.41 -8.37 15.17
N LEU B 643 13.36 -9.03 16.33
CA LEU B 643 12.90 -8.39 17.56
C LEU B 643 14.05 -8.33 18.55
N PRO B 644 14.53 -7.14 18.89
CA PRO B 644 15.63 -7.05 19.86
C PRO B 644 15.26 -7.70 21.17
N SER B 645 16.24 -8.33 21.81
CA SER B 645 16.00 -8.86 23.15
C SER B 645 15.59 -7.71 24.06
N GLY B 646 14.55 -7.94 24.85
CA GLY B 646 13.98 -6.93 25.69
C GLY B 646 12.61 -6.48 25.23
N VAL B 647 12.25 -6.73 23.98
CA VAL B 647 10.93 -6.35 23.51
C VAL B 647 9.87 -7.12 24.28
N PHE B 648 10.09 -8.42 24.50
CA PHE B 648 9.06 -9.23 25.15
C PHE B 648 8.96 -8.90 26.64
N ASP B 649 10.11 -8.81 27.33
CA ASP B 649 10.12 -8.37 28.71
C ASP B 649 9.46 -7.01 28.86
N GLY B 650 9.59 -6.14 27.87
CA GLY B 650 8.93 -4.86 27.94
C GLY B 650 7.44 -4.88 27.65
N MET B 651 6.85 -6.02 27.31
CA MET B 651 5.42 -6.03 27.05
C MET B 651 4.64 -5.89 28.37
N PRO B 652 3.47 -5.27 28.33
CA PRO B 652 2.66 -5.14 29.55
C PRO B 652 2.18 -6.52 30.00
N PRO B 653 1.82 -6.66 31.29
CA PRO B 653 1.68 -8.01 31.86
C PRO B 653 0.43 -8.76 31.45
N ASN B 654 -0.61 -8.11 30.93
CA ASN B 654 -1.85 -8.84 30.66
C ASN B 654 -2.09 -9.07 29.17
N LEU B 655 -1.06 -8.96 28.35
CA LEU B 655 -1.19 -9.08 26.90
C LEU B 655 -1.76 -10.45 26.52
N LYS B 656 -2.87 -10.44 25.79
CA LYS B 656 -3.50 -11.70 25.39
C LYS B 656 -3.38 -12.02 23.91
N ASN B 657 -3.52 -11.02 23.03
CA ASN B 657 -3.50 -11.21 21.59
C ASN B 657 -2.46 -10.28 21.00
N LEU B 658 -1.40 -10.85 20.41
CA LEU B 658 -0.28 -10.09 19.88
C LEU B 658 -0.10 -10.41 18.39
N SER B 659 -0.18 -9.39 17.55
CA SER B 659 0.08 -9.55 16.12
C SER B 659 1.44 -8.98 15.75
N LEU B 660 2.28 -9.84 15.16
CA LEU B 660 3.55 -9.47 14.55
C LEU B 660 3.53 -9.77 13.06
N ALA B 661 2.35 -9.75 12.45
CA ALA B 661 2.20 -10.12 11.04
C ALA B 661 2.87 -9.09 10.12
N LYS B 662 3.28 -9.54 8.94
CA LYS B 662 3.72 -8.64 7.86
C LYS B 662 4.89 -7.76 8.31
N ASN B 663 5.86 -8.38 8.96
CA ASN B 663 7.04 -7.66 9.40
C ASN B 663 8.30 -8.04 8.65
N GLY B 664 8.24 -9.05 7.79
CA GLY B 664 9.46 -9.65 7.29
C GLY B 664 10.34 -10.23 8.37
N LEU B 665 9.74 -10.73 9.46
CA LEU B 665 10.49 -11.41 10.49
C LEU B 665 11.25 -12.59 9.89
N LYS B 666 12.59 -12.58 10.00
CA LYS B 666 13.36 -13.71 9.50
C LYS B 666 13.88 -14.59 10.62
N SER B 667 13.65 -14.22 11.88
CA SER B 667 14.07 -15.05 13.01
C SER B 667 13.25 -14.65 14.23
N PHE B 668 13.19 -15.55 15.19
CA PHE B 668 12.27 -15.39 16.31
C PHE B 668 12.73 -16.31 17.44
N ILE B 669 13.17 -15.72 18.56
CA ILE B 669 13.53 -16.49 19.75
C ILE B 669 12.28 -16.88 20.52
N TRP B 670 11.78 -18.09 20.19
CA TRP B 670 10.53 -18.57 20.77
C TRP B 670 10.56 -18.61 22.28
N GLU B 671 11.74 -18.88 22.86
CA GLU B 671 11.86 -18.99 24.32
C GLU B 671 11.42 -17.72 25.02
N LYS B 672 11.65 -16.56 24.40
CA LYS B 672 11.26 -15.29 25.01
C LYS B 672 9.75 -15.17 25.18
N LEU B 673 8.97 -16.04 24.56
CA LEU B 673 7.52 -16.05 24.81
C LEU B 673 7.22 -16.35 26.29
N ARG B 674 8.18 -16.91 27.02
CA ARG B 674 8.00 -17.14 28.45
C ARG B 674 7.58 -15.87 29.21
N TYR B 675 8.09 -14.69 28.80
CA TYR B 675 7.72 -13.44 29.48
C TYR B 675 6.24 -13.10 29.29
N LEU B 676 5.60 -13.60 28.24
CA LEU B 676 4.23 -13.22 27.90
C LEU B 676 3.30 -14.23 28.55
N LYS B 677 3.14 -14.09 29.87
CA LYS B 677 2.51 -15.14 30.66
C LYS B 677 0.99 -15.25 30.46
N ASN B 678 0.36 -14.27 29.84
CA ASN B 678 -1.07 -14.35 29.55
C ASN B 678 -1.37 -14.44 28.07
N LEU B 679 -0.36 -14.77 27.27
CA LEU B 679 -0.52 -14.77 25.82
C LEU B 679 -1.45 -15.90 25.39
N GLU B 680 -2.51 -15.56 24.67
CA GLU B 680 -3.42 -16.55 24.11
C GLU B 680 -3.38 -16.64 22.60
N THR B 681 -3.23 -15.52 21.89
CA THR B 681 -3.17 -15.52 20.43
C THR B 681 -1.86 -14.89 19.97
N LEU B 682 -1.10 -15.62 19.16
CA LEU B 682 0.15 -15.13 18.57
C LEU B 682 0.01 -15.19 17.06
N ASP B 683 -0.03 -14.01 16.43
CA ASP B 683 -0.17 -13.89 14.98
C ASP B 683 1.20 -13.57 14.36
N LEU B 684 1.80 -14.55 13.69
CA LEU B 684 3.08 -14.41 13.02
C LEU B 684 2.94 -14.59 11.52
N SER B 685 1.72 -14.46 11.00
CA SER B 685 1.46 -14.71 9.60
C SER B 685 2.24 -13.74 8.71
N HIS B 686 2.48 -14.17 7.47
CA HIS B 686 3.12 -13.33 6.44
C HIS B 686 4.48 -12.78 6.92
N ASN B 687 5.38 -13.69 7.24
CA ASN B 687 6.74 -13.33 7.64
C ASN B 687 7.70 -14.26 6.90
N GLN B 688 8.93 -14.36 7.38
CA GLN B 688 9.93 -15.18 6.72
C GLN B 688 10.55 -16.18 7.69
N LEU B 689 9.75 -16.74 8.60
CA LEU B 689 10.26 -17.70 9.55
C LEU B 689 10.51 -19.03 8.85
N THR B 690 11.62 -19.70 9.19
CA THR B 690 11.92 -21.02 8.63
C THR B 690 11.79 -22.15 9.63
N THR B 691 11.72 -21.87 10.94
CA THR B 691 11.61 -22.91 11.95
C THR B 691 10.53 -22.58 12.98
N VAL B 692 10.07 -23.64 13.65
CA VAL B 692 9.17 -23.55 14.82
C VAL B 692 9.99 -23.95 16.05
N PRO B 693 9.49 -23.72 17.27
CA PRO B 693 10.29 -24.08 18.45
C PRO B 693 10.39 -25.59 18.63
N GLU B 694 11.51 -26.02 19.24
CA GLU B 694 11.70 -27.42 19.57
C GLU B 694 10.60 -27.94 20.49
N ARG B 695 10.17 -27.13 21.45
CA ARG B 695 9.09 -27.51 22.37
C ARG B 695 8.19 -26.29 22.59
N LEU B 696 7.01 -26.31 21.98
CA LEU B 696 6.12 -25.17 22.14
C LEU B 696 5.60 -25.06 23.56
N SER B 697 5.46 -26.19 24.25
CA SER B 697 5.04 -26.18 25.64
C SER B 697 6.06 -25.48 26.52
N ASN B 698 7.35 -25.58 26.16
CA ASN B 698 8.46 -24.94 26.85
C ASN B 698 8.57 -23.46 26.54
N CYS B 699 7.76 -22.93 25.62
CA CYS B 699 7.79 -21.52 25.26
C CYS B 699 6.63 -20.74 25.85
N SER B 700 5.47 -21.37 25.97
CA SER B 700 4.29 -20.69 26.48
C SER B 700 3.31 -21.75 26.94
N ARG B 701 2.93 -21.72 28.21
CA ARG B 701 1.93 -22.65 28.72
C ARG B 701 0.50 -22.14 28.54
N SER B 702 0.32 -20.93 28.01
CA SER B 702 -0.99 -20.34 27.84
C SER B 702 -1.44 -20.30 26.39
N LEU B 703 -0.52 -20.44 25.46
CA LEU B 703 -0.81 -20.14 24.06
C LEU B 703 -1.92 -21.05 23.55
N LYS B 704 -3.00 -20.44 23.03
CA LYS B 704 -4.12 -21.16 22.45
C LYS B 704 -4.16 -21.10 20.92
N ASN B 705 -3.82 -19.96 20.32
CA ASN B 705 -3.96 -19.76 18.87
C ASN B 705 -2.62 -19.33 18.31
N LEU B 706 -2.05 -20.15 17.43
CA LEU B 706 -0.75 -19.89 16.85
C LEU B 706 -0.95 -19.81 15.35
N ILE B 707 -0.82 -18.61 14.80
CA ILE B 707 -1.00 -18.37 13.37
C ILE B 707 0.38 -18.20 12.74
N LEU B 708 0.76 -19.19 11.93
CA LEU B 708 2.05 -19.20 11.24
C LEU B 708 1.88 -19.26 9.72
N LYS B 709 0.73 -18.88 9.19
CA LYS B 709 0.52 -18.98 7.76
C LYS B 709 1.42 -18.00 6.98
N ASN B 710 1.77 -18.41 5.76
CA ASN B 710 2.56 -17.58 4.84
C ASN B 710 3.93 -17.29 5.44
N ASN B 711 4.65 -18.35 5.77
CA ASN B 711 6.05 -18.26 6.15
C ASN B 711 6.85 -19.22 5.27
N GLN B 712 8.04 -19.56 5.70
CA GLN B 712 8.97 -20.32 4.90
C GLN B 712 9.35 -21.62 5.60
N ILE B 713 8.43 -22.16 6.40
CA ILE B 713 8.75 -23.31 7.25
C ILE B 713 8.79 -24.54 6.37
N ARG B 714 9.91 -25.26 6.40
CA ARG B 714 10.09 -26.44 5.55
C ARG B 714 9.94 -27.75 6.31
N SER B 715 10.14 -27.74 7.63
CA SER B 715 9.94 -28.92 8.45
C SER B 715 9.61 -28.49 9.88
N LEU B 716 8.95 -29.37 10.61
CA LEU B 716 8.65 -29.14 12.01
C LEU B 716 9.70 -29.81 12.89
N THR B 717 9.84 -29.31 14.11
CA THR B 717 10.77 -29.92 15.04
C THR B 717 10.22 -31.28 15.51
N LYS B 718 11.15 -32.15 15.92
CA LYS B 718 10.81 -33.54 16.25
C LYS B 718 9.69 -33.64 17.26
N TYR B 719 9.67 -32.77 18.28
CA TYR B 719 8.67 -32.84 19.35
C TYR B 719 7.85 -31.57 19.48
N PHE B 720 7.72 -30.79 18.39
CA PHE B 720 7.06 -29.50 18.32
C PHE B 720 5.90 -29.33 19.32
N LEU B 721 4.81 -30.08 19.17
CA LEU B 721 3.61 -29.86 19.96
C LEU B 721 3.52 -30.77 21.18
N GLN B 722 4.61 -31.42 21.57
CA GLN B 722 4.59 -32.32 22.72
C GLN B 722 4.11 -31.59 23.97
N ASP B 723 3.03 -32.09 24.56
CA ASP B 723 2.46 -31.60 25.82
C ASP B 723 1.94 -30.17 25.74
N ALA B 724 1.60 -29.67 24.56
CA ALA B 724 1.03 -28.33 24.43
C ALA B 724 -0.50 -28.39 24.59
N PHE B 725 -0.97 -28.63 25.83
CA PHE B 725 -2.32 -29.23 25.96
C PHE B 725 -3.51 -28.30 25.70
N GLN B 726 -3.49 -27.02 26.11
CA GLN B 726 -4.64 -26.28 25.61
C GLN B 726 -4.25 -25.31 24.47
N LEU B 727 -3.33 -25.77 23.57
CA LEU B 727 -3.29 -25.31 22.16
C LEU B 727 -4.60 -25.71 21.52
N ARG B 728 -5.21 -24.77 20.81
CA ARG B 728 -6.54 -25.00 20.21
C ARG B 728 -6.65 -24.65 18.73
N TYR B 729 -5.76 -23.83 18.20
CA TYR B 729 -5.85 -23.34 16.83
C TYR B 729 -4.45 -23.23 16.28
N LEU B 730 -4.19 -23.86 15.14
CA LEU B 730 -2.83 -23.88 14.59
C LEU B 730 -2.91 -23.72 13.09
N ASP B 731 -2.45 -22.59 12.58
CA ASP B 731 -2.45 -22.32 11.15
C ASP B 731 -1.01 -22.45 10.65
N LEU B 732 -0.74 -23.50 9.87
CA LEU B 732 0.53 -23.70 9.20
C LEU B 732 0.40 -23.62 7.69
N SER B 733 -0.66 -22.99 7.19
CA SER B 733 -0.90 -23.00 5.77
C SER B 733 0.10 -22.11 5.03
N SER B 734 0.24 -22.33 3.73
CA SER B 734 1.13 -21.53 2.90
C SER B 734 2.54 -21.49 3.48
N ASN B 735 3.08 -22.67 3.72
CA ASN B 735 4.48 -22.82 4.07
C ASN B 735 5.10 -23.78 3.05
N LYS B 736 6.22 -24.40 3.38
CA LYS B 736 6.88 -25.32 2.46
C LYS B 736 7.10 -26.67 3.13
N ILE B 737 6.15 -27.09 3.97
CA ILE B 737 6.33 -28.30 4.75
C ILE B 737 6.21 -29.51 3.83
N GLN B 738 7.17 -30.43 3.92
CA GLN B 738 7.17 -31.68 3.15
C GLN B 738 6.65 -32.88 3.94
N MET B 739 6.93 -32.94 5.23
CA MET B 739 6.68 -34.11 6.07
C MET B 739 6.18 -33.65 7.43
N ILE B 740 5.26 -34.42 8.01
CA ILE B 740 4.88 -34.26 9.41
C ILE B 740 4.80 -35.65 10.01
N GLN B 741 5.53 -35.87 11.11
CA GLN B 741 5.56 -37.15 11.80
C GLN B 741 4.79 -37.05 13.12
N LYS B 742 4.39 -38.22 13.64
CA LYS B 742 3.57 -38.29 14.84
C LYS B 742 4.21 -37.60 16.04
N THR B 743 5.55 -37.68 16.18
CA THR B 743 6.21 -37.04 17.31
C THR B 743 5.97 -35.53 17.32
N SER B 744 6.01 -34.91 16.13
CA SER B 744 5.77 -33.48 16.05
C SER B 744 4.29 -33.16 16.28
N PHE B 745 3.42 -34.08 15.91
CA PHE B 745 1.97 -33.89 15.98
C PHE B 745 1.30 -34.99 16.80
N PRO B 746 1.57 -35.09 18.10
CA PRO B 746 0.92 -36.14 18.90
C PRO B 746 -0.59 -35.94 18.94
N GLU B 747 -1.32 -37.05 19.02
CA GLU B 747 -2.77 -36.96 18.88
C GLU B 747 -3.45 -36.42 20.13
N ASN B 748 -2.81 -36.54 21.31
CA ASN B 748 -3.37 -35.96 22.51
C ASN B 748 -3.46 -34.44 22.45
N VAL B 749 -2.64 -33.78 21.63
CA VAL B 749 -2.83 -32.35 21.36
C VAL B 749 -3.76 -32.13 20.17
N LEU B 750 -3.59 -32.89 19.08
CA LEU B 750 -4.36 -32.62 17.87
C LEU B 750 -5.86 -32.77 18.07
N ASN B 751 -6.28 -33.62 19.01
CA ASN B 751 -7.71 -33.87 19.15
C ASN B 751 -8.45 -32.74 19.85
N ASN B 752 -7.74 -31.85 20.57
CA ASN B 752 -8.34 -30.68 21.19
C ASN B 752 -8.46 -29.49 20.23
N LEU B 753 -7.92 -29.60 19.01
CA LEU B 753 -7.84 -28.45 18.11
C LEU B 753 -9.20 -28.16 17.48
N LYS B 754 -9.71 -26.95 17.72
CA LYS B 754 -10.88 -26.50 16.98
C LYS B 754 -10.62 -26.47 15.48
N MET B 755 -9.37 -26.24 15.09
CA MET B 755 -9.05 -26.13 13.67
C MET B 755 -7.55 -26.27 13.49
N LEU B 756 -7.18 -26.88 12.38
CA LEU B 756 -5.77 -27.09 12.05
C LEU B 756 -5.61 -26.85 10.55
N LEU B 757 -4.88 -25.79 10.19
CA LEU B 757 -4.77 -25.40 8.79
C LEU B 757 -3.41 -25.84 8.24
N LEU B 758 -3.46 -26.59 7.14
CA LEU B 758 -2.27 -27.17 6.53
C LEU B 758 -2.22 -26.95 5.03
N HIS B 759 -3.14 -26.19 4.46
CA HIS B 759 -3.28 -26.17 3.03
C HIS B 759 -2.16 -25.35 2.42
N HIS B 760 -1.83 -25.68 1.17
CA HIS B 760 -0.80 -24.98 0.38
C HIS B 760 0.58 -25.15 0.99
N ASN B 761 0.97 -26.41 1.19
CA ASN B 761 2.32 -26.78 1.60
C ASN B 761 2.97 -27.59 0.50
N ARG B 762 4.03 -28.36 0.79
CA ARG B 762 4.73 -29.12 -0.25
C ARG B 762 4.84 -30.59 0.18
N PHE B 763 3.70 -31.20 0.44
CA PHE B 763 3.68 -32.54 1.04
C PHE B 763 4.20 -33.60 0.07
N LEU B 764 5.04 -34.48 0.59
CA LEU B 764 5.63 -35.56 -0.19
C LEU B 764 4.89 -36.82 0.24
N CYS B 765 4.23 -37.47 -0.69
CA CYS B 765 3.33 -38.56 -0.35
C CYS B 765 3.99 -39.91 -0.64
N THR B 766 5.12 -40.11 0.02
CA THR B 766 5.86 -41.36 0.03
C THR B 766 5.44 -42.20 1.23
N CYS B 767 6.01 -43.40 1.34
CA CYS B 767 5.68 -44.27 2.44
C CYS B 767 6.11 -43.70 3.79
N ASP B 768 7.03 -42.72 3.81
CA ASP B 768 7.34 -42.08 5.08
C ASP B 768 6.17 -41.25 5.60
N ALA B 769 5.18 -40.97 4.75
CA ALA B 769 4.08 -40.07 5.07
C ALA B 769 2.87 -40.84 5.52
N VAL B 770 3.05 -42.11 5.84
CA VAL B 770 1.92 -43.01 5.99
C VAL B 770 1.08 -42.60 7.21
N TRP B 771 1.73 -42.24 8.32
CA TRP B 771 0.98 -41.78 9.49
C TRP B 771 0.20 -40.51 9.19
N PHE B 772 0.86 -39.52 8.58
CA PHE B 772 0.19 -38.25 8.36
C PHE B 772 -1.00 -38.39 7.43
N VAL B 773 -0.84 -39.13 6.33
CA VAL B 773 -1.96 -39.36 5.40
C VAL B 773 -3.11 -40.07 6.14
N TRP B 774 -2.80 -41.14 6.87
CA TRP B 774 -3.83 -41.86 7.58
C TRP B 774 -4.56 -40.95 8.56
N TRP B 775 -3.80 -40.16 9.33
CA TRP B 775 -4.43 -39.28 10.31
C TRP B 775 -5.32 -38.24 9.62
N VAL B 776 -4.83 -37.60 8.54
CA VAL B 776 -5.64 -36.58 7.86
C VAL B 776 -6.95 -37.19 7.35
N GLN B 777 -6.92 -38.44 6.92
CA GLN B 777 -8.12 -39.04 6.35
C GLN B 777 -9.15 -39.43 7.41
N HIS B 778 -8.71 -39.74 8.62
CA HIS B 778 -9.58 -40.28 9.65
C HIS B 778 -9.85 -39.34 10.81
N THR B 779 -9.37 -38.10 10.76
CA THR B 779 -9.45 -37.23 11.93
C THR B 779 -10.77 -36.49 11.97
N GLU B 780 -11.22 -36.23 13.20
CA GLU B 780 -12.40 -35.40 13.41
C GLU B 780 -12.06 -33.92 13.25
N VAL B 781 -10.81 -33.55 13.52
CA VAL B 781 -10.38 -32.15 13.53
C VAL B 781 -10.67 -31.48 12.20
N THR B 782 -11.14 -30.25 12.28
CA THR B 782 -11.48 -29.48 11.09
C THR B 782 -10.21 -29.02 10.38
N ILE B 783 -10.12 -29.30 9.08
CA ILE B 783 -8.97 -28.93 8.27
C ILE B 783 -9.56 -28.39 6.98
N PRO B 784 -9.60 -27.07 6.79
CA PRO B 784 -10.23 -26.52 5.59
C PRO B 784 -9.44 -26.86 4.34
N TYR B 785 -10.17 -26.87 3.23
CA TYR B 785 -9.62 -27.05 1.88
C TYR B 785 -9.03 -28.44 1.63
N LEU B 786 -9.47 -29.47 2.37
CA LEU B 786 -9.03 -30.83 2.02
C LEU B 786 -9.43 -31.20 0.60
N ALA B 787 -10.57 -30.69 0.11
CA ALA B 787 -11.01 -31.03 -1.23
C ALA B 787 -10.19 -30.32 -2.30
N THR B 788 -9.61 -29.20 -1.96
CA THR B 788 -9.13 -28.27 -2.97
C THR B 788 -7.62 -27.99 -2.92
N ASP B 789 -6.97 -27.97 -1.75
CA ASP B 789 -5.61 -27.45 -1.67
C ASP B 789 -4.78 -28.16 -0.61
N VAL B 790 -4.99 -29.45 -0.39
CA VAL B 790 -4.15 -30.23 0.53
C VAL B 790 -3.62 -31.39 -0.29
N THR B 791 -2.42 -31.21 -0.82
CA THR B 791 -2.01 -31.82 -2.07
C THR B 791 -0.60 -32.39 -1.98
N CYS B 792 -0.40 -33.53 -2.62
CA CYS B 792 0.95 -34.05 -2.82
C CYS B 792 1.62 -33.28 -3.93
N VAL B 793 2.89 -32.90 -3.72
CA VAL B 793 3.65 -32.35 -4.83
C VAL B 793 4.47 -33.42 -5.52
N GLY B 794 4.55 -34.60 -4.94
CA GLY B 794 5.27 -35.73 -5.48
C GLY B 794 5.00 -36.91 -4.57
N PRO B 795 5.60 -38.07 -4.86
CA PRO B 795 6.52 -38.26 -5.98
C PRO B 795 5.80 -38.51 -7.29
N GLY B 796 6.13 -37.71 -8.31
CA GLY B 796 5.63 -37.85 -9.67
C GLY B 796 4.28 -38.52 -9.87
N ALA B 797 4.21 -39.81 -9.53
CA ALA B 797 2.95 -40.53 -9.57
C ALA B 797 1.82 -39.73 -8.91
N HIS B 798 2.06 -39.26 -7.69
CA HIS B 798 1.01 -38.62 -6.89
C HIS B 798 0.93 -37.10 -7.05
N LYS B 799 1.71 -36.49 -7.94
CA LYS B 799 1.75 -35.03 -8.01
C LYS B 799 0.37 -34.46 -8.31
N GLY B 800 0.03 -33.38 -7.60
CA GLY B 800 -1.27 -32.74 -7.73
C GLY B 800 -2.41 -33.50 -7.09
N GLN B 801 -2.16 -34.65 -6.49
CA GLN B 801 -3.20 -35.48 -5.92
C GLN B 801 -3.50 -35.07 -4.49
N SER B 802 -4.78 -35.12 -4.14
CA SER B 802 -5.22 -34.77 -2.82
C SER B 802 -4.82 -35.84 -1.81
N VAL B 803 -4.36 -35.39 -0.63
CA VAL B 803 -3.98 -36.33 0.42
C VAL B 803 -5.20 -37.08 0.93
N ILE B 804 -6.37 -36.46 0.88
CA ILE B 804 -7.58 -37.13 1.35
C ILE B 804 -7.88 -38.37 0.51
N SER B 805 -7.60 -38.32 -0.80
CA SER B 805 -7.90 -39.41 -1.74
C SER B 805 -6.78 -40.42 -1.91
N LEU B 806 -5.65 -40.25 -1.22
CA LEU B 806 -4.45 -41.01 -1.55
C LEU B 806 -4.48 -42.41 -0.98
N ASP B 807 -4.10 -43.39 -1.80
CA ASP B 807 -4.09 -44.79 -1.42
C ASP B 807 -2.65 -45.25 -1.28
N LEU B 808 -2.25 -45.62 -0.07
CA LEU B 808 -0.85 -45.97 0.19
C LEU B 808 -0.68 -47.45 0.50
N TYR B 809 -1.58 -48.31 -0.01
CA TYR B 809 -1.57 -49.74 0.32
C TYR B 809 -0.26 -50.42 -0.05
N THR B 810 0.41 -49.95 -1.11
CA THR B 810 1.68 -50.56 -1.51
C THR B 810 2.71 -50.48 -0.39
N CYS B 811 2.56 -49.54 0.54
CA CYS B 811 3.46 -49.43 1.69
C CYS B 811 3.24 -50.52 2.74
N GLU B 812 2.23 -51.37 2.59
CA GLU B 812 1.96 -52.41 3.60
C GLU B 812 1.98 -53.81 3.00
N LEU B 813 2.55 -53.98 1.81
CA LEU B 813 2.50 -55.28 1.15
C LEU B 813 3.30 -56.34 1.90
C1 NAG E . 32.80 4.74 26.27
C2 NAG E . 31.94 3.48 26.44
C3 NAG E . 31.30 3.41 27.84
C4 NAG E . 32.32 3.70 28.94
C5 NAG E . 33.01 5.01 28.62
C6 NAG E . 34.01 5.45 29.66
C7 NAG E . 30.91 2.57 24.39
C8 NAG E . 29.76 2.68 23.43
N2 NAG E . 30.91 3.45 25.42
O3 NAG E . 30.74 2.12 28.07
O4 NAG E . 31.64 3.92 30.18
O5 NAG E . 33.70 4.86 27.37
O6 NAG E . 35.28 5.65 29.09
O7 NAG E . 31.78 1.75 24.25
C1 NAG E . 31.89 2.94 31.20
C2 NAG E . 31.34 3.61 32.49
C3 NAG E . 31.22 2.61 33.65
C4 NAG E . 30.55 1.31 33.21
C5 NAG E . 31.28 0.79 31.98
C6 NAG E . 30.69 -0.49 31.45
C7 NAG E . 31.91 6.01 32.68
C8 NAG E . 32.95 6.99 33.12
N2 NAG E . 32.22 4.72 32.85
O3 NAG E . 30.46 3.20 34.70
O4 NAG E . 30.56 0.32 34.23
O5 NAG E . 31.15 1.76 30.95
O6 NAG E . 29.42 -0.23 30.87
O7 NAG E . 30.84 6.37 32.20
C1 NAG F . 40.76 -1.12 -8.43
C2 NAG F . 39.72 0.01 -8.44
C3 NAG F . 40.42 1.38 -8.53
C4 NAG F . 41.48 1.52 -7.44
C5 NAG F . 42.44 0.35 -7.51
C6 NAG F . 43.48 0.37 -6.41
C7 NAG F . 37.73 -0.98 -9.48
C8 NAG F . 36.85 -1.02 -10.70
N2 NAG F . 38.78 -0.16 -9.54
O3 NAG F . 39.45 2.41 -8.42
O4 NAG F . 42.23 2.72 -7.62
O5 NAG F . 41.72 -0.89 -7.38
O6 NAG F . 42.87 0.22 -5.13
O7 NAG F . 37.51 -1.68 -8.49
C1 NAG F . 41.80 3.78 -6.76
C2 NAG F . 42.96 4.80 -6.66
C3 NAG F . 42.53 6.19 -6.13
C4 NAG F . 41.18 6.63 -6.67
C5 NAG F . 40.21 5.51 -6.41
C6 NAG F . 38.76 5.84 -6.73
C7 NAG F . 45.19 3.78 -6.27
C8 NAG F . 46.14 3.27 -5.23
N2 NAG F . 44.02 4.25 -5.82
O3 NAG F . 43.51 7.16 -6.52
O4 NAG F . 40.75 7.84 -6.05
O5 NAG F . 40.62 4.42 -7.23
O6 NAG F . 38.43 5.64 -8.09
O7 NAG F . 45.47 3.79 -7.47
C1 NAG G . -33.22 -3.62 -25.85
C2 NAG G . -31.82 -3.98 -26.37
C3 NAG G . -31.45 -3.12 -27.57
C4 NAG G . -32.53 -3.16 -28.65
C5 NAG G . -33.85 -2.77 -27.98
C6 NAG G . -35.03 -2.78 -28.92
C7 NAG G . -30.29 -4.88 -24.66
C8 NAG G . -29.26 -4.54 -23.62
N2 NAG G . -30.84 -3.84 -25.31
O3 NAG G . -30.19 -3.53 -28.09
O4 NAG G . -32.28 -2.23 -29.69
O5 NAG G . -34.15 -3.68 -26.91
O6 NAG G . -35.98 -1.81 -28.48
O7 NAG G . -30.60 -6.04 -24.93
C1 NAG G . -32.09 -2.81 -31.00
C2 NAG G . -32.32 -1.66 -32.02
C3 NAG G . -31.97 -2.10 -33.44
C4 NAG G . -30.55 -2.66 -33.48
C5 NAG G . -30.48 -3.82 -32.49
C6 NAG G . -29.11 -4.48 -32.43
C7 NAG G . -34.05 -0.08 -31.32
C8 NAG G . -35.52 0.27 -31.34
N2 NAG G . -33.70 -1.20 -31.96
O3 NAG G . -32.04 -0.96 -34.29
O4 NAG G . -30.22 -3.10 -34.80
O5 NAG G . -30.76 -3.33 -31.17
O6 NAG G . -28.19 -3.75 -31.65
O7 NAG G . -33.22 0.62 -30.72
C1 NAG H . -32.28 -25.73 2.66
C2 NAG H . -32.07 -24.32 3.20
C3 NAG H . -33.39 -23.80 3.79
C4 NAG H . -34.54 -23.95 2.81
C5 NAG H . -34.59 -25.36 2.24
C6 NAG H . -35.59 -25.53 1.13
C7 NAG H . -29.72 -24.41 3.88
C8 NAG H . -28.76 -24.36 5.04
N2 NAG H . -31.01 -24.29 4.20
O3 NAG H . -33.24 -22.43 4.17
O4 NAG H . -35.74 -23.74 3.54
O5 NAG H . -33.31 -25.73 1.70
O6 NAG H . -35.51 -24.48 0.18
O7 NAG H . -29.34 -24.54 2.73
C1 NAG H . -36.52 -22.66 3.03
C2 NAG H . -37.99 -22.93 3.34
C3 NAG H . -38.83 -21.81 2.79
C4 NAG H . -38.41 -20.52 3.48
C5 NAG H . -36.93 -20.24 3.23
C6 NAG H . -36.40 -19.07 4.04
C7 NAG H . -38.66 -25.29 3.64
C8 NAG H . -39.10 -26.55 2.96
N2 NAG H . -38.43 -24.23 2.84
O3 NAG H . -40.22 -22.07 3.01
O4 NAG H . -39.19 -19.41 3.04
O5 NAG H . -36.12 -21.38 3.61
O6 NAG H . -37.45 -18.23 4.49
O7 NAG H . -38.51 -25.22 4.85
C1 NAG I . 8.20 18.24 -4.25
C2 NAG I . 9.11 17.28 -5.02
C3 NAG I . 8.89 15.83 -4.56
C4 NAG I . 8.93 15.71 -3.05
C5 NAG I . 7.89 16.69 -2.49
C6 NAG I . 7.76 16.63 -0.99
C7 NAG I . 9.71 17.78 -7.36
C8 NAG I . 9.20 17.82 -8.78
N2 NAG I . 8.83 17.40 -6.44
O3 NAG I . 9.82 14.93 -5.15
O4 NAG I . 8.60 14.38 -2.66
O5 NAG I . 8.32 18.01 -2.84
O6 NAG I . 9.01 16.94 -0.39
O7 NAG I . 10.88 18.08 -7.09
C1 NAG J . -14.96 18.12 -21.75
C2 NAG J . -15.30 19.43 -22.42
C3 NAG J . -16.62 19.95 -21.84
C4 NAG J . -17.72 18.92 -22.06
C5 NAG J . -17.31 17.56 -21.50
C6 NAG J . -18.26 16.45 -21.90
C7 NAG J . -13.16 20.48 -23.03
C8 NAG J . -12.16 21.55 -22.69
N2 NAG J . -14.24 20.41 -22.22
O3 NAG J . -16.96 21.21 -22.43
O4 NAG J . -18.90 19.29 -21.35
O5 NAG J . -16.01 17.17 -21.99
O6 NAG J . -18.81 15.81 -20.76
O7 NAG J . -13.02 19.72 -23.98
C1 NAG K . 0.34 -13.95 -38.83
C2 NAG K . 0.22 -12.81 -39.83
C3 NAG K . -0.73 -13.20 -40.98
C4 NAG K . -0.27 -14.50 -41.61
C5 NAG K . -0.17 -15.59 -40.55
C6 NAG K . 0.42 -16.88 -41.09
C7 NAG K . 0.62 -10.65 -38.77
C8 NAG K . 0.01 -9.43 -38.12
N2 NAG K . -0.24 -11.60 -39.18
O3 NAG K . -0.73 -12.17 -41.96
O4 NAG K . -1.19 -14.92 -42.63
O5 NAG K . 0.74 -15.16 -39.52
O6 NAG K . 1.82 -16.74 -41.27
O7 NAG K . 1.83 -10.78 -38.92
C1 NAG L . 18.88 40.64 16.68
C2 NAG L . 18.57 42.07 17.14
C3 NAG L . 19.87 42.78 17.56
C4 NAG L . 20.67 41.93 18.55
C5 NAG L . 20.86 40.53 17.98
C6 NAG L . 21.59 39.60 18.92
C7 NAG L . 16.58 42.71 15.81
C8 NAG L . 16.06 43.57 14.70
N2 NAG L . 17.89 42.84 16.09
O3 NAG L . 19.62 44.06 18.14
O4 NAG L . 21.97 42.49 18.71
O5 NAG L . 19.57 39.95 17.72
O6 NAG L . 20.69 38.94 19.79
O7 NAG L . 15.86 41.92 16.42
C1 NAG M . 2.59 40.98 -0.52
C2 NAG M . 1.34 41.85 -0.37
C3 NAG M . 1.05 42.57 -1.69
C4 NAG M . 2.29 43.27 -2.25
C5 NAG M . 3.55 42.39 -2.18
C6 NAG M . 4.82 43.20 -2.41
C7 NAG M . -0.16 40.94 1.33
C8 NAG M . -1.37 40.09 1.60
N2 NAG M . 0.19 41.07 0.05
O3 NAG M . 0.04 43.55 -1.49
O4 NAG M . 2.08 43.59 -3.62
O5 NAG M . 3.69 41.78 -0.89
O6 NAG M . 5.91 42.39 -2.84
O7 NAG M . 0.47 41.47 2.24
C1 NAG N . 9.33 2.41 -20.35
C2 NAG N . 10.85 2.62 -20.26
C3 NAG N . 11.34 2.37 -18.84
C4 NAG N . 10.55 3.20 -17.83
C5 NAG N . 9.06 2.93 -18.00
C6 NAG N . 8.21 3.79 -17.10
C7 NAG N . 12.07 2.15 -22.38
C8 NAG N . 12.79 1.09 -23.15
N2 NAG N . 11.56 1.76 -21.20
O3 NAG N . 12.73 2.64 -18.75
O4 NAG N . 10.95 2.88 -16.50
O5 NAG N . 8.66 3.19 -19.35
O6 NAG N . 6.81 3.57 -17.32
O7 NAG N . 11.93 3.29 -22.81
C1 NAG O . -12.95 31.31 -11.26
C2 NAG O . -13.83 32.46 -11.76
C3 NAG O . -13.41 33.78 -11.11
C4 NAG O . -13.11 33.66 -9.61
C5 NAG O . -12.34 32.39 -9.27
C6 NAG O . -12.23 32.14 -7.78
C7 NAG O . -14.52 31.91 -14.07
C8 NAG O . -14.23 32.13 -15.52
N2 NAG O . -13.73 32.56 -13.20
O3 NAG O . -14.44 34.74 -11.30
O4 NAG O . -12.30 34.76 -9.21
O5 NAG O . -13.01 31.27 -9.84
O6 NAG O . -13.47 31.70 -7.23
O7 NAG O . -15.44 31.19 -13.70
N4 IDQ P . -21.10 26.05 -10.93
C21 IDQ P . -21.92 25.13 -11.80
C18 IDQ P . -22.08 23.86 -10.97
C17 IDQ P . -21.41 22.66 -11.30
C16 IDQ P . -21.57 21.53 -10.50
C20 IDQ P . -22.87 23.90 -9.83
C19 IDQ P . -23.02 22.78 -9.01
C15 IDQ P . -22.37 21.59 -9.34
C14 IDQ P . -22.54 20.39 -8.44
N2 IDQ P . -21.26 19.67 -8.51
C9 IDQ P . -21.08 18.53 -9.23
C10 IDQ P . -22.11 17.75 -10.03
C11 IDQ P . -22.57 16.60 -9.14
C12 IDQ P . -23.07 17.11 -7.79
C13 IDQ P . -23.72 16.08 -6.91
N1 IDQ P . -19.82 18.10 -9.14
C7 IDQ P . -19.12 18.95 -8.37
C6 IDQ P . -17.71 19.02 -7.94
N3 IDQ P . -16.86 18.06 -8.34
N IDQ P . -17.31 20.03 -7.15
C IDQ P . -18.13 21.02 -6.74
C8 IDQ P . -20.07 19.99 -7.95
C1 IDQ P . -19.60 21.03 -7.13
C3 IDQ P . -20.37 22.08 -6.66
C5 IDQ P . -19.80 23.06 -5.84
C4 IDQ P . -18.45 23.01 -5.48
C2 IDQ P . -17.61 22.00 -5.93
S SO4 Q . -15.93 23.43 -17.56
O1 SO4 Q . -15.13 24.63 -17.88
O2 SO4 Q . -16.42 23.60 -16.18
O3 SO4 Q . -17.02 23.24 -18.51
O4 SO4 Q . -15.14 22.20 -17.65
S SO4 R . 19.77 -2.56 -33.76
O1 SO4 R . 20.99 -1.86 -34.18
O2 SO4 R . 19.39 -2.09 -32.43
O3 SO4 R . 18.67 -2.31 -34.70
O4 SO4 R . 20.09 -3.99 -33.69
S SO4 S . -0.97 25.16 15.98
O1 SO4 S . -0.05 26.12 16.59
O2 SO4 S . -2.36 25.36 16.44
O3 SO4 S . -0.91 25.23 14.50
O4 SO4 S . -0.60 23.83 16.42
S SO4 T . 6.24 41.55 3.83
O1 SO4 T . 6.79 42.36 4.92
O2 SO4 T . 4.78 41.60 3.90
O3 SO4 T . 6.69 42.07 2.53
O4 SO4 T . 6.75 40.17 3.92
S SO4 U . 44.56 -18.81 -14.93
O1 SO4 U . 45.78 -19.21 -14.22
O2 SO4 U . 43.51 -18.56 -13.96
O3 SO4 U . 44.77 -17.58 -15.71
O4 SO4 U . 44.17 -19.92 -15.82
S SO4 V . 17.51 39.18 -8.43
O1 SO4 V . 18.60 40.13 -8.19
O2 SO4 V . 17.79 37.95 -7.65
O3 SO4 V . 17.51 38.86 -9.86
O4 SO4 V . 16.20 39.73 -8.03
S SO4 W . -19.00 26.20 -9.25
O1 SO4 W . -18.88 26.80 -7.91
O2 SO4 W . -18.69 24.79 -9.04
O3 SO4 W . -17.95 26.74 -10.12
O4 SO4 W . -20.35 26.31 -9.90
S SO4 X . 14.50 -2.09 -20.54
O1 SO4 X . 15.40 -2.00 -19.37
O2 SO4 X . 13.69 -0.86 -20.67
O3 SO4 X . 13.58 -3.19 -20.28
O4 SO4 X . 15.30 -2.28 -21.77
C1 NAG Y . -15.97 7.81 10.01
C2 NAG Y . -16.23 6.37 10.33
C3 NAG Y . -15.45 5.45 9.38
C4 NAG Y . -15.74 5.80 7.92
C5 NAG Y . -15.57 7.30 7.67
C6 NAG Y . -16.15 7.69 6.33
C7 NAG Y . -16.68 5.42 12.53
C8 NAG Y . -16.16 5.20 13.91
N2 NAG Y . -15.88 6.08 11.70
O3 NAG Y . -15.80 4.09 9.62
O4 NAG Y . -14.84 5.09 7.07
O5 NAG Y . -16.28 8.08 8.65
O6 NAG Y . -15.34 8.66 5.68
O7 NAG Y . -17.81 5.03 12.18
C1 NAG Z . 5.24 13.11 28.81
C2 NAG Z . 4.90 13.99 30.02
C3 NAG Z . 5.72 15.27 29.97
C4 NAG Z . 7.20 14.98 29.75
C5 NAG Z . 7.46 13.92 28.67
C6 NAG Z . 8.87 13.37 28.71
C7 NAG Z . 2.55 13.41 30.54
C8 NAG Z . 1.12 13.89 30.53
N2 NAG Z . 3.47 14.29 30.11
O3 NAG Z . 5.55 15.97 31.20
O4 NAG Z . 7.85 16.17 29.31
O5 NAG Z . 6.59 12.80 28.82
O6 NAG Z . 9.65 13.90 27.66
O7 NAG Z . 2.85 12.28 30.90
C1 NAG AA . -4.59 25.78 24.35
C2 NAG AA . -4.45 26.84 25.44
C3 NAG AA . -5.54 27.90 25.32
C4 NAG AA . -5.82 28.33 23.88
C5 NAG AA . -5.87 27.12 22.95
C6 NAG AA . -6.01 27.50 21.48
C7 NAG AA . -3.48 26.00 27.56
C8 NAG AA . -3.77 25.31 28.86
N2 NAG AA . -4.53 26.19 26.76
O3 NAG AA . -5.12 29.04 26.07
O4 NAG AA . -7.08 29.00 23.81
O5 NAG AA . -4.66 26.39 23.09
O6 NAG AA . -4.99 28.38 21.05
O7 NAG AA . -2.34 26.38 27.27
C1 NAG BA . -23.62 29.44 16.20
C2 NAG BA . -23.12 30.83 16.56
C3 NAG BA . -23.05 30.99 18.08
C4 NAG BA . -24.39 30.66 18.72
C5 NAG BA . -24.88 29.29 18.27
C6 NAG BA . -26.28 28.97 18.77
C7 NAG BA . -21.73 31.73 14.77
C8 NAG BA . -20.33 31.96 14.27
N2 NAG BA . -21.84 31.12 15.95
O3 NAG BA . -22.67 32.32 18.41
O4 NAG BA . -24.25 30.59 20.13
O5 NAG BA . -24.91 29.21 16.83
O6 NAG BA . -26.84 27.85 18.11
O7 NAG BA . -22.71 32.06 14.11
N4 IDQ CA . 4.90 25.89 22.49
C21 IDQ CA . 6.29 25.76 23.04
C18 IDQ CA . 7.13 25.24 21.88
C17 IDQ CA . 7.82 26.12 21.04
C16 IDQ CA . 8.54 25.64 19.94
C20 IDQ CA . 7.12 23.88 21.58
C19 IDQ CA . 7.84 23.40 20.51
C15 IDQ CA . 8.55 24.27 19.67
C14 IDQ CA . 9.28 23.69 18.44
N2 IDQ CA . 8.53 22.48 18.07
C9 IDQ CA . 9.01 21.24 18.28
C10 IDQ CA . 10.37 20.92 18.83
C11 IDQ CA . 11.29 20.65 17.64
C12 IDQ CA . 11.26 21.75 16.57
C13 IDQ CA . 12.30 21.51 15.52
N1 IDQ CA . 8.13 20.29 17.91
C7 IDQ CA . 7.02 20.89 17.45
C6 IDQ CA . 5.72 20.40 16.92
N3 IDQ CA . 5.47 19.07 16.81
N IDQ CA . 4.81 21.33 16.54
C IDQ CA . 5.01 22.66 16.63
C8 IDQ CA . 7.29 22.33 17.56
C1 IDQ CA . 6.29 23.24 17.16
C3 IDQ CA . 6.41 24.62 17.22
C5 IDQ CA . 5.38 25.45 16.79
C4 IDQ CA . 4.18 24.92 16.30
C2 IDQ CA . 4.00 23.53 16.22
S SO4 DA . 3.07 19.05 27.27
O1 SO4 DA . 3.81 19.82 28.28
O2 SO4 DA . 1.88 18.41 27.85
O3 SO4 DA . 2.61 19.95 26.21
O4 SO4 DA . 4.00 18.03 26.80
S SO4 EA . -31.87 0.16 -7.83
O1 SO4 EA . -30.88 0.73 -6.90
O2 SO4 EA . -33.25 0.02 -7.24
O3 SO4 EA . -31.93 1.04 -9.01
O4 SO4 EA . -31.33 -1.13 -8.22
S SO4 FA . -31.64 29.20 -3.81
O1 SO4 FA . -31.39 30.32 -2.89
O2 SO4 FA . -31.88 27.98 -3.02
O3 SO4 FA . -32.85 29.47 -4.60
O4 SO4 FA . -30.50 29.08 -4.73
S SO4 GA . 2.67 25.71 20.76
O1 SO4 GA . 3.86 25.78 21.70
O2 SO4 GA . 1.40 25.55 21.50
O3 SO4 GA . 2.62 26.89 19.88
O4 SO4 GA . 2.68 24.56 19.86
S SO4 HA . -11.08 -13.01 -14.84
O1 SO4 HA . -10.43 -11.94 -14.09
O2 SO4 HA . -11.23 -14.13 -13.89
O3 SO4 HA . -12.38 -12.51 -15.32
O4 SO4 HA . -10.23 -13.41 -16.00
S SO4 IA . -32.01 -2.22 -19.34
O1 SO4 IA . -31.61 -1.23 -18.32
O2 SO4 IA . -32.36 -3.53 -18.77
O3 SO4 IA . -33.27 -1.87 -20.01
O4 SO4 IA . -30.88 -2.36 -20.28
#